data_7ZBH
#
_entry.id   7ZBH
#
_cell.length_a   153.810
_cell.length_b   192.800
_cell.length_c   114.130
_cell.angle_alpha   90.000
_cell.angle_beta   124.310
_cell.angle_gamma   90.000
#
_symmetry.space_group_name_H-M   'C 1 2 1'
#
loop_
_entity.id
_entity.type
_entity.pdbx_description
1 polymer 'ATP-dependent zinc metalloprotease FtsH'
2 non-polymer "ADENOSINE-5'-DIPHOSPHATE"
3 non-polymer 'ZINC ION'
#
_entity_poly.entity_id   1
_entity_poly.type   'polypeptide(L)'
_entity_poly.pdbx_seq_one_letter_code
;GAMGKNKITFKDVAGQEEVKQELREVVEFLKNPKKFEKIGAKIPKGVLLVGSPGTGKTLLAKAVAGEAGVSFFHMSGSDF
VEMFVGVGASRVRDLFDNARKNSPCIIFIDELDAVGRSRGAGLGGGHDEREQTLNQLLVEMDGFGTHTNVIVMAATNRPD
VLDSALLRPGRFDRQVTVSLPDIKEREAILNIHSLKTKLSKDINLQVIARATPGASGADLANLINEGALIAARNNQDEIL
MKDMEEARDKILMGVAKKSMTITDRQKLETAYHEAGHALLHYYLEHADPLHKVTIIPRGRALGVAFSLPREDRLSINKHQ
ILDKIKICYGGYASEQINLGVTTAGVQNDLMQATSLAKKMVTEWGMGEEVGPIFLVDDEAPIFLPKEFSKAKAYSENTAD
KVDREVKRILEECLKEASDILLKHKDQLVKLAKELVLKETLTDKEVRELLGFE
;
_entity_poly.pdbx_strand_id   A,B,D,F,I,K
#
loop_
_chem_comp.id
_chem_comp.type
_chem_comp.name
_chem_comp.formula
ADP non-polymer ADENOSINE-5'-DIPHOSPHATE 'C10 H15 N5 O10 P2'
ZN non-polymer 'ZINC ION' 'Zn 2'
#
# COMPACT_ATOMS: atom_id res chain seq x y z
N ILE A 8 41.65 20.84 -12.88
CA ILE A 8 42.69 20.04 -13.63
C ILE A 8 42.62 20.39 -15.13
N THR A 9 43.30 19.64 -15.98
CA THR A 9 43.44 19.89 -17.45
C THR A 9 42.61 18.87 -18.23
N PHE A 10 42.28 19.17 -19.49
CA PHE A 10 41.69 18.21 -20.47
C PHE A 10 42.74 17.17 -20.85
N LYS A 11 44.02 17.48 -20.60
CA LYS A 11 45.17 16.57 -20.82
C LYS A 11 45.15 15.43 -19.78
N ASP A 12 44.46 15.61 -18.65
CA ASP A 12 44.28 14.58 -17.58
C ASP A 12 43.21 13.56 -18.01
N VAL A 13 42.37 13.91 -18.99
CA VAL A 13 41.27 13.06 -19.55
C VAL A 13 41.75 12.49 -20.89
N ALA A 14 41.39 11.24 -21.22
CA ALA A 14 41.76 10.59 -22.50
C ALA A 14 40.51 10.04 -23.20
N GLY A 15 40.53 10.07 -24.54
CA GLY A 15 39.49 9.49 -25.41
C GLY A 15 38.15 10.20 -25.25
N GLN A 16 38.19 11.48 -24.87
CA GLN A 16 37.01 12.37 -24.72
C GLN A 16 36.86 13.24 -25.97
N GLU A 17 37.95 13.44 -26.72
CA GLU A 17 38.06 14.23 -27.99
C GLU A 17 36.73 14.92 -28.35
N GLU A 18 35.74 14.15 -28.82
CA GLU A 18 34.39 14.67 -29.24
C GLU A 18 33.73 15.34 -28.04
N VAL A 19 33.58 14.61 -26.91
CA VAL A 19 33.06 15.14 -25.61
C VAL A 19 33.87 16.40 -25.26
N LYS A 20 35.21 16.32 -25.29
CA LYS A 20 36.13 17.46 -25.01
C LYS A 20 35.67 18.69 -25.82
N GLN A 21 35.60 18.59 -27.15
CA GLN A 21 35.19 19.70 -28.07
C GLN A 21 33.76 20.14 -27.71
N GLU A 22 32.90 19.21 -27.30
CA GLU A 22 31.50 19.48 -26.88
C GLU A 22 31.51 20.39 -25.64
N LEU A 23 32.45 20.14 -24.71
CA LEU A 23 32.58 20.87 -23.43
C LEU A 23 33.26 22.24 -23.67
N ARG A 24 34.09 22.37 -24.71
CA ARG A 24 34.85 23.61 -25.03
C ARG A 24 33.90 24.81 -25.09
N GLU A 25 32.83 24.72 -25.88
CA GLU A 25 31.81 25.80 -26.07
C GLU A 25 31.37 26.34 -24.70
N VAL A 26 31.34 25.48 -23.66
CA VAL A 26 31.08 25.87 -22.24
C VAL A 26 32.30 26.64 -21.71
N VAL A 27 33.48 26.01 -21.77
CA VAL A 27 34.79 26.59 -21.35
C VAL A 27 34.88 27.99 -21.96
N GLU A 28 34.72 28.10 -23.29
CA GLU A 28 34.84 29.36 -24.07
C GLU A 28 33.87 30.40 -23.49
N PHE A 29 32.64 30.00 -23.14
CA PHE A 29 31.63 30.91 -22.52
C PHE A 29 32.19 31.53 -21.25
N LEU A 30 32.57 30.68 -20.28
CA LEU A 30 32.98 31.07 -18.90
C LEU A 30 34.12 32.10 -18.98
N LYS A 31 35.07 31.88 -19.90
CA LYS A 31 36.24 32.75 -20.12
C LYS A 31 35.78 34.14 -20.60
N ASN A 32 35.16 34.20 -21.78
CA ASN A 32 34.82 35.47 -22.48
C ASN A 32 33.33 35.48 -22.82
N PRO A 33 32.44 35.67 -21.81
CA PRO A 33 31.00 35.77 -22.03
C PRO A 33 30.60 36.90 -23.00
N LYS A 34 31.42 37.94 -23.09
CA LYS A 34 31.19 39.14 -23.93
C LYS A 34 30.88 38.75 -25.39
N LYS A 35 31.66 37.82 -25.98
CA LYS A 35 31.47 37.47 -27.43
C LYS A 35 30.04 36.99 -27.66
N PHE A 36 29.48 36.30 -26.66
CA PHE A 36 28.10 35.73 -26.68
C PHE A 36 27.12 36.85 -26.30
N GLU A 37 27.54 37.78 -25.45
CA GLU A 37 26.76 38.99 -25.05
C GLU A 37 26.72 39.99 -26.22
N LYS A 38 27.72 39.95 -27.11
CA LYS A 38 27.87 40.88 -28.29
C LYS A 38 26.61 40.81 -29.16
N ILE A 39 26.31 39.62 -29.70
CA ILE A 39 25.17 39.41 -30.64
C ILE A 39 23.86 39.36 -29.85
N GLY A 40 23.92 39.45 -28.51
CA GLY A 40 22.74 39.33 -27.64
C GLY A 40 22.18 37.91 -27.65
N ALA A 41 23.05 36.94 -27.34
CA ALA A 41 22.77 35.48 -27.31
C ALA A 41 22.80 34.98 -25.86
N LYS A 42 21.67 34.48 -25.35
CA LYS A 42 21.57 33.92 -23.96
C LYS A 42 22.43 32.65 -23.91
N ILE A 43 23.23 32.50 -22.85
CA ILE A 43 24.15 31.34 -22.66
C ILE A 43 23.39 30.23 -21.95
N PRO A 44 23.62 28.95 -22.28
CA PRO A 44 23.05 27.85 -21.50
C PRO A 44 23.50 27.93 -20.03
N LYS A 45 22.56 27.87 -19.09
CA LYS A 45 22.88 27.88 -17.63
C LYS A 45 23.30 26.47 -17.18
N GLY A 46 22.73 25.43 -17.79
CA GLY A 46 22.90 24.02 -17.36
C GLY A 46 23.43 23.11 -18.46
N VAL A 47 24.37 22.21 -18.11
CA VAL A 47 24.98 21.19 -19.00
C VAL A 47 25.04 19.87 -18.22
N LEU A 48 24.44 18.81 -18.75
CA LEU A 48 24.29 17.49 -18.09
C LEU A 48 25.24 16.47 -18.73
N LEU A 49 26.04 15.76 -17.91
CA LEU A 49 26.92 14.64 -18.36
C LEU A 49 26.27 13.31 -17.97
N VAL A 50 25.98 12.46 -18.96
CA VAL A 50 25.28 11.15 -18.82
C VAL A 50 26.30 10.04 -19.13
N GLY A 51 26.44 9.07 -18.21
CA GLY A 51 27.47 8.01 -18.32
C GLY A 51 27.43 7.04 -17.16
N SER A 52 27.97 5.83 -17.36
CA SER A 52 28.05 4.74 -16.35
C SER A 52 29.03 5.16 -15.25
N PRO A 53 29.07 4.45 -14.09
CA PRO A 53 30.03 4.76 -13.03
C PRO A 53 31.48 4.47 -13.40
N GLY A 54 32.39 5.41 -13.10
CA GLY A 54 33.84 5.32 -13.36
C GLY A 54 34.24 6.01 -14.66
N THR A 55 33.24 6.44 -15.46
CA THR A 55 33.46 7.20 -16.72
C THR A 55 34.06 8.57 -16.36
N GLY A 56 34.22 8.86 -15.06
CA GLY A 56 34.89 10.08 -14.54
C GLY A 56 34.19 11.31 -15.06
N LYS A 57 32.87 11.34 -14.92
CA LYS A 57 32.03 12.50 -15.33
C LYS A 57 32.49 13.72 -14.53
N THR A 58 32.86 13.49 -13.26
CA THR A 58 33.44 14.47 -12.32
C THR A 58 34.74 15.04 -12.88
N LEU A 59 35.66 14.17 -13.29
CA LEU A 59 36.98 14.55 -13.86
C LEU A 59 36.81 15.64 -14.92
N LEU A 60 35.93 15.42 -15.91
CA LEU A 60 35.70 16.33 -17.08
C LEU A 60 35.21 17.68 -16.58
N ALA A 61 34.28 17.68 -15.60
CA ALA A 61 33.68 18.90 -15.00
C ALA A 61 34.79 19.79 -14.42
N LYS A 62 35.70 19.21 -13.63
CA LYS A 62 36.89 19.91 -13.06
C LYS A 62 37.70 20.51 -14.22
N ALA A 63 38.12 19.66 -15.16
CA ALA A 63 38.92 20.01 -16.35
C ALA A 63 38.30 21.19 -17.10
N VAL A 64 36.98 21.21 -17.24
CA VAL A 64 36.23 22.32 -17.92
C VAL A 64 36.63 23.64 -17.22
N ALA A 65 36.46 23.70 -15.90
CA ALA A 65 36.86 24.85 -15.06
C ALA A 65 38.36 25.11 -15.22
N GLY A 66 39.17 24.05 -15.16
CA GLY A 66 40.63 24.10 -15.36
C GLY A 66 41.01 24.85 -16.62
N GLU A 67 40.62 24.31 -17.79
CA GLU A 67 40.89 24.90 -19.13
C GLU A 67 40.34 26.34 -19.19
N ALA A 68 39.34 26.66 -18.37
CA ALA A 68 38.70 28.00 -18.27
C ALA A 68 39.28 28.83 -17.13
N GLY A 69 40.19 28.26 -16.32
CA GLY A 69 40.70 28.86 -15.07
C GLY A 69 39.56 29.48 -14.26
N VAL A 70 38.53 28.67 -13.96
CA VAL A 70 37.26 29.11 -13.32
C VAL A 70 37.12 28.36 -11.99
N SER A 71 36.40 28.95 -11.02
CA SER A 71 36.15 28.37 -9.68
C SER A 71 35.30 27.10 -9.82
N PHE A 72 35.55 26.08 -8.99
CA PHE A 72 34.85 24.77 -9.00
C PHE A 72 34.23 24.49 -7.63
N PHE A 73 32.90 24.29 -7.60
CA PHE A 73 32.11 23.97 -6.39
C PHE A 73 31.41 22.61 -6.57
N HIS A 74 32.04 21.53 -6.10
CA HIS A 74 31.46 20.16 -6.11
C HIS A 74 30.38 20.04 -5.03
N MET A 75 29.17 19.64 -5.41
CA MET A 75 28.05 19.30 -4.49
C MET A 75 27.35 18.03 -5.00
N SER A 76 27.19 17.01 -4.15
CA SER A 76 26.50 15.73 -4.50
C SER A 76 25.01 15.82 -4.12
N GLY A 77 24.14 15.22 -4.93
CA GLY A 77 22.68 15.13 -4.68
C GLY A 77 22.39 14.53 -3.33
N SER A 78 23.19 13.55 -2.89
CA SER A 78 23.11 12.89 -1.54
C SER A 78 23.19 13.94 -0.42
N ASP A 79 24.06 14.94 -0.59
CA ASP A 79 24.28 16.03 0.40
C ASP A 79 22.96 16.81 0.54
N PHE A 80 22.52 17.50 -0.53
CA PHE A 80 21.32 18.38 -0.55
C PHE A 80 20.09 17.59 -0.08
N VAL A 81 19.95 16.35 -0.54
CA VAL A 81 18.74 15.52 -0.23
C VAL A 81 18.85 15.04 1.21
N MET A 83 18.12 15.94 4.11
CA MET A 83 18.13 17.09 5.06
C MET A 83 16.71 17.30 5.59
N PHE A 84 16.57 17.61 6.88
CA PHE A 84 15.29 17.72 7.65
C PHE A 84 14.18 18.34 6.78
N VAL A 85 14.10 19.67 6.73
CA VAL A 85 13.07 20.46 6.00
C VAL A 85 13.71 21.76 5.52
N GLY A 86 13.76 21.95 4.20
CA GLY A 86 14.27 23.20 3.59
C GLY A 86 15.77 23.39 3.76
N VAL A 87 16.42 22.62 4.64
CA VAL A 87 17.89 22.68 4.91
C VAL A 87 18.61 22.48 3.57
N GLY A 88 18.23 21.44 2.83
CA GLY A 88 18.76 21.13 1.48
C GLY A 88 18.60 22.31 0.54
N ALA A 89 17.39 22.85 0.45
CA ALA A 89 17.05 24.05 -0.36
C ALA A 89 17.94 25.21 0.07
N SER A 90 18.12 25.40 1.39
CA SER A 90 19.04 26.41 1.98
C SER A 90 20.44 26.16 1.44
N ARG A 91 20.90 24.90 1.47
CA ARG A 91 22.23 24.48 0.95
C ARG A 91 22.31 24.80 -0.53
N VAL A 92 21.24 24.48 -1.29
CA VAL A 92 21.11 24.83 -2.74
C VAL A 92 21.36 26.33 -2.88
N ARG A 93 20.49 27.17 -2.29
CA ARG A 93 20.60 28.65 -2.35
C ARG A 93 22.01 29.06 -1.89
N ASP A 94 22.39 28.63 -0.69
CA ASP A 94 23.70 28.93 -0.05
C ASP A 94 24.83 28.70 -1.06
N LEU A 95 24.93 27.50 -1.62
CA LEU A 95 25.92 27.10 -2.66
C LEU A 95 25.91 28.13 -3.79
N PHE A 96 24.73 28.42 -4.36
CA PHE A 96 24.54 29.32 -5.53
C PHE A 96 24.93 30.75 -5.17
N ASP A 97 24.59 31.18 -3.95
CA ASP A 97 24.95 32.52 -3.41
C ASP A 97 26.48 32.65 -3.39
N ASN A 98 27.20 31.71 -2.75
CA ASN A 98 28.69 31.72 -2.66
C ASN A 98 29.28 31.51 -4.06
N ALA A 99 28.63 30.65 -4.86
CA ALA A 99 29.02 30.34 -6.26
C ALA A 99 28.95 31.62 -7.11
N ARG A 100 27.86 32.39 -6.98
CA ARG A 100 27.69 33.71 -7.67
C ARG A 100 28.86 34.63 -7.29
N LYS A 101 29.36 34.53 -6.05
CA LYS A 101 30.48 35.34 -5.48
C LYS A 101 31.79 35.07 -6.24
N ASN A 102 32.00 33.82 -6.70
CA ASN A 102 33.23 33.39 -7.42
C ASN A 102 32.97 33.28 -8.93
N SER A 103 31.92 33.94 -9.43
CA SER A 103 31.55 34.02 -10.88
C SER A 103 32.71 34.61 -11.68
N PRO A 104 33.06 34.10 -12.89
CA PRO A 104 32.45 32.89 -13.45
C PRO A 104 32.91 31.63 -12.69
N CYS A 105 31.95 30.86 -12.18
CA CYS A 105 32.21 29.60 -11.42
C CYS A 105 31.45 28.46 -12.09
N ILE A 106 31.86 27.21 -11.80
CA ILE A 106 31.12 25.98 -12.19
C ILE A 106 30.65 25.28 -10.91
N ILE A 107 29.37 24.93 -10.85
CA ILE A 107 28.80 24.03 -9.81
C ILE A 107 28.64 22.64 -10.43
N PHE A 108 29.22 21.60 -9.81
CA PHE A 108 29.03 20.18 -10.18
C PHE A 108 28.04 19.50 -9.23
N ILE A 109 26.93 18.97 -9.77
CA ILE A 109 25.87 18.24 -9.00
C ILE A 109 25.91 16.75 -9.41
N ASP A 110 26.84 15.99 -8.81
CA ASP A 110 26.95 14.51 -8.94
C ASP A 110 25.63 13.88 -8.48
N GLU A 111 25.27 12.72 -9.04
CA GLU A 111 24.02 11.96 -8.75
C GLU A 111 22.82 12.94 -8.76
N LEU A 112 22.64 13.71 -9.84
CA LEU A 112 21.47 14.62 -10.01
C LEU A 112 20.19 13.79 -9.82
N ASP A 113 20.23 12.51 -10.17
CA ASP A 113 19.14 11.52 -9.94
C ASP A 113 18.66 11.63 -8.48
N ALA A 114 19.58 11.80 -7.52
CA ALA A 114 19.30 11.86 -6.06
C ALA A 114 18.29 12.98 -5.76
N VAL A 115 18.43 14.14 -6.40
CA VAL A 115 17.56 15.34 -6.18
C VAL A 115 16.50 15.44 -7.30
N HIS A 127 8.87 14.26 -4.75
CA HIS A 127 8.63 13.55 -3.46
C HIS A 127 9.57 14.08 -2.36
N ASP A 128 9.03 14.18 -1.14
CA ASP A 128 9.80 14.56 0.09
C ASP A 128 10.34 15.99 -0.07
N GLU A 129 11.29 16.36 0.79
CA GLU A 129 12.03 17.64 0.84
C GLU A 129 12.78 17.85 -0.48
N ARG A 130 13.27 16.79 -1.11
CA ARG A 130 13.89 16.83 -2.46
C ARG A 130 13.04 17.68 -3.42
N GLU A 131 11.72 17.48 -3.43
CA GLU A 131 10.76 18.20 -4.31
C GLU A 131 11.08 19.71 -4.28
N GLN A 132 11.00 20.32 -3.09
CA GLN A 132 11.27 21.77 -2.89
C GLN A 132 12.77 22.04 -3.05
N THR A 133 13.63 21.09 -2.68
CA THR A 133 15.10 21.16 -2.90
C THR A 133 15.37 21.28 -4.40
N LEU A 134 14.80 20.35 -5.17
CA LEU A 134 14.74 20.39 -6.65
C LEU A 134 14.17 21.75 -7.09
N ASN A 135 12.95 22.06 -6.65
CA ASN A 135 12.29 23.36 -6.94
C ASN A 135 13.33 24.47 -6.74
N GLN A 136 14.02 24.47 -5.60
CA GLN A 136 15.08 25.46 -5.30
C GLN A 136 16.17 25.35 -6.38
N LEU A 137 16.64 24.13 -6.66
CA LEU A 137 17.65 23.88 -7.73
C LEU A 137 17.17 24.58 -9.01
N LEU A 138 15.94 24.27 -9.42
CA LEU A 138 15.36 24.88 -10.63
C LEU A 138 15.32 26.38 -10.43
N VAL A 139 14.94 26.82 -9.23
CA VAL A 139 14.79 28.28 -8.95
C VAL A 139 16.07 29.02 -9.28
N GLU A 140 17.15 28.72 -8.55
CA GLU A 140 18.42 29.47 -8.75
C GLU A 140 18.82 29.42 -10.21
N MET A 141 18.56 28.30 -10.88
CA MET A 141 19.01 28.13 -12.29
C MET A 141 18.34 29.19 -13.16
N ASP A 142 17.02 29.31 -13.08
CA ASP A 142 16.28 30.29 -13.92
C ASP A 142 16.52 31.71 -13.39
N GLY A 143 17.10 31.83 -12.20
CA GLY A 143 17.31 33.15 -11.59
C GLY A 143 18.11 34.07 -12.48
N PHE A 144 19.21 33.59 -13.05
CA PHE A 144 20.07 34.42 -13.94
C PHE A 144 20.46 35.70 -13.20
N VAL A 150 27.71 31.93 -14.03
CA VAL A 150 27.70 30.64 -13.26
C VAL A 150 26.99 29.57 -14.09
N ILE A 151 27.72 28.51 -14.46
CA ILE A 151 27.19 27.34 -15.24
C ILE A 151 27.15 26.12 -14.32
N VAL A 152 25.97 25.52 -14.18
CA VAL A 152 25.75 24.27 -13.40
C VAL A 152 26.10 23.08 -14.30
N MET A 153 26.97 22.19 -13.82
CA MET A 153 27.26 20.88 -14.47
C MET A 153 26.72 19.77 -13.57
N ALA A 154 26.09 18.76 -14.16
CA ALA A 154 25.47 17.62 -13.45
C ALA A 154 25.87 16.29 -14.11
N ALA A 155 25.90 15.22 -13.32
CA ALA A 155 26.27 13.84 -13.73
C ALA A 155 25.23 12.86 -13.22
N THR A 156 24.61 12.09 -14.12
CA THR A 156 23.60 11.07 -13.77
C THR A 156 23.98 9.74 -14.45
N ASN A 157 24.07 8.66 -13.67
CA ASN A 157 24.21 7.26 -14.18
C ASN A 157 22.85 6.78 -14.72
N ARG A 158 21.76 7.24 -14.11
CA ARG A 158 20.38 6.85 -14.49
C ARG A 158 19.57 8.09 -14.91
N PRO A 159 19.66 8.54 -16.19
CA PRO A 159 19.02 9.78 -16.65
C PRO A 159 17.50 9.73 -16.85
N ASP A 160 16.93 8.58 -17.19
CA ASP A 160 15.47 8.40 -17.38
C ASP A 160 14.71 8.61 -16.07
N VAL A 161 15.37 8.53 -14.91
CA VAL A 161 14.77 8.80 -13.57
C VAL A 161 14.50 10.30 -13.41
N LEU A 162 15.17 11.15 -14.21
CA LEU A 162 15.14 12.63 -14.08
C LEU A 162 13.78 13.20 -14.49
N ASP A 163 13.27 14.15 -13.70
CA ASP A 163 12.05 14.95 -14.01
C ASP A 163 12.31 15.71 -15.31
N SER A 164 11.30 15.79 -16.20
CA SER A 164 11.42 16.41 -17.54
C SER A 164 11.83 17.88 -17.39
N ALA A 165 11.31 18.55 -16.34
CA ALA A 165 11.54 19.98 -16.03
C ALA A 165 13.06 20.27 -16.03
N LEU A 166 13.87 19.35 -15.53
CA LEU A 166 15.36 19.49 -15.43
C LEU A 166 15.97 19.74 -16.82
N LEU A 167 15.36 19.22 -17.89
CA LEU A 167 15.94 19.22 -19.27
C LEU A 167 15.37 20.39 -20.10
N ARG A 168 14.42 21.16 -19.55
CA ARG A 168 13.71 22.28 -20.28
C ARG A 168 14.74 23.32 -20.70
N PRO A 169 14.39 24.28 -21.59
CA PRO A 169 15.33 25.30 -22.06
C PRO A 169 15.97 26.10 -20.91
N GLY A 170 17.27 26.41 -21.04
CA GLY A 170 18.08 27.05 -19.99
C GLY A 170 18.61 26.02 -18.99
N ARG A 171 17.70 25.36 -18.25
CA ARG A 171 18.06 24.37 -17.20
C ARG A 171 18.46 23.06 -17.88
N PHE A 172 19.71 22.60 -17.65
CA PHE A 172 20.30 21.36 -18.24
C PHE A 172 19.75 21.09 -19.65
N ASP A 173 19.68 22.14 -20.48
CA ASP A 173 19.22 22.08 -21.89
C ASP A 173 20.28 21.38 -22.74
N ARG A 174 21.56 21.57 -22.39
CA ARG A 174 22.71 20.85 -23.01
C ARG A 174 22.88 19.50 -22.32
N GLN A 175 23.19 18.45 -23.09
CA GLN A 175 23.41 17.07 -22.61
C GLN A 175 24.63 16.49 -23.36
N VAL A 176 25.62 15.95 -22.65
CA VAL A 176 26.83 15.31 -23.25
C VAL A 176 26.96 13.89 -22.68
N THR A 177 27.10 12.90 -23.56
CA THR A 177 27.15 11.47 -23.20
C THR A 177 28.62 11.00 -23.12
N VAL A 178 29.00 10.38 -22.01
CA VAL A 178 30.36 9.81 -21.74
C VAL A 178 30.29 8.28 -21.84
N SER A 179 31.08 7.69 -22.74
CA SER A 179 31.10 6.23 -23.07
C SER A 179 32.23 5.55 -22.32
N LEU A 180 32.03 4.30 -21.91
CA LEU A 180 33.13 3.46 -21.37
C LEU A 180 34.29 3.50 -22.37
N PRO A 181 35.55 3.53 -21.90
CA PRO A 181 36.69 3.72 -22.80
C PRO A 181 36.83 2.53 -23.76
N ASP A 182 37.16 2.83 -25.02
CA ASP A 182 37.54 1.81 -26.03
C ASP A 182 38.99 1.35 -25.73
N ILE A 183 39.48 0.36 -26.47
CA ILE A 183 40.88 -0.19 -26.39
C ILE A 183 41.89 0.96 -26.40
N LYS A 184 41.74 1.95 -27.30
CA LYS A 184 42.69 3.07 -27.49
C LYS A 184 42.68 3.97 -26.24
N GLU A 185 41.47 4.41 -25.84
CA GLU A 185 41.22 5.24 -24.63
C GLU A 185 41.73 4.49 -23.38
N ARG A 186 41.47 3.17 -23.28
CA ARG A 186 41.93 2.30 -22.16
C ARG A 186 43.46 2.40 -21.99
N GLU A 187 44.24 2.02 -23.03
CA GLU A 187 45.73 2.09 -23.04
C GLU A 187 46.17 3.50 -22.63
N ALA A 188 45.63 4.53 -23.30
CA ALA A 188 45.87 5.97 -23.03
C ALA A 188 45.67 6.26 -21.53
N ILE A 189 44.53 5.82 -20.96
CA ILE A 189 44.15 6.01 -19.53
C ILE A 189 45.21 5.35 -18.63
N LEU A 190 45.54 4.08 -18.88
CA LEU A 190 46.56 3.32 -18.10
C LEU A 190 47.85 4.16 -18.04
N ASN A 191 48.27 4.78 -19.15
CA ASN A 191 49.52 5.57 -19.26
C ASN A 191 49.52 6.73 -18.24
N ILE A 192 48.37 7.37 -18.00
CA ILE A 192 48.23 8.61 -17.16
C ILE A 192 48.51 8.27 -15.69
N HIS A 193 47.85 7.23 -15.17
CA HIS A 193 47.98 6.76 -13.75
C HIS A 193 49.29 5.99 -13.57
N SER A 194 49.84 5.45 -14.66
CA SER A 194 51.17 4.77 -14.70
C SER A 194 52.26 5.75 -14.23
N LEU A 195 52.20 7.00 -14.69
CA LEU A 195 53.17 8.07 -14.37
C LEU A 195 53.18 8.29 -12.85
N LYS A 196 52.05 8.06 -12.18
CA LYS A 196 51.89 8.16 -10.69
C LYS A 196 52.63 7.01 -9.99
N THR A 197 53.15 6.02 -10.72
CA THR A 197 53.94 4.88 -10.17
C THR A 197 55.22 4.65 -10.99
N LYS A 198 56.05 3.69 -10.56
CA LYS A 198 57.35 3.30 -11.21
C LYS A 198 57.13 1.98 -11.99
N LEU A 199 56.74 2.09 -13.26
CA LEU A 199 56.32 0.95 -14.12
C LEU A 199 57.44 0.58 -15.10
N SER A 200 58.09 -0.57 -14.87
CA SER A 200 59.15 -1.14 -15.75
C SER A 200 58.62 -1.28 -17.20
N LYS A 201 59.47 -1.04 -18.20
CA LYS A 201 59.11 -1.11 -19.64
C LYS A 201 58.68 -2.53 -20.03
N ASP A 202 58.82 -3.50 -19.12
CA ASP A 202 58.41 -4.92 -19.30
C ASP A 202 56.89 -5.04 -19.44
N ILE A 203 56.12 -4.25 -18.69
CA ILE A 203 54.62 -4.25 -18.75
C ILE A 203 54.17 -3.45 -19.97
N ASN A 204 53.40 -4.06 -20.88
CA ASN A 204 52.77 -3.40 -22.05
C ASN A 204 51.30 -3.10 -21.69
N LEU A 205 50.89 -1.84 -21.83
CA LEU A 205 49.53 -1.37 -21.43
C LEU A 205 48.51 -1.75 -22.53
N GLN A 206 48.95 -1.80 -23.80
CA GLN A 206 48.11 -2.27 -24.94
C GLN A 206 47.63 -3.71 -24.66
N VAL A 207 48.49 -4.56 -24.09
CA VAL A 207 48.17 -5.97 -23.71
C VAL A 207 47.00 -5.97 -22.72
N ILE A 208 47.12 -5.16 -21.67
CA ILE A 208 46.09 -5.04 -20.59
C ILE A 208 44.85 -4.32 -21.17
N ALA A 209 45.04 -3.29 -22.01
CA ALA A 209 43.94 -2.52 -22.64
C ALA A 209 42.87 -3.46 -23.18
N ARG A 210 43.26 -4.34 -24.10
CA ARG A 210 42.36 -5.36 -24.73
C ARG A 210 41.92 -6.39 -23.68
N ALA A 211 42.82 -6.79 -22.77
CA ALA A 211 42.55 -7.74 -21.67
C ALA A 211 41.34 -7.28 -20.85
N THR A 212 41.15 -5.95 -20.76
CA THR A 212 40.07 -5.27 -20.01
C THR A 212 39.20 -4.46 -20.98
N PRO A 213 38.31 -5.13 -21.74
CA PRO A 213 37.35 -4.42 -22.59
C PRO A 213 36.15 -3.94 -21.77
N GLY A 214 35.65 -2.74 -22.05
CA GLY A 214 34.50 -2.11 -21.38
C GLY A 214 34.72 -1.93 -19.89
N ALA A 215 35.98 -1.90 -19.43
CA ALA A 215 36.34 -1.51 -18.05
C ALA A 215 36.20 0.02 -17.95
N SER A 216 36.04 0.54 -16.72
CA SER A 216 35.84 1.99 -16.44
C SER A 216 37.17 2.71 -16.12
N GLY A 217 37.25 4.01 -16.39
CA GLY A 217 38.41 4.88 -16.10
C GLY A 217 39.01 4.58 -14.73
N ALA A 218 38.15 4.49 -13.71
CA ALA A 218 38.54 4.22 -12.31
C ALA A 218 38.95 2.75 -12.14
N ASP A 219 38.23 1.81 -12.77
CA ASP A 219 38.52 0.36 -12.74
C ASP A 219 40.00 0.17 -13.10
N LEU A 220 40.42 0.76 -14.21
CA LEU A 220 41.81 0.68 -14.77
C LEU A 220 42.77 1.33 -13.78
N ALA A 221 42.49 2.57 -13.38
CA ALA A 221 43.26 3.33 -12.39
C ALA A 221 43.48 2.48 -11.14
N ASN A 222 42.44 1.75 -10.70
CA ASN A 222 42.53 0.90 -9.49
C ASN A 222 43.45 -0.30 -9.75
N LEU A 223 43.42 -0.84 -10.97
CA LEU A 223 44.29 -1.99 -11.40
C LEU A 223 45.74 -1.63 -11.12
N ILE A 224 46.18 -0.46 -11.60
CA ILE A 224 47.57 0.05 -11.42
C ILE A 224 47.86 0.01 -9.92
N ASN A 225 47.06 0.75 -9.14
CA ASN A 225 47.15 0.86 -7.67
C ASN A 225 47.35 -0.53 -7.08
N GLU A 226 46.40 -1.44 -7.36
CA GLU A 226 46.40 -2.83 -6.85
C GLU A 226 47.75 -3.47 -7.11
N GLY A 227 48.30 -3.28 -8.32
CA GLY A 227 49.64 -3.76 -8.69
C GLY A 227 50.72 -3.10 -7.85
N ALA A 228 50.73 -1.76 -7.85
CA ALA A 228 51.67 -0.92 -7.07
C ALA A 228 51.67 -1.38 -5.61
N LEU A 229 50.47 -1.64 -5.05
CA LEU A 229 50.30 -2.17 -3.67
C LEU A 229 50.91 -3.56 -3.56
N ILE A 230 50.64 -4.44 -4.55
CA ILE A 230 51.14 -5.85 -4.59
C ILE A 230 52.67 -5.84 -4.59
N ALA A 231 53.28 -4.87 -5.30
CA ALA A 231 54.75 -4.71 -5.42
C ALA A 231 55.38 -4.48 -4.04
N ALA A 232 54.86 -3.47 -3.32
CA ALA A 232 55.43 -2.98 -2.04
C ALA A 232 55.35 -4.08 -0.97
N ARG A 233 54.37 -4.99 -1.14
CA ARG A 233 54.20 -6.18 -0.26
C ARG A 233 55.31 -7.19 -0.57
N ASN A 234 55.91 -7.12 -1.77
CA ASN A 234 56.97 -8.07 -2.24
C ASN A 234 58.19 -7.26 -2.71
N MET A 244 51.03 -6.40 -12.17
CA MET A 244 49.76 -5.91 -12.78
C MET A 244 48.91 -7.10 -13.25
N GLU A 245 49.51 -8.24 -13.56
CA GLU A 245 48.79 -9.50 -13.94
C GLU A 245 48.06 -10.06 -12.70
N GLU A 246 48.74 -10.08 -11.56
CA GLU A 246 48.22 -10.55 -10.25
C GLU A 246 47.01 -9.70 -9.88
N ALA A 247 47.06 -8.40 -10.18
CA ALA A 247 45.99 -7.41 -9.91
C ALA A 247 44.76 -7.69 -10.79
N ARG A 248 44.97 -8.04 -12.07
CA ARG A 248 43.88 -8.42 -13.00
C ARG A 248 42.97 -9.45 -12.31
N ASP A 249 43.59 -10.44 -11.63
CA ASP A 249 42.93 -11.58 -10.93
C ASP A 249 42.09 -11.10 -9.74
N LYS A 250 42.46 -9.97 -9.12
CA LYS A 250 41.72 -9.35 -7.99
C LYS A 250 40.49 -8.58 -8.53
N ILE A 251 40.10 -8.81 -9.79
CA ILE A 251 38.83 -8.33 -10.39
C ILE A 251 37.65 -9.08 -9.74
N LEU A 252 37.93 -10.05 -8.86
CA LEU A 252 36.90 -10.77 -8.05
C LEU A 252 36.76 -10.13 -6.66
N THR A 263 37.56 -13.86 -21.81
CA THR A 263 37.94 -14.83 -22.86
C THR A 263 38.06 -14.09 -24.20
N ASP A 264 39.13 -14.34 -24.96
CA ASP A 264 39.37 -13.70 -26.29
C ASP A 264 38.34 -14.22 -27.31
N ARG A 265 37.76 -15.41 -27.06
CA ARG A 265 36.68 -16.01 -27.89
C ARG A 265 35.35 -15.28 -27.67
N GLN A 266 35.00 -14.95 -26.42
CA GLN A 266 33.73 -14.28 -26.02
C GLN A 266 33.63 -12.89 -26.68
N LYS A 267 34.78 -12.29 -27.00
CA LYS A 267 34.88 -10.99 -27.74
C LYS A 267 34.28 -11.14 -29.15
N LEU A 268 34.46 -12.31 -29.79
CA LEU A 268 33.87 -12.66 -31.11
C LEU A 268 32.35 -12.87 -30.91
N GLU A 269 31.95 -13.59 -29.85
CA GLU A 269 30.53 -13.84 -29.50
C GLU A 269 29.79 -12.50 -29.48
N THR A 270 30.28 -11.55 -28.68
CA THR A 270 29.78 -10.15 -28.59
C THR A 270 29.81 -9.51 -29.98
N ALA A 271 30.93 -9.67 -30.69
CA ALA A 271 31.17 -9.13 -32.06
C ALA A 271 30.03 -9.56 -32.99
N TYR A 272 29.56 -10.81 -32.85
CA TYR A 272 28.43 -11.40 -33.62
C TYR A 272 27.12 -10.71 -33.22
N HIS A 273 26.74 -10.62 -31.93
CA HIS A 273 25.51 -9.92 -31.44
C HIS A 273 25.44 -8.55 -32.13
N GLU A 274 26.54 -7.78 -32.06
CA GLU A 274 26.58 -6.38 -32.54
C GLU A 274 26.67 -6.33 -34.08
N ALA A 275 27.41 -7.27 -34.68
CA ALA A 275 27.54 -7.41 -36.15
C ALA A 275 26.14 -7.59 -36.76
N GLY A 276 25.39 -8.57 -36.25
CA GLY A 276 24.03 -8.92 -36.67
C GLY A 276 23.08 -7.75 -36.56
N HIS A 277 23.08 -7.09 -35.39
CA HIS A 277 22.29 -5.86 -35.12
C HIS A 277 22.55 -4.86 -36.27
N ALA A 278 23.81 -4.42 -36.44
CA ALA A 278 24.21 -3.26 -37.29
C ALA A 278 24.01 -3.56 -38.77
N LEU A 279 24.40 -4.77 -39.21
CA LEU A 279 24.41 -5.16 -40.63
C LEU A 279 23.01 -4.98 -41.25
N LEU A 280 21.96 -5.27 -40.47
CA LEU A 280 20.55 -5.28 -40.93
C LEU A 280 20.08 -3.89 -41.31
N HIS A 281 20.70 -2.82 -40.77
CA HIS A 281 20.26 -1.41 -40.94
C HIS A 281 20.35 -0.97 -42.41
N TYR A 282 21.35 -1.48 -43.14
CA TYR A 282 21.63 -1.14 -44.55
C TYR A 282 20.60 -1.80 -45.46
N TYR A 283 20.34 -3.09 -45.21
CA TYR A 283 19.50 -4.00 -46.04
C TYR A 283 18.02 -3.74 -45.82
N LEU A 284 17.61 -3.37 -44.60
CA LEU A 284 16.20 -3.05 -44.27
C LEU A 284 15.87 -1.63 -44.73
N GLU A 285 14.77 -1.47 -45.49
CA GLU A 285 14.39 -0.19 -46.15
C GLU A 285 14.05 0.84 -45.08
N HIS A 286 13.23 0.47 -44.08
CA HIS A 286 12.60 1.41 -43.10
C HIS A 286 13.49 1.63 -41.85
N ALA A 287 14.74 1.18 -41.87
CA ALA A 287 15.75 1.43 -40.82
C ALA A 287 16.63 2.62 -41.21
N ASP A 288 17.48 3.10 -40.29
CA ASP A 288 18.55 4.09 -40.59
C ASP A 288 19.88 3.49 -40.13
N PRO A 289 20.92 3.47 -40.98
CA PRO A 289 22.23 2.92 -40.60
C PRO A 289 22.71 3.42 -39.24
N LEU A 290 23.31 2.54 -38.43
CA LEU A 290 23.82 2.84 -37.06
C LEU A 290 24.94 3.90 -37.17
N HIS A 291 24.85 4.96 -36.35
CA HIS A 291 25.86 6.04 -36.21
C HIS A 291 27.23 5.42 -35.86
N LYS A 292 27.24 4.33 -35.09
CA LYS A 292 28.47 3.59 -34.69
C LYS A 292 28.10 2.12 -34.39
N VAL A 293 29.07 1.20 -34.46
CA VAL A 293 28.93 -0.21 -33.97
C VAL A 293 30.09 -0.50 -33.00
N THR A 294 29.77 -0.88 -31.77
CA THR A 294 30.77 -1.10 -30.69
C THR A 294 30.50 -2.45 -29.99
N ILE A 295 31.50 -3.01 -29.33
CA ILE A 295 31.37 -4.17 -28.38
C ILE A 295 31.61 -3.69 -26.94
N ILE A 296 31.59 -2.37 -26.70
CA ILE A 296 31.78 -1.68 -25.39
C ILE A 296 30.34 -1.48 -24.88
N PRO A 297 30.00 -2.12 -23.73
CA PRO A 297 28.65 -2.01 -23.20
C PRO A 297 28.15 -0.56 -23.30
N ARG A 298 26.88 -0.38 -23.67
CA ARG A 298 26.24 0.95 -23.72
C ARG A 298 25.35 1.11 -22.46
N GLY A 299 25.75 0.49 -21.34
CA GLY A 299 24.99 0.38 -20.07
C GLY A 299 24.35 1.71 -19.67
N SER A 315 4.05 8.94 -35.09
CA SER A 315 3.78 8.44 -36.47
C SER A 315 4.89 7.48 -36.91
N ILE A 316 4.70 6.17 -36.66
CA ILE A 316 5.55 5.07 -37.20
C ILE A 316 4.64 4.08 -37.94
N ASN A 317 5.04 3.70 -39.15
CA ASN A 317 4.33 2.69 -39.98
C ASN A 317 4.63 1.31 -39.41
N LYS A 318 3.68 0.38 -39.57
CA LYS A 318 3.86 -1.06 -39.33
C LYS A 318 5.22 -1.50 -39.90
N HIS A 319 5.54 -1.06 -41.12
CA HIS A 319 6.74 -1.47 -41.90
C HIS A 319 8.02 -1.01 -41.18
N GLN A 320 7.95 0.17 -40.55
CA GLN A 320 9.05 0.74 -39.73
C GLN A 320 9.19 -0.08 -38.44
N ILE A 321 8.07 -0.26 -37.71
CA ILE A 321 7.99 -1.04 -36.45
C ILE A 321 8.65 -2.42 -36.65
N LEU A 322 8.27 -3.09 -37.74
CA LEU A 322 8.63 -4.50 -38.01
C LEU A 322 10.14 -4.61 -38.25
N ASP A 323 10.73 -3.68 -39.01
CA ASP A 323 12.17 -3.69 -39.36
C ASP A 323 12.98 -3.63 -38.05
N LYS A 324 12.55 -2.80 -37.11
CA LYS A 324 13.17 -2.69 -35.75
C LYS A 324 13.21 -4.08 -35.12
N ILE A 325 12.05 -4.72 -35.02
CA ILE A 325 11.88 -6.08 -34.42
C ILE A 325 12.92 -7.02 -35.08
N LYS A 326 13.07 -6.93 -36.40
CA LYS A 326 14.04 -7.77 -37.17
C LYS A 326 15.44 -7.48 -36.63
N ILE A 327 15.78 -6.18 -36.49
CA ILE A 327 17.16 -5.76 -36.05
C ILE A 327 17.38 -6.17 -34.59
N CYS A 328 16.32 -6.27 -33.81
CA CYS A 328 16.49 -6.73 -32.41
C CYS A 328 16.89 -8.20 -32.46
N TYR A 329 16.45 -8.91 -33.50
CA TYR A 329 16.73 -10.37 -33.61
C TYR A 329 18.07 -10.59 -34.32
N GLY A 330 18.75 -9.52 -34.71
CA GLY A 330 20.01 -9.61 -35.45
C GLY A 330 21.17 -10.12 -34.61
N GLY A 331 20.94 -10.34 -33.32
CA GLY A 331 22.01 -10.91 -32.48
C GLY A 331 21.62 -12.30 -32.08
N TYR A 332 20.32 -12.56 -31.98
CA TYR A 332 19.87 -13.95 -31.74
C TYR A 332 20.24 -14.69 -33.02
N ALA A 333 20.16 -13.98 -34.14
CA ALA A 333 20.54 -14.56 -35.45
C ALA A 333 22.02 -14.90 -35.46
N SER A 334 22.87 -13.91 -35.72
CA SER A 334 24.32 -14.20 -35.88
C SER A 334 24.85 -15.06 -34.73
N GLU A 335 24.06 -15.25 -33.69
CA GLU A 335 24.58 -16.00 -32.52
C GLU A 335 24.57 -17.47 -32.90
N GLN A 336 23.57 -17.89 -33.66
CA GLN A 336 23.56 -19.30 -34.17
C GLN A 336 24.29 -19.29 -35.49
N ILE A 337 23.91 -18.39 -36.40
CA ILE A 337 24.55 -18.47 -37.75
C ILE A 337 26.05 -18.78 -37.56
N ASN A 338 26.69 -18.21 -36.55
CA ASN A 338 28.18 -18.24 -36.38
C ASN A 338 28.57 -19.26 -35.31
N LEU A 339 28.00 -19.20 -34.11
CA LEU A 339 28.38 -20.06 -32.96
C LEU A 339 27.40 -21.22 -32.81
N GLY A 340 26.27 -21.19 -33.53
CA GLY A 340 25.26 -22.26 -33.52
C GLY A 340 24.44 -22.28 -32.24
N VAL A 341 24.89 -21.55 -31.23
CA VAL A 341 24.23 -21.46 -29.89
C VAL A 341 23.80 -20.00 -29.69
N THR A 342 22.78 -19.77 -28.86
CA THR A 342 22.34 -18.41 -28.45
C THR A 342 22.91 -18.10 -27.07
N THR A 343 23.23 -16.83 -26.82
CA THR A 343 23.69 -16.30 -25.52
C THR A 343 22.46 -15.76 -24.76
N ALA A 344 22.67 -15.32 -23.52
CA ALA A 344 21.64 -14.70 -22.65
C ALA A 344 21.53 -13.19 -22.95
N GLY A 345 22.53 -12.62 -23.63
CA GLY A 345 22.64 -11.20 -24.01
C GLY A 345 21.54 -10.74 -24.95
N VAL A 346 20.69 -11.64 -25.38
CA VAL A 346 19.53 -11.38 -26.29
C VAL A 346 18.38 -10.78 -25.47
N GLN A 347 18.35 -11.06 -24.16
CA GLN A 347 17.22 -10.74 -23.24
C GLN A 347 16.57 -9.41 -23.63
N ASN A 348 17.32 -8.32 -23.50
CA ASN A 348 16.79 -6.94 -23.75
C ASN A 348 16.38 -6.84 -25.22
N ASP A 349 17.18 -7.44 -26.11
CA ASP A 349 16.93 -7.47 -27.58
C ASP A 349 15.55 -8.16 -27.77
N LEU A 350 15.28 -9.29 -27.11
CA LEU A 350 14.00 -10.07 -27.20
C LEU A 350 12.87 -9.24 -26.60
N MET A 351 13.11 -8.73 -25.39
CA MET A 351 12.15 -7.90 -24.61
C MET A 351 11.65 -6.74 -25.46
N GLN A 352 12.56 -6.04 -26.15
CA GLN A 352 12.20 -4.82 -26.93
C GLN A 352 11.33 -5.22 -28.12
N ALA A 353 11.80 -6.22 -28.88
CA ALA A 353 11.07 -6.87 -30.00
C ALA A 353 9.64 -7.18 -29.54
N THR A 354 9.52 -7.98 -28.47
CA THR A 354 8.22 -8.46 -27.91
C THR A 354 7.32 -7.29 -27.53
N SER A 355 7.88 -6.25 -26.92
CA SER A 355 7.12 -5.03 -26.55
C SER A 355 6.47 -4.43 -27.81
N LEU A 356 7.28 -4.15 -28.83
CA LEU A 356 6.84 -3.56 -30.12
C LEU A 356 5.72 -4.42 -30.72
N ALA A 357 5.99 -5.73 -30.78
CA ALA A 357 5.05 -6.77 -31.23
C ALA A 357 3.73 -6.62 -30.48
N LYS A 358 3.77 -6.65 -29.15
CA LYS A 358 2.57 -6.53 -28.27
C LYS A 358 1.85 -5.23 -28.58
N LYS A 359 2.60 -4.15 -28.80
CA LYS A 359 2.05 -2.79 -29.02
C LYS A 359 1.28 -2.78 -30.34
N MET A 360 1.87 -3.37 -31.39
CA MET A 360 1.24 -3.55 -32.73
C MET A 360 -0.16 -4.16 -32.55
N VAL A 361 -0.24 -5.27 -31.83
CA VAL A 361 -1.48 -6.09 -31.62
C VAL A 361 -2.48 -5.34 -30.73
N THR A 362 -2.05 -5.00 -29.50
CA THR A 362 -2.92 -4.56 -28.36
C THR A 362 -3.33 -3.09 -28.52
N GLU A 363 -2.35 -2.18 -28.70
CA GLU A 363 -2.55 -0.71 -28.61
C GLU A 363 -2.77 -0.09 -30.00
N TRP A 364 -1.94 -0.42 -30.99
CA TRP A 364 -1.88 0.28 -32.30
C TRP A 364 -2.86 -0.30 -33.32
N GLY A 365 -3.53 -1.42 -32.99
CA GLY A 365 -4.51 -2.13 -33.84
C GLY A 365 -3.91 -2.57 -35.18
N MET A 366 -2.63 -2.98 -35.19
CA MET A 366 -1.87 -3.45 -36.40
C MET A 366 -1.91 -4.99 -36.47
N GLY A 367 -2.75 -5.62 -35.63
CA GLY A 367 -2.93 -7.08 -35.57
C GLY A 367 -4.03 -7.53 -36.54
N GLU A 368 -3.71 -8.51 -37.39
CA GLU A 368 -4.61 -9.04 -38.44
C GLU A 368 -5.78 -9.73 -37.74
N GLU A 369 -5.49 -10.72 -36.89
CA GLU A 369 -6.52 -11.53 -36.17
C GLU A 369 -7.20 -10.71 -35.07
N VAL A 370 -6.40 -10.10 -34.17
CA VAL A 370 -6.89 -9.51 -32.88
C VAL A 370 -7.84 -8.35 -33.18
N GLY A 371 -7.47 -7.51 -34.16
CA GLY A 371 -8.35 -6.46 -34.71
C GLY A 371 -7.99 -5.07 -34.17
N PRO A 372 -8.82 -4.04 -34.51
CA PRO A 372 -8.51 -2.65 -34.21
C PRO A 372 -9.09 -2.25 -32.84
N ILE A 373 -8.65 -2.96 -31.81
CA ILE A 373 -9.19 -2.83 -30.43
C ILE A 373 -7.99 -2.54 -29.50
N PHE A 374 -8.24 -1.73 -28.47
CA PHE A 374 -7.26 -1.30 -27.43
C PHE A 374 -7.44 -2.23 -26.21
N LEU A 375 -6.47 -3.11 -25.97
CA LEU A 375 -6.56 -4.18 -24.96
C LEU A 375 -5.50 -3.92 -23.89
N VAL A 376 -5.34 -2.68 -23.40
CA VAL A 376 -4.23 -2.30 -22.47
C VAL A 376 -4.78 -1.37 -21.37
N ALA A 393 -7.59 -6.50 -18.95
CA ALA A 393 -8.61 -7.48 -18.50
C ALA A 393 -9.53 -7.78 -19.69
N TYR A 394 -9.37 -8.97 -20.25
CA TYR A 394 -10.15 -9.49 -21.39
C TYR A 394 -10.21 -11.01 -21.26
N SER A 395 -11.07 -11.65 -22.07
CA SER A 395 -11.30 -13.12 -22.10
C SER A 395 -9.97 -13.84 -22.35
N GLU A 396 -9.85 -15.08 -21.88
CA GLU A 396 -8.67 -15.95 -22.12
C GLU A 396 -8.57 -16.22 -23.63
N ASN A 397 -9.73 -16.40 -24.28
CA ASN A 397 -9.82 -16.60 -25.75
C ASN A 397 -9.14 -15.40 -26.42
N THR A 398 -9.50 -14.19 -26.02
CA THR A 398 -8.91 -12.91 -26.51
C THR A 398 -7.39 -12.89 -26.22
N ALA A 399 -6.96 -13.44 -25.09
CA ALA A 399 -5.54 -13.49 -24.66
C ALA A 399 -4.73 -14.35 -25.63
N ASP A 400 -5.21 -15.59 -25.86
CA ASP A 400 -4.57 -16.60 -26.75
C ASP A 400 -4.33 -15.97 -28.13
N LYS A 401 -5.33 -15.22 -28.65
CA LYS A 401 -5.25 -14.44 -29.91
C LYS A 401 -4.00 -13.54 -29.90
N VAL A 402 -3.81 -12.76 -28.83
CA VAL A 402 -2.69 -11.78 -28.69
C VAL A 402 -1.38 -12.56 -28.68
N ASP A 403 -1.22 -13.50 -27.73
CA ASP A 403 0.03 -14.29 -27.56
C ASP A 403 0.44 -14.92 -28.90
N ARG A 404 -0.56 -15.35 -29.69
CA ARG A 404 -0.35 -16.05 -30.98
C ARG A 404 0.11 -15.06 -32.06
N GLU A 405 -0.60 -13.94 -32.24
CA GLU A 405 -0.23 -12.88 -33.23
C GLU A 405 1.14 -12.28 -32.90
N VAL A 406 1.40 -12.08 -31.60
CA VAL A 406 2.74 -11.62 -31.09
C VAL A 406 3.79 -12.63 -31.56
N LYS A 407 3.54 -13.94 -31.36
CA LYS A 407 4.51 -15.02 -31.72
C LYS A 407 4.79 -14.95 -33.22
N ARG A 408 3.73 -14.93 -34.03
CA ARG A 408 3.85 -14.83 -35.50
C ARG A 408 4.75 -13.64 -35.85
N ILE A 409 4.28 -12.42 -35.56
CA ILE A 409 5.00 -11.15 -35.94
C ILE A 409 6.49 -11.31 -35.61
N LEU A 410 6.78 -11.83 -34.43
CA LEU A 410 8.18 -12.02 -33.98
C LEU A 410 8.88 -13.09 -34.84
N GLU A 411 8.28 -14.27 -34.95
CA GLU A 411 8.87 -15.42 -35.68
C GLU A 411 9.15 -15.02 -37.13
N GLU A 412 8.25 -14.25 -37.74
CA GLU A 412 8.43 -13.73 -39.12
C GLU A 412 9.69 -12.86 -39.16
N CYS A 413 9.74 -11.88 -38.28
CA CYS A 413 10.83 -10.86 -38.24
C CYS A 413 12.17 -11.56 -37.99
N LEU A 414 12.19 -12.63 -37.18
CA LEU A 414 13.45 -13.40 -36.91
C LEU A 414 13.90 -14.05 -38.23
N LYS A 415 12.95 -14.70 -38.94
CA LYS A 415 13.21 -15.33 -40.26
C LYS A 415 13.88 -14.29 -41.17
N GLU A 416 13.13 -13.24 -41.58
CA GLU A 416 13.63 -12.17 -42.50
C GLU A 416 15.07 -11.82 -42.07
N ALA A 417 15.33 -11.73 -40.77
CA ALA A 417 16.66 -11.42 -40.18
C ALA A 417 17.62 -12.58 -40.43
N SER A 418 17.32 -13.79 -39.96
CA SER A 418 18.19 -14.99 -40.12
C SER A 418 18.58 -15.12 -41.60
N ASP A 419 17.61 -14.98 -42.50
CA ASP A 419 17.78 -15.13 -43.97
C ASP A 419 18.78 -14.07 -44.46
N ILE A 420 18.48 -12.78 -44.25
CA ILE A 420 19.33 -11.63 -44.68
C ILE A 420 20.78 -11.89 -44.27
N LEU A 421 21.02 -12.24 -43.01
CA LEU A 421 22.39 -12.43 -42.47
C LEU A 421 23.03 -13.66 -43.11
N LEU A 422 22.27 -14.74 -43.36
CA LEU A 422 22.77 -15.99 -44.00
C LEU A 422 23.41 -15.68 -45.36
N LYS A 423 22.72 -14.88 -46.18
CA LYS A 423 23.21 -14.40 -47.50
C LYS A 423 24.54 -13.65 -47.30
N HIS A 424 24.50 -12.57 -46.53
CA HIS A 424 25.64 -11.64 -46.33
C HIS A 424 26.52 -12.14 -45.18
N LYS A 425 26.45 -13.43 -44.85
CA LYS A 425 27.19 -14.02 -43.70
C LYS A 425 28.67 -13.61 -43.77
N ASP A 426 29.27 -13.71 -44.96
CA ASP A 426 30.67 -13.30 -45.25
C ASP A 426 30.91 -11.84 -44.81
N GLN A 427 29.95 -10.95 -45.09
CA GLN A 427 30.00 -9.50 -44.71
C GLN A 427 29.91 -9.34 -43.19
N LEU A 428 29.01 -10.11 -42.56
CA LEU A 428 28.80 -10.16 -41.08
C LEU A 428 30.06 -10.68 -40.40
N VAL A 429 30.62 -11.80 -40.86
CA VAL A 429 31.84 -12.42 -40.27
C VAL A 429 33.00 -11.42 -40.42
N LYS A 430 32.98 -10.58 -41.47
CA LYS A 430 33.99 -9.50 -41.68
C LYS A 430 33.92 -8.55 -40.50
N LEU A 431 32.74 -7.96 -40.25
CA LEU A 431 32.51 -6.97 -39.17
C LEU A 431 32.97 -7.59 -37.85
N ALA A 432 32.54 -8.83 -37.55
CA ALA A 432 32.84 -9.52 -36.28
C ALA A 432 34.31 -9.29 -35.91
N LYS A 433 35.25 -9.84 -36.67
CA LYS A 433 36.71 -9.76 -36.37
C LYS A 433 37.16 -8.30 -36.39
N GLU A 434 36.73 -7.51 -37.38
CA GLU A 434 37.00 -6.05 -37.43
C GLU A 434 36.62 -5.42 -36.08
N LEU A 435 35.45 -5.79 -35.52
CA LEU A 435 34.99 -5.31 -34.19
C LEU A 435 35.92 -5.86 -33.09
N VAL A 436 36.24 -7.15 -33.14
CA VAL A 436 37.17 -7.79 -32.16
C VAL A 436 38.50 -7.05 -32.22
N LEU A 437 38.77 -6.35 -33.32
CA LEU A 437 40.01 -5.56 -33.57
C LEU A 437 39.79 -4.12 -33.10
N LYS A 438 38.92 -3.35 -33.77
CA LYS A 438 38.77 -1.90 -33.52
C LYS A 438 37.81 -1.64 -32.36
N GLU A 439 37.07 -2.66 -31.93
CA GLU A 439 36.05 -2.59 -30.83
C GLU A 439 34.91 -1.66 -31.24
N THR A 440 35.18 -0.63 -32.07
CA THR A 440 34.18 0.38 -32.49
C THR A 440 34.50 0.84 -33.91
N LEU A 441 33.45 1.14 -34.70
CA LEU A 441 33.56 1.64 -36.09
C LEU A 441 32.23 2.27 -36.50
N THR A 442 32.19 2.99 -37.62
CA THR A 442 30.95 3.59 -38.18
C THR A 442 30.88 3.29 -39.70
N ILE B 8 44.64 -7.45 20.15
CA ILE B 8 45.13 -8.85 20.40
C ILE B 8 46.07 -9.28 19.25
N THR B 9 46.44 -10.57 19.20
CA THR B 9 47.40 -11.15 18.23
C THR B 9 46.64 -12.00 17.21
N PHE B 10 47.24 -12.27 16.04
CA PHE B 10 46.77 -13.25 15.02
C PHE B 10 46.90 -14.67 15.59
N LYS B 11 47.72 -14.83 16.63
CA LYS B 11 47.93 -16.11 17.36
C LYS B 11 46.69 -16.43 18.20
N ASP B 12 45.85 -15.44 18.51
CA ASP B 12 44.57 -15.61 19.25
C ASP B 12 43.47 -16.14 18.32
N VAL B 13 43.67 -16.03 17.00
CA VAL B 13 42.74 -16.49 15.93
C VAL B 13 43.28 -17.82 15.37
N ALA B 14 42.38 -18.76 15.04
CA ALA B 14 42.71 -20.08 14.48
C ALA B 14 41.96 -20.30 13.16
N GLY B 15 42.56 -21.10 12.26
CA GLY B 15 41.93 -21.56 11.01
C GLY B 15 41.70 -20.42 10.03
N GLN B 16 42.50 -19.36 10.13
CA GLN B 16 42.35 -18.12 9.30
C GLN B 16 43.55 -17.97 8.35
N GLU B 17 44.60 -18.80 8.48
CA GLU B 17 45.91 -18.68 7.77
C GLU B 17 45.78 -17.90 6.46
N GLU B 18 44.93 -18.33 5.52
CA GLU B 18 44.74 -17.63 4.21
C GLU B 18 44.22 -16.21 4.48
N VAL B 19 43.11 -16.09 5.22
CA VAL B 19 42.51 -14.80 5.69
C VAL B 19 43.61 -14.00 6.40
N LYS B 20 44.34 -14.63 7.34
CA LYS B 20 45.47 -14.01 8.09
C LYS B 20 46.42 -13.32 7.09
N GLN B 21 46.96 -14.06 6.12
CA GLN B 21 47.91 -13.54 5.09
C GLN B 21 47.23 -12.43 4.29
N GLU B 22 45.92 -12.57 4.03
CA GLU B 22 45.10 -11.57 3.29
C GLU B 22 45.05 -10.26 4.08
N LEU B 23 44.96 -10.34 5.42
CA LEU B 23 44.84 -9.17 6.33
C LEU B 23 46.21 -8.53 6.57
N ARG B 24 47.29 -9.30 6.40
CA ARG B 24 48.69 -8.82 6.60
C ARG B 24 48.92 -7.55 5.77
N GLU B 25 48.62 -7.57 4.46
CA GLU B 25 48.78 -6.42 3.53
C GLU B 25 48.21 -5.13 4.15
N VAL B 26 47.16 -5.25 4.97
CA VAL B 26 46.57 -4.12 5.74
C VAL B 26 47.53 -3.78 6.89
N VAL B 27 47.84 -4.76 7.75
CA VAL B 27 48.79 -4.64 8.88
C VAL B 27 50.05 -3.94 8.35
N GLU B 28 50.66 -4.50 7.29
CA GLU B 28 51.92 -4.01 6.68
C GLU B 28 51.77 -2.54 6.29
N PHE B 29 50.62 -2.14 5.75
CA PHE B 29 50.34 -0.72 5.37
C PHE B 29 50.46 0.17 6.61
N LEU B 30 49.68 -0.12 7.66
CA LEU B 30 49.54 0.70 8.89
C LEU B 30 50.93 0.94 9.50
N LYS B 31 51.78 -0.09 9.51
CA LYS B 31 53.17 -0.06 10.05
C LYS B 31 54.01 0.93 9.24
N ASN B 32 54.23 0.65 7.94
CA ASN B 32 55.19 1.38 7.07
C ASN B 32 54.47 1.87 5.82
N PRO B 33 53.58 2.89 5.93
CA PRO B 33 52.87 3.45 4.78
C PRO B 33 53.79 4.01 3.69
N LYS B 34 54.99 4.44 4.08
CA LYS B 34 56.00 5.07 3.19
C LYS B 34 56.34 4.12 2.02
N LYS B 35 56.50 2.82 2.30
CA LYS B 35 56.87 1.79 1.29
C LYS B 35 55.86 1.85 0.13
N PHE B 36 54.58 2.06 0.46
CA PHE B 36 53.45 2.13 -0.50
C PHE B 36 53.41 3.54 -1.10
N GLU B 37 53.78 4.55 -0.31
CA GLU B 37 53.87 5.97 -0.74
C GLU B 37 55.09 6.15 -1.65
N LYS B 38 56.10 5.26 -1.57
CA LYS B 38 57.36 5.32 -2.36
C LYS B 38 57.07 5.41 -3.86
N ILE B 39 56.41 4.39 -4.42
CA ILE B 39 56.08 4.31 -5.88
C ILE B 39 54.91 5.25 -6.20
N GLY B 40 54.32 5.89 -5.19
CA GLY B 40 53.11 6.72 -5.36
C GLY B 40 51.90 5.84 -5.61
N ALA B 41 51.65 4.89 -4.71
CA ALA B 41 50.53 3.92 -4.76
C ALA B 41 49.53 4.23 -3.63
N LYS B 42 48.29 4.56 -3.99
CA LYS B 42 47.20 4.86 -3.03
C LYS B 42 46.88 3.57 -2.25
N ILE B 43 46.73 3.68 -0.93
CA ILE B 43 46.44 2.55 -0.02
C ILE B 43 44.93 2.35 0.04
N PRO B 44 44.43 1.10 0.11
CA PRO B 44 43.00 0.89 0.31
C PRO B 44 42.54 1.54 1.62
N LYS B 45 41.49 2.36 1.56
CA LYS B 45 40.91 3.05 2.75
C LYS B 45 39.97 2.07 3.47
N GLY B 46 39.31 1.18 2.71
CA GLY B 46 38.28 0.25 3.22
C GLY B 46 38.56 -1.21 2.92
N VAL B 47 38.31 -2.07 3.91
CA VAL B 47 38.46 -3.57 3.83
C VAL B 47 37.23 -4.19 4.51
N LEU B 48 36.49 -5.03 3.78
CA LEU B 48 35.21 -5.63 4.22
C LEU B 48 35.41 -7.11 4.54
N LEU B 49 34.99 -7.55 5.73
CA LEU B 49 35.02 -8.96 6.17
C LEU B 49 33.60 -9.52 6.10
N VAL B 50 33.43 -10.54 5.24
CA VAL B 50 32.10 -11.19 5.06
C VAL B 50 32.16 -12.55 5.74
N GLY B 51 31.06 -12.96 6.37
CA GLY B 51 31.01 -14.22 7.14
C GLY B 51 29.75 -14.32 7.98
N SER B 52 29.38 -15.55 8.35
CA SER B 52 28.19 -15.88 9.19
C SER B 52 28.44 -15.37 10.61
N PRO B 53 27.41 -15.31 11.48
CA PRO B 53 27.61 -14.91 12.87
C PRO B 53 28.42 -15.92 13.70
N GLY B 54 29.39 -15.42 14.47
CA GLY B 54 30.28 -16.19 15.36
C GLY B 54 31.62 -16.49 14.71
N THR B 55 31.76 -16.21 13.40
CA THR B 55 33.02 -16.38 12.64
C THR B 55 34.08 -15.41 13.20
N GLY B 56 33.69 -14.57 14.18
CA GLY B 56 34.58 -13.65 14.91
C GLY B 56 35.27 -12.70 13.94
N LYS B 57 34.47 -12.10 13.06
CA LYS B 57 34.96 -11.09 12.07
C LYS B 57 35.59 -9.93 12.87
N THR B 58 34.98 -9.60 14.01
CA THR B 58 35.45 -8.59 15.00
C THR B 58 36.84 -8.99 15.52
N LEU B 59 37.01 -10.23 15.98
CA LEU B 59 38.29 -10.76 16.53
C LEU B 59 39.46 -10.40 15.60
N LEU B 60 39.34 -10.74 14.31
CA LEU B 60 40.40 -10.55 13.28
C LEU B 60 40.75 -9.08 13.15
N ALA B 61 39.72 -8.21 13.12
CA ALA B 61 39.83 -6.73 12.99
C ALA B 61 40.73 -6.19 14.12
N LYS B 62 40.47 -6.59 15.37
CA LYS B 62 41.29 -6.23 16.56
C LYS B 62 42.73 -6.68 16.32
N ALA B 63 42.91 -7.99 16.06
CA ALA B 63 44.21 -8.65 15.83
C ALA B 63 45.00 -7.89 14.74
N VAL B 64 44.34 -7.43 13.67
CA VAL B 64 44.98 -6.63 12.58
C VAL B 64 45.70 -5.44 13.23
N ALA B 65 44.95 -4.64 14.00
CA ALA B 65 45.45 -3.49 14.79
C ALA B 65 46.55 -3.98 15.74
N GLY B 66 46.31 -5.08 16.45
CA GLY B 66 47.27 -5.71 17.38
C GLY B 66 48.62 -5.93 16.71
N GLU B 67 48.68 -6.78 15.67
CA GLU B 67 49.92 -7.11 14.92
C GLU B 67 50.55 -5.82 14.39
N ALA B 68 49.75 -4.75 14.17
CA ALA B 68 50.21 -3.43 13.68
C ALA B 68 50.42 -2.42 14.83
N GLY B 69 50.14 -2.82 16.07
CA GLY B 69 50.13 -1.93 17.26
C GLY B 69 49.44 -0.61 16.95
N VAL B 70 48.19 -0.68 16.49
CA VAL B 70 47.40 0.48 15.98
C VAL B 70 46.15 0.64 16.87
N SER B 71 45.62 1.87 16.97
CA SER B 71 44.40 2.20 17.74
C SER B 71 43.19 1.52 17.13
N PHE B 72 42.24 1.06 17.96
CA PHE B 72 41.01 0.33 17.54
C PHE B 72 39.75 1.05 18.04
N PHE B 73 38.88 1.44 17.11
CA PHE B 73 37.59 2.13 17.40
C PHE B 73 36.42 1.29 16.86
N HIS B 74 35.82 0.45 17.71
CA HIS B 74 34.61 -0.35 17.39
C HIS B 74 33.39 0.57 17.35
N MET B 75 32.64 0.56 16.24
CA MET B 75 31.34 1.27 16.05
C MET B 75 30.38 0.35 15.29
N SER B 76 29.15 0.15 15.79
CA SER B 76 28.13 -0.73 15.14
C SER B 76 27.21 0.12 14.27
N GLY B 77 26.76 -0.45 13.13
CA GLY B 77 25.81 0.20 12.20
C GLY B 77 24.53 0.60 12.92
N SER B 78 24.08 -0.24 13.86
CA SER B 78 22.88 -0.04 14.71
C SER B 78 22.97 1.30 15.44
N ASP B 79 24.17 1.68 15.91
CA ASP B 79 24.42 2.95 16.64
C ASP B 79 24.04 4.12 15.73
N PHE B 80 24.79 4.33 14.64
CA PHE B 80 24.61 5.49 13.72
C PHE B 80 23.19 5.50 13.16
N VAL B 81 22.65 4.33 12.81
CA VAL B 81 21.30 4.18 12.20
C VAL B 81 20.23 4.54 13.25
N MET B 83 18.99 7.16 14.44
CA MET B 83 19.25 8.44 15.16
C MET B 83 18.38 9.56 14.58
N PHE B 84 18.03 10.52 15.45
CA PHE B 84 16.99 11.57 15.24
C PHE B 84 17.08 12.15 13.83
N VAL B 85 17.93 13.17 13.62
CA VAL B 85 18.17 13.81 12.30
C VAL B 85 19.64 14.21 12.21
N GLY B 86 20.42 13.59 11.30
CA GLY B 86 21.86 13.90 11.12
C GLY B 86 22.73 13.50 12.31
N VAL B 87 22.12 13.11 13.43
CA VAL B 87 22.81 12.69 14.69
C VAL B 87 23.78 11.57 14.33
N GLY B 88 23.30 10.56 13.60
CA GLY B 88 24.10 9.42 13.11
C GLY B 88 25.30 9.89 12.31
N ALA B 89 25.05 10.74 11.32
CA ALA B 89 26.08 11.38 10.47
C ALA B 89 27.07 12.12 11.35
N SER B 90 26.58 12.86 12.35
CA SER B 90 27.42 13.56 13.36
C SER B 90 28.32 12.54 14.06
N ARG B 91 27.74 11.42 14.48
CA ARG B 91 28.46 10.30 15.16
C ARG B 91 29.52 9.75 14.20
N VAL B 92 29.13 9.55 12.93
CA VAL B 92 30.04 9.12 11.83
C VAL B 92 31.24 10.09 11.83
N ARG B 93 30.99 11.37 11.53
CA ARG B 93 32.03 12.44 11.49
C ARG B 93 32.83 12.41 12.79
N ASP B 94 32.13 12.54 13.92
CA ASP B 94 32.71 12.56 15.30
C ASP B 94 33.73 11.43 15.41
N LEU B 95 33.30 10.18 15.19
CA LEU B 95 34.15 8.96 15.23
C LEU B 95 35.42 9.19 14.38
N PHE B 96 35.24 9.59 13.10
CA PHE B 96 36.33 9.75 12.10
C PHE B 96 37.29 10.88 12.53
N ASP B 97 36.73 11.97 13.08
CA ASP B 97 37.50 13.12 13.62
C ASP B 97 38.44 12.61 14.72
N ASN B 98 37.91 11.92 15.75
CA ASN B 98 38.71 11.38 16.89
C ASN B 98 39.63 10.26 16.38
N ALA B 99 39.13 9.46 15.42
CA ALA B 99 39.87 8.35 14.77
C ALA B 99 41.09 8.91 14.04
N ARG B 100 40.93 10.02 13.29
CA ARG B 100 42.05 10.72 12.59
C ARG B 100 43.11 11.13 13.63
N LYS B 101 42.67 11.51 14.85
CA LYS B 101 43.53 11.95 15.98
C LYS B 101 44.45 10.83 16.45
N ASN B 102 44.01 9.56 16.38
CA ASN B 102 44.78 8.36 16.83
C ASN B 102 45.37 7.62 15.62
N SER B 103 45.48 8.29 14.45
CA SER B 103 46.11 7.74 13.22
C SER B 103 47.56 7.32 13.49
N PRO B 104 48.05 6.17 12.97
CA PRO B 104 47.24 5.22 12.20
C PRO B 104 46.26 4.48 13.13
N CYS B 105 44.96 4.54 12.82
CA CYS B 105 43.88 3.87 13.61
C CYS B 105 43.08 2.96 12.68
N ILE B 106 42.37 2.00 13.27
CA ILE B 106 41.39 1.12 12.56
C ILE B 106 40.01 1.41 13.16
N ILE B 107 39.03 1.69 12.28
CA ILE B 107 37.59 1.78 12.66
C ILE B 107 36.92 0.47 12.21
N PHE B 108 36.24 -0.22 13.13
CA PHE B 108 35.43 -1.43 12.86
C PHE B 108 33.94 -1.06 12.83
N ILE B 109 33.27 -1.32 11.71
CA ILE B 109 31.82 -1.05 11.48
C ILE B 109 31.07 -2.39 11.38
N ASP B 110 30.79 -3.03 12.51
CA ASP B 110 29.95 -4.25 12.61
C ASP B 110 28.56 -3.96 12.01
N GLU B 111 27.90 -4.97 11.45
CA GLU B 111 26.58 -4.89 10.78
C GLU B 111 26.56 -3.69 9.83
N LEU B 112 27.53 -3.57 8.92
CA LEU B 112 27.55 -2.49 7.88
C LEU B 112 26.21 -2.51 7.14
N ASP B 113 25.61 -3.70 7.01
CA ASP B 113 24.24 -3.91 6.43
C ASP B 113 23.26 -2.89 7.05
N ALA B 114 23.36 -2.63 8.36
CA ALA B 114 22.47 -1.70 9.12
C ALA B 114 22.45 -0.30 8.47
N VAL B 115 23.61 0.20 8.04
CA VAL B 115 23.76 1.54 7.42
C VAL B 115 23.91 1.43 5.89
N GLY B 116 23.96 0.21 5.34
CA GLY B 116 24.24 -0.11 3.92
C GLY B 116 23.02 -0.57 3.11
N ARG B 117 22.66 0.25 2.13
CA ARG B 117 21.38 0.25 1.33
C ARG B 117 21.45 -0.72 0.15
N HIS B 127 16.56 8.53 0.94
CA HIS B 127 16.03 7.20 1.37
C HIS B 127 15.50 7.27 2.84
N ASP B 128 16.38 7.56 3.79
CA ASP B 128 16.05 7.80 5.23
C ASP B 128 17.25 8.50 5.89
N GLU B 129 17.38 8.46 7.23
CA GLU B 129 18.54 9.10 7.93
C GLU B 129 19.81 8.32 7.58
N ARG B 130 19.68 6.99 7.48
CA ARG B 130 20.79 6.08 7.09
C ARG B 130 21.42 6.59 5.79
N GLU B 131 20.60 6.97 4.80
CA GLU B 131 21.05 7.47 3.47
C GLU B 131 22.15 8.51 3.68
N GLN B 132 21.86 9.60 4.40
CA GLN B 132 22.84 10.70 4.67
C GLN B 132 23.91 10.20 5.64
N THR B 133 23.55 9.29 6.57
CA THR B 133 24.51 8.64 7.51
C THR B 133 25.54 7.87 6.68
N LEU B 134 25.05 7.11 5.69
CA LEU B 134 25.94 6.37 4.78
C LEU B 134 26.61 7.38 3.86
N ASN B 135 25.81 8.26 3.26
CA ASN B 135 26.44 9.32 2.42
C ASN B 135 27.60 9.86 3.25
N GLN B 136 27.40 9.98 4.56
CA GLN B 136 28.46 10.51 5.43
C GLN B 136 29.64 9.54 5.40
N LEU B 137 29.39 8.27 5.71
CA LEU B 137 30.52 7.31 5.77
C LEU B 137 31.29 7.49 4.47
N LEU B 138 30.55 7.63 3.38
CA LEU B 138 31.21 7.75 2.07
C LEU B 138 32.18 8.92 2.15
N VAL B 139 31.68 10.11 2.50
CA VAL B 139 32.54 11.32 2.49
C VAL B 139 33.68 11.12 3.49
N GLU B 140 33.35 10.61 4.67
CA GLU B 140 34.39 10.48 5.72
C GLU B 140 35.53 9.60 5.19
N MET B 141 35.21 8.43 4.65
CA MET B 141 36.27 7.48 4.19
C MET B 141 36.88 7.99 2.89
N ASP B 142 36.07 8.59 2.01
CA ASP B 142 36.63 9.18 0.77
C ASP B 142 37.72 10.18 1.17
N GLY B 143 37.99 10.29 2.48
CA GLY B 143 39.01 11.23 2.98
C GLY B 143 39.43 12.19 1.90
N PHE B 144 40.44 11.80 1.12
CA PHE B 144 40.97 12.69 0.05
C PHE B 144 42.32 12.10 -0.39
N GLY B 145 43.01 12.76 -1.31
CA GLY B 145 44.36 12.27 -1.68
C GLY B 145 45.21 12.10 -0.44
N THR B 146 44.90 12.85 0.62
CA THR B 146 45.69 12.80 1.87
C THR B 146 45.87 11.35 2.32
N HIS B 147 47.00 11.05 2.96
CA HIS B 147 47.24 9.68 3.48
C HIS B 147 46.21 9.38 4.57
N THR B 148 46.09 10.24 5.58
CA THR B 148 45.07 10.05 6.66
C THR B 148 45.55 8.95 7.62
N ASN B 149 45.93 7.78 7.09
CA ASN B 149 46.49 6.64 7.86
C ASN B 149 45.38 6.01 8.71
N VAL B 150 44.12 6.21 8.33
CA VAL B 150 42.92 5.57 8.97
C VAL B 150 42.31 4.58 7.98
N ILE B 151 42.26 3.30 8.35
CA ILE B 151 41.66 2.21 7.54
C ILE B 151 40.36 1.75 8.23
N VAL B 152 39.25 1.82 7.49
CA VAL B 152 37.91 1.35 7.97
C VAL B 152 37.83 -0.15 7.70
N MET B 153 37.49 -0.94 8.72
CA MET B 153 37.17 -2.38 8.61
C MET B 153 35.69 -2.56 8.91
N ALA B 154 34.99 -3.38 8.12
CA ALA B 154 33.53 -3.62 8.23
C ALA B 154 33.25 -5.13 8.17
N ALA B 155 32.16 -5.56 8.83
CA ALA B 155 31.70 -6.95 8.94
C ALA B 155 30.21 -7.01 8.61
N THR B 156 29.85 -7.81 7.59
CA THR B 156 28.44 -8.00 7.16
C THR B 156 28.15 -9.49 7.07
N ASN B 157 27.10 -9.95 7.75
CA ASN B 157 26.54 -11.32 7.61
C ASN B 157 25.77 -11.41 6.29
N ARG B 158 25.12 -10.33 5.88
CA ARG B 158 24.31 -10.25 4.64
C ARG B 158 24.88 -9.19 3.68
N PRO B 159 25.89 -9.53 2.84
CA PRO B 159 26.56 -8.55 1.97
C PRO B 159 25.79 -8.06 0.73
N ASP B 160 24.91 -8.89 0.17
CA ASP B 160 24.09 -8.54 -1.03
C ASP B 160 23.11 -7.39 -0.70
N VAL B 161 22.82 -7.12 0.57
CA VAL B 161 21.97 -5.98 1.03
C VAL B 161 22.71 -4.65 0.78
N LEU B 162 24.04 -4.69 0.64
CA LEU B 162 24.92 -3.48 0.62
C LEU B 162 24.75 -2.72 -0.69
N ASP B 163 24.67 -1.39 -0.60
CA ASP B 163 24.68 -0.43 -1.73
C ASP B 163 25.99 -0.61 -2.50
N SER B 164 25.94 -0.59 -3.84
CA SER B 164 27.11 -0.78 -4.74
C SER B 164 28.20 0.26 -4.41
N ALA B 165 27.78 1.49 -4.05
CA ALA B 165 28.66 2.63 -3.71
C ALA B 165 29.74 2.20 -2.70
N LEU B 166 29.34 1.38 -1.72
CA LEU B 166 30.22 0.92 -0.61
C LEU B 166 31.44 0.17 -1.17
N LEU B 167 31.31 -0.50 -2.31
CA LEU B 167 32.32 -1.46 -2.85
C LEU B 167 33.21 -0.77 -3.90
N ARG B 168 32.92 0.50 -4.25
CA ARG B 168 33.63 1.25 -5.32
C ARG B 168 35.11 1.38 -4.97
N PRO B 169 36.02 1.77 -5.90
CA PRO B 169 37.45 1.87 -5.61
C PRO B 169 37.75 2.79 -4.43
N GLY B 170 38.72 2.42 -3.59
CA GLY B 170 39.05 3.11 -2.33
C GLY B 170 38.15 2.66 -1.20
N ARG B 171 36.83 2.90 -1.31
CA ARG B 171 35.83 2.57 -0.26
C ARG B 171 35.53 1.07 -0.32
N PHE B 172 35.79 0.33 0.77
CA PHE B 172 35.60 -1.15 0.89
C PHE B 172 35.86 -1.85 -0.45
N ASP B 173 36.94 -1.47 -1.13
CA ASP B 173 37.38 -2.05 -2.43
C ASP B 173 37.95 -3.46 -2.18
N ARG B 174 38.58 -3.67 -1.01
CA ARG B 174 39.07 -4.99 -0.55
C ARG B 174 37.91 -5.72 0.15
N GLN B 175 37.79 -7.03 -0.09
CA GLN B 175 36.74 -7.91 0.49
C GLN B 175 37.40 -9.24 0.88
N VAL B 176 37.26 -9.68 2.12
CA VAL B 176 37.88 -10.93 2.66
C VAL B 176 36.79 -11.79 3.30
N THR B 177 36.68 -13.05 2.87
CA THR B 177 35.56 -13.94 3.26
C THR B 177 36.05 -14.89 4.37
N VAL B 178 35.32 -14.95 5.50
CA VAL B 178 35.63 -15.81 6.69
C VAL B 178 34.64 -16.97 6.72
N SER B 179 35.18 -18.20 6.71
CA SER B 179 34.44 -19.49 6.61
C SER B 179 34.25 -20.08 8.00
N LEU B 180 33.12 -20.75 8.23
CA LEU B 180 32.90 -21.53 9.48
C LEU B 180 34.10 -22.45 9.67
N PRO B 181 34.56 -22.65 10.93
CA PRO B 181 35.81 -23.40 11.16
C PRO B 181 35.64 -24.87 10.72
N ASP B 182 36.69 -25.43 10.12
CA ASP B 182 36.79 -26.88 9.82
C ASP B 182 37.11 -27.63 11.12
N ILE B 183 37.14 -28.96 11.07
CA ILE B 183 37.50 -29.88 12.20
C ILE B 183 38.78 -29.40 12.89
N LYS B 184 39.82 -29.07 12.11
CA LYS B 184 41.16 -28.67 12.62
C LYS B 184 41.04 -27.34 13.36
N GLU B 185 40.47 -26.32 12.70
CA GLU B 185 40.21 -24.96 13.26
C GLU B 185 39.33 -25.08 14.51
N ARG B 186 38.29 -25.93 14.48
CA ARG B 186 37.37 -26.18 15.62
C ARG B 186 38.17 -26.61 16.86
N GLU B 187 38.89 -27.73 16.80
CA GLU B 187 39.75 -28.25 17.91
C GLU B 187 40.68 -27.14 18.40
N ALA B 188 41.41 -26.51 17.47
CA ALA B 188 42.33 -25.37 17.71
C ALA B 188 41.62 -24.28 18.52
N ILE B 189 40.41 -23.88 18.09
CA ILE B 189 39.56 -22.83 18.72
C ILE B 189 39.23 -23.24 20.16
N LEU B 190 38.71 -24.47 20.35
CA LEU B 190 38.35 -25.01 21.69
C LEU B 190 39.54 -24.81 22.64
N ASN B 191 40.77 -25.11 22.17
CA ASN B 191 42.02 -25.06 22.96
C ASN B 191 42.24 -23.64 23.52
N ILE B 192 41.93 -22.59 22.75
CA ILE B 192 42.25 -21.16 23.07
C ILE B 192 41.39 -20.69 24.25
N HIS B 193 40.08 -20.92 24.19
CA HIS B 193 39.10 -20.53 25.25
C HIS B 193 39.21 -21.49 26.44
N SER B 194 39.70 -22.72 26.21
CA SER B 194 39.98 -23.74 27.25
C SER B 194 40.95 -23.17 28.29
N LEU B 195 42.00 -22.49 27.82
CA LEU B 195 43.07 -21.90 28.67
C LEU B 195 42.42 -20.89 29.63
N LYS B 196 41.34 -20.23 29.21
CA LYS B 196 40.58 -19.23 30.01
C LYS B 196 39.80 -19.93 31.14
N THR B 197 39.75 -21.26 31.17
CA THR B 197 39.02 -22.07 32.18
C THR B 197 39.89 -23.24 32.66
N LYS B 198 39.32 -24.12 33.50
CA LYS B 198 39.91 -25.39 34.00
C LYS B 198 39.51 -26.58 33.09
N LEU B 199 40.44 -27.04 32.25
CA LEU B 199 40.22 -28.17 31.28
C LEU B 199 40.86 -29.46 31.80
N SER B 200 40.10 -30.38 32.41
CA SER B 200 40.61 -31.69 32.90
C SER B 200 41.07 -32.48 31.68
N LYS B 201 42.17 -33.27 31.76
CA LYS B 201 42.73 -33.99 30.58
C LYS B 201 41.72 -35.05 30.07
N ASP B 202 40.63 -35.27 30.82
CA ASP B 202 39.56 -36.24 30.51
C ASP B 202 38.79 -35.82 29.26
N ILE B 203 38.55 -34.51 29.06
CA ILE B 203 37.83 -33.97 27.87
C ILE B 203 38.83 -33.92 26.70
N ASN B 204 38.53 -34.60 25.58
CA ASN B 204 39.32 -34.51 24.32
C ASN B 204 38.57 -33.56 23.39
N LEU B 205 39.26 -32.52 22.89
CA LEU B 205 38.65 -31.44 22.07
C LEU B 205 38.48 -31.92 20.62
N GLN B 206 39.38 -32.81 20.15
CA GLN B 206 39.27 -33.45 18.82
C GLN B 206 37.95 -34.22 18.72
N VAL B 207 37.54 -34.91 19.80
CA VAL B 207 36.26 -35.68 19.88
C VAL B 207 35.10 -34.73 19.63
N ILE B 208 35.07 -33.60 20.36
CA ILE B 208 34.01 -32.55 20.26
C ILE B 208 34.14 -31.86 18.90
N ALA B 209 35.36 -31.56 18.44
CA ALA B 209 35.61 -30.87 17.14
C ALA B 209 34.72 -31.48 16.04
N ARG B 210 34.89 -32.79 15.79
CA ARG B 210 34.11 -33.55 14.77
C ARG B 210 32.64 -33.64 15.18
N ALA B 211 32.36 -33.81 16.49
CA ALA B 211 31.00 -33.90 17.06
C ALA B 211 30.20 -32.64 16.67
N THR B 212 30.89 -31.52 16.50
CA THR B 212 30.33 -30.19 16.14
C THR B 212 30.91 -29.73 14.81
N PRO B 213 30.42 -30.28 13.68
CA PRO B 213 30.81 -29.79 12.36
C PRO B 213 30.01 -28.53 12.00
N GLY B 214 30.66 -27.55 11.38
CA GLY B 214 30.03 -26.27 10.95
C GLY B 214 29.49 -25.46 12.11
N ALA B 215 29.97 -25.69 13.34
CA ALA B 215 29.71 -24.81 14.50
C ALA B 215 30.54 -23.53 14.33
N SER B 216 30.14 -22.43 14.97
CA SER B 216 30.80 -21.10 14.90
C SER B 216 31.81 -20.93 16.05
N GLY B 217 32.86 -20.11 15.83
CA GLY B 217 33.88 -19.78 16.85
C GLY B 217 33.26 -19.51 18.22
N ALA B 218 32.20 -18.71 18.26
CA ALA B 218 31.45 -18.33 19.49
C ALA B 218 30.63 -19.52 20.01
N ASP B 219 30.00 -20.30 19.12
CA ASP B 219 29.20 -21.51 19.48
C ASP B 219 30.07 -22.41 20.37
N LEU B 220 31.29 -22.70 19.90
CA LEU B 220 32.30 -23.56 20.59
C LEU B 220 32.68 -22.90 21.93
N ALA B 221 33.12 -21.65 21.85
CA ALA B 221 33.49 -20.81 23.02
C ALA B 221 32.37 -20.84 24.05
N ASN B 222 31.10 -20.80 23.63
CA ASN B 222 29.92 -20.81 24.53
C ASN B 222 29.81 -22.20 25.18
N LEU B 223 30.12 -23.27 24.45
CA LEU B 223 30.09 -24.65 24.99
C LEU B 223 30.99 -24.73 26.22
N ILE B 224 32.23 -24.25 26.11
CA ILE B 224 33.22 -24.18 27.24
C ILE B 224 32.53 -23.49 28.41
N ASN B 225 32.12 -22.24 28.21
CA ASN B 225 31.40 -21.39 29.20
C ASN B 225 30.31 -22.21 29.88
N GLU B 226 29.39 -22.76 29.09
CA GLU B 226 28.26 -23.59 29.58
C GLU B 226 28.77 -24.67 30.52
N GLY B 227 29.88 -25.33 30.15
CA GLY B 227 30.57 -26.33 30.99
C GLY B 227 31.09 -25.70 32.26
N ALA B 228 31.89 -24.63 32.12
CA ALA B 228 32.47 -23.85 33.24
C ALA B 228 31.35 -23.44 34.22
N LEU B 229 30.20 -23.01 33.69
CA LEU B 229 28.99 -22.68 34.49
C LEU B 229 28.47 -23.94 35.18
N ILE B 230 28.38 -25.07 34.46
CA ILE B 230 27.89 -26.39 34.96
C ILE B 230 28.79 -26.86 36.12
N ALA B 231 30.10 -26.58 36.05
CA ALA B 231 31.11 -26.92 37.08
C ALA B 231 30.77 -26.23 38.40
N ALA B 232 30.56 -24.91 38.36
CA ALA B 232 30.30 -24.04 39.52
C ALA B 232 29.03 -24.48 40.26
N ARG B 233 28.10 -25.17 39.58
CA ARG B 233 26.92 -25.83 40.21
C ARG B 233 27.37 -27.04 41.05
N ASN B 234 28.67 -27.40 41.03
CA ASN B 234 29.27 -28.52 41.81
C ASN B 234 30.77 -28.27 42.01
N LYS B 242 32.32 -34.79 29.73
CA LYS B 242 32.09 -35.14 31.16
C LYS B 242 30.88 -34.33 31.66
N ASP B 243 31.13 -33.16 32.24
CA ASP B 243 30.12 -32.10 32.48
C ASP B 243 29.90 -31.33 31.17
N MET B 244 30.92 -31.22 30.32
CA MET B 244 30.86 -30.55 28.99
C MET B 244 29.84 -31.27 28.08
N GLU B 245 29.55 -32.55 28.32
CA GLU B 245 28.49 -33.32 27.61
C GLU B 245 27.10 -32.77 27.97
N GLU B 246 26.85 -32.50 29.26
CA GLU B 246 25.54 -31.95 29.74
C GLU B 246 25.31 -30.60 29.08
N ALA B 247 26.39 -29.82 28.88
CA ALA B 247 26.38 -28.48 28.24
C ALA B 247 26.00 -28.59 26.76
N ARG B 248 26.52 -29.59 26.05
CA ARG B 248 26.17 -29.87 24.63
C ARG B 248 24.64 -29.88 24.49
N ASP B 249 23.97 -30.57 25.42
CA ASP B 249 22.49 -30.79 25.44
C ASP B 249 21.76 -29.49 25.76
N LYS B 250 22.40 -28.60 26.54
CA LYS B 250 21.83 -27.29 26.95
C LYS B 250 21.85 -26.30 25.76
N ILE B 251 22.34 -26.74 24.59
CA ILE B 251 22.24 -25.99 23.31
C ILE B 251 20.77 -25.98 22.88
N LEU B 252 19.90 -26.76 23.55
CA LEU B 252 18.43 -26.84 23.32
C LEU B 252 17.70 -25.95 24.34
N THR B 263 23.49 -36.97 12.63
CA THR B 263 24.54 -37.63 13.44
C THR B 263 25.83 -37.76 12.61
N ASP B 264 26.69 -38.72 12.93
CA ASP B 264 27.87 -39.13 12.12
C ASP B 264 27.41 -39.69 10.75
N ARG B 265 26.17 -40.19 10.67
CA ARG B 265 25.52 -40.67 9.42
C ARG B 265 25.17 -39.50 8.48
N GLN B 266 24.59 -38.43 9.04
CA GLN B 266 24.11 -37.23 8.31
C GLN B 266 25.30 -36.53 7.62
N LYS B 267 26.51 -36.71 8.15
CA LYS B 267 27.78 -36.19 7.56
C LYS B 267 28.01 -36.81 6.18
N LEU B 268 27.66 -38.10 6.01
CA LEU B 268 27.73 -38.81 4.71
C LEU B 268 26.61 -38.27 3.79
N GLU B 269 25.40 -38.08 4.33
CA GLU B 269 24.22 -37.53 3.59
C GLU B 269 24.65 -36.22 2.91
N THR B 270 25.16 -35.28 3.70
CA THR B 270 25.73 -33.99 3.23
C THR B 270 26.85 -34.26 2.23
N ALA B 271 27.75 -35.20 2.56
CA ALA B 271 28.91 -35.59 1.73
C ALA B 271 28.42 -35.98 0.32
N TYR B 272 27.27 -36.66 0.22
CA TYR B 272 26.63 -37.08 -1.06
C TYR B 272 26.10 -35.83 -1.80
N HIS B 273 25.30 -34.93 -1.19
CA HIS B 273 24.79 -33.68 -1.83
C HIS B 273 25.99 -32.97 -2.48
N GLU B 274 27.06 -32.77 -1.72
CA GLU B 274 28.25 -31.97 -2.16
C GLU B 274 29.10 -32.79 -3.14
N ALA B 275 29.23 -34.11 -2.94
CA ALA B 275 29.97 -35.03 -3.84
C ALA B 275 29.36 -34.94 -5.24
N GLY B 276 28.04 -35.13 -5.34
CA GLY B 276 27.26 -35.06 -6.58
C GLY B 276 27.42 -33.74 -7.29
N HIS B 277 27.26 -32.64 -6.57
CA HIS B 277 27.48 -31.25 -7.06
C HIS B 277 28.87 -31.20 -7.73
N ALA B 278 29.95 -31.46 -6.97
CA ALA B 278 31.36 -31.17 -7.35
C ALA B 278 31.83 -32.09 -8.48
N LEU B 279 31.49 -33.38 -8.40
CA LEU B 279 32.00 -34.43 -9.32
C LEU B 279 31.65 -34.05 -10.77
N LEU B 280 30.47 -33.46 -10.98
CA LEU B 280 29.90 -33.15 -12.31
C LEU B 280 30.74 -32.08 -13.03
N HIS B 281 31.51 -31.26 -12.31
CA HIS B 281 32.27 -30.10 -12.85
C HIS B 281 33.35 -30.56 -13.84
N TYR B 282 33.96 -31.72 -13.57
CA TYR B 282 35.06 -32.32 -14.37
C TYR B 282 34.52 -32.88 -15.68
N TYR B 283 33.41 -33.62 -15.59
CA TYR B 283 32.77 -34.40 -16.68
C TYR B 283 32.00 -33.48 -17.63
N LEU B 284 31.40 -32.41 -17.12
CA LEU B 284 30.64 -31.42 -17.93
C LEU B 284 31.63 -30.44 -18.58
N GLU B 285 31.52 -30.24 -19.90
CA GLU B 285 32.49 -29.45 -20.70
C GLU B 285 32.40 -27.98 -20.28
N HIS B 286 31.18 -27.42 -20.16
CA HIS B 286 30.93 -25.96 -20.02
C HIS B 286 30.91 -25.51 -18.55
N ALA B 287 31.31 -26.39 -17.61
CA ALA B 287 31.46 -26.06 -16.17
C ALA B 287 32.92 -25.70 -15.88
N ASP B 288 33.20 -25.21 -14.67
CA ASP B 288 34.59 -24.98 -14.18
C ASP B 288 34.74 -25.74 -12.87
N PRO B 289 35.77 -26.61 -12.71
CA PRO B 289 35.93 -27.39 -11.48
C PRO B 289 35.82 -26.50 -10.21
N LEU B 290 35.16 -26.99 -9.15
CA LEU B 290 34.97 -26.25 -7.87
C LEU B 290 36.35 -25.97 -7.24
N HIS B 291 36.62 -24.71 -6.85
CA HIS B 291 37.83 -24.27 -6.10
C HIS B 291 38.01 -25.12 -4.84
N LYS B 292 36.89 -25.50 -4.20
CA LYS B 292 36.84 -26.30 -2.97
C LYS B 292 35.51 -27.07 -2.92
N VAL B 293 35.47 -28.19 -2.20
CA VAL B 293 34.23 -28.96 -1.84
C VAL B 293 34.24 -29.16 -0.33
N THR B 294 33.17 -28.73 0.35
CA THR B 294 33.06 -28.73 1.84
C THR B 294 31.70 -29.32 2.25
N ILE B 295 31.58 -29.76 3.51
CA ILE B 295 30.29 -30.18 4.15
C ILE B 295 29.87 -29.15 5.22
N ILE B 296 30.36 -27.91 5.14
CA ILE B 296 29.98 -26.79 6.08
C ILE B 296 28.76 -26.01 5.52
N SER B 315 26.54 -12.94 -19.95
CA SER B 315 26.54 -13.50 -21.32
C SER B 315 26.94 -14.98 -21.29
N ILE B 316 25.94 -15.89 -21.24
CA ILE B 316 26.13 -17.35 -21.05
C ILE B 316 25.38 -18.08 -22.18
N ASN B 317 26.04 -19.09 -22.77
CA ASN B 317 25.46 -19.94 -23.85
C ASN B 317 24.47 -20.91 -23.22
N LYS B 318 23.46 -21.32 -23.99
CA LYS B 318 22.50 -22.40 -23.63
C LYS B 318 23.27 -23.58 -23.02
N HIS B 319 24.40 -23.95 -23.65
CA HIS B 319 25.19 -25.16 -23.29
C HIS B 319 25.81 -24.99 -21.90
N GLN B 320 26.20 -23.75 -21.58
CA GLN B 320 26.74 -23.37 -20.25
C GLN B 320 25.60 -23.41 -19.23
N ILE B 321 24.48 -22.75 -19.53
CA ILE B 321 23.24 -22.66 -18.67
C ILE B 321 22.85 -24.07 -18.27
N LEU B 322 22.79 -24.99 -19.24
CA LEU B 322 22.22 -26.35 -19.07
C LEU B 322 23.10 -27.15 -18.13
N ASP B 323 24.42 -27.06 -18.29
CA ASP B 323 25.41 -27.81 -17.45
C ASP B 323 25.20 -27.42 -15.98
N LYS B 324 25.00 -26.12 -15.72
CA LYS B 324 24.72 -25.59 -14.36
C LYS B 324 23.51 -26.32 -13.78
N ILE B 325 22.40 -26.30 -14.52
CA ILE B 325 21.11 -26.95 -14.12
C ILE B 325 21.41 -28.41 -13.73
N LYS B 326 22.25 -29.09 -14.52
CA LYS B 326 22.67 -30.50 -14.26
C LYS B 326 23.35 -30.54 -12.89
N ILE B 327 24.33 -29.67 -12.68
CA ILE B 327 25.15 -29.58 -11.43
C ILE B 327 24.19 -29.34 -10.25
N CYS B 328 23.25 -28.40 -10.41
CA CYS B 328 22.21 -28.11 -9.38
C CYS B 328 21.52 -29.41 -8.97
N TYR B 329 21.26 -30.28 -9.96
CA TYR B 329 20.51 -31.54 -9.69
C TYR B 329 21.48 -32.59 -9.14
N GLY B 330 22.77 -32.36 -9.37
CA GLY B 330 23.80 -33.28 -8.85
C GLY B 330 23.42 -33.90 -7.52
N GLY B 331 23.45 -33.13 -6.43
CA GLY B 331 23.22 -33.73 -5.10
C GLY B 331 21.84 -34.34 -4.99
N TYR B 332 20.89 -33.82 -5.74
CA TYR B 332 19.55 -34.44 -5.72
C TYR B 332 19.72 -35.90 -6.11
N ALA B 333 20.59 -36.14 -7.11
CA ALA B 333 20.85 -37.51 -7.60
C ALA B 333 21.63 -38.30 -6.55
N SER B 334 22.88 -37.92 -6.27
CA SER B 334 23.69 -38.72 -5.33
C SER B 334 22.84 -39.07 -4.11
N GLU B 335 21.85 -38.26 -3.82
CA GLU B 335 21.03 -38.48 -2.60
C GLU B 335 20.24 -39.77 -2.78
N GLN B 336 19.73 -40.02 -3.98
CA GLN B 336 19.01 -41.30 -4.25
C GLN B 336 20.07 -42.35 -4.58
N ILE B 337 20.94 -42.03 -5.53
CA ILE B 337 21.94 -43.04 -5.97
C ILE B 337 22.49 -43.75 -4.73
N ASN B 338 22.71 -43.02 -3.63
CA ASN B 338 23.45 -43.53 -2.44
C ASN B 338 22.47 -43.90 -1.32
N LEU B 339 21.57 -43.01 -0.93
CA LEU B 339 20.63 -43.21 0.23
C LEU B 339 19.26 -43.66 -0.29
N GLY B 340 19.02 -43.57 -1.59
CA GLY B 340 17.75 -43.99 -2.23
C GLY B 340 16.61 -43.08 -1.94
N VAL B 341 16.80 -42.14 -1.02
CA VAL B 341 15.80 -41.12 -0.60
C VAL B 341 16.38 -39.75 -0.95
N THR B 342 15.52 -38.75 -1.16
CA THR B 342 15.92 -37.32 -1.35
C THR B 342 15.72 -36.57 -0.03
N THR B 343 16.58 -35.60 0.24
CA THR B 343 16.51 -34.70 1.42
C THR B 343 15.77 -33.42 1.01
N ALA B 344 15.53 -32.52 1.98
CA ALA B 344 14.92 -31.18 1.78
C ALA B 344 15.98 -30.16 1.34
N GLY B 345 17.26 -30.47 1.56
CA GLY B 345 18.43 -29.63 1.27
C GLY B 345 18.63 -29.34 -0.21
N VAL B 346 17.78 -29.91 -1.05
CA VAL B 346 17.78 -29.72 -2.53
C VAL B 346 17.10 -28.38 -2.85
N GLN B 347 16.24 -27.88 -1.95
CA GLN B 347 15.33 -26.73 -2.18
C GLN B 347 16.02 -25.67 -3.07
N ASN B 348 17.09 -25.06 -2.55
CA ASN B 348 17.79 -23.95 -3.23
C ASN B 348 18.37 -24.48 -4.53
N ASP B 349 18.93 -25.71 -4.49
CA ASP B 349 19.51 -26.41 -5.66
C ASP B 349 18.40 -26.49 -6.74
N LEU B 350 17.17 -26.91 -6.37
CA LEU B 350 16.00 -27.06 -7.29
C LEU B 350 15.58 -25.68 -7.78
N MET B 351 15.40 -24.77 -6.84
CA MET B 351 14.96 -23.37 -7.09
C MET B 351 15.86 -22.72 -8.15
N GLN B 352 17.18 -22.88 -8.02
CA GLN B 352 18.13 -22.18 -8.93
C GLN B 352 18.03 -22.81 -10.32
N ALA B 353 18.06 -24.15 -10.40
CA ALA B 353 17.83 -24.94 -11.62
C ALA B 353 16.58 -24.41 -12.34
N THR B 354 15.44 -24.44 -11.64
CA THR B 354 14.10 -24.02 -12.16
C THR B 354 14.15 -22.57 -12.68
N SER B 355 14.81 -21.68 -11.96
CA SER B 355 14.98 -20.26 -12.36
C SER B 355 15.66 -20.20 -13.73
N LEU B 356 16.82 -20.84 -13.86
CA LEU B 356 17.63 -20.88 -15.11
C LEU B 356 16.77 -21.41 -16.25
N ALA B 357 16.10 -22.54 -15.98
CA ALA B 357 15.13 -23.19 -16.88
C ALA B 357 14.11 -22.16 -17.36
N LYS B 358 13.40 -21.51 -16.43
CA LYS B 358 12.36 -20.49 -16.73
C LYS B 358 12.97 -19.39 -17.58
N LYS B 359 14.21 -18.98 -17.26
CA LYS B 359 14.90 -17.84 -17.92
C LYS B 359 15.17 -18.22 -19.37
N MET B 360 15.67 -19.44 -19.60
CA MET B 360 15.90 -20.04 -20.93
C MET B 360 14.65 -19.86 -21.81
N VAL B 361 13.51 -20.32 -21.28
CA VAL B 361 12.20 -20.34 -22.00
C VAL B 361 11.67 -18.91 -22.20
N THR B 362 11.47 -18.17 -21.10
CA THR B 362 10.69 -16.89 -21.01
C THR B 362 11.49 -15.70 -21.55
N GLU B 363 12.70 -15.49 -21.02
CA GLU B 363 13.49 -14.25 -21.23
C GLU B 363 14.51 -14.40 -22.35
N TRP B 364 15.29 -15.50 -22.36
CA TRP B 364 16.48 -15.68 -23.24
C TRP B 364 16.10 -16.26 -24.61
N GLY B 365 14.85 -16.69 -24.80
CA GLY B 365 14.33 -17.28 -26.04
C GLY B 365 15.06 -18.55 -26.45
N MET B 366 15.50 -19.36 -25.47
CA MET B 366 16.27 -20.63 -25.67
C MET B 366 15.33 -21.84 -25.64
N GLY B 367 14.01 -21.59 -25.67
CA GLY B 367 12.95 -22.62 -25.68
C GLY B 367 12.59 -23.01 -27.11
N GLU B 368 12.58 -24.32 -27.38
CA GLU B 368 12.26 -24.89 -28.73
C GLU B 368 10.80 -24.55 -29.06
N GLU B 369 9.87 -25.00 -28.21
CA GLU B 369 8.41 -24.91 -28.43
C GLU B 369 7.93 -23.46 -28.23
N VAL B 370 8.31 -22.85 -27.11
CA VAL B 370 7.79 -21.52 -26.67
C VAL B 370 8.22 -20.44 -27.67
N GLY B 371 9.48 -20.47 -28.12
CA GLY B 371 9.98 -19.60 -29.20
C GLY B 371 10.79 -18.42 -28.66
N PRO B 372 11.20 -17.48 -29.56
CA PRO B 372 12.04 -16.34 -29.21
C PRO B 372 11.17 -15.14 -28.78
N ILE B 373 10.39 -15.37 -27.73
CA ILE B 373 9.39 -14.40 -27.22
C ILE B 373 9.70 -14.15 -25.73
N PHE B 374 9.47 -12.90 -25.29
CA PHE B 374 9.71 -12.40 -23.91
C PHE B 374 8.40 -12.43 -23.14
N LEU B 375 8.26 -13.34 -22.18
CA LEU B 375 6.95 -13.61 -21.54
C LEU B 375 7.02 -13.22 -20.07
N VAL B 376 7.41 -11.97 -19.77
CA VAL B 376 7.54 -11.47 -18.36
C VAL B 376 6.98 -10.03 -18.28
N ALA B 393 1.35 -11.53 -17.74
CA ALA B 393 0.08 -12.19 -18.07
C ALA B 393 0.05 -12.54 -19.57
N TYR B 394 -0.31 -13.80 -19.79
CA TYR B 394 -0.48 -14.45 -21.11
C TYR B 394 -1.53 -15.55 -20.96
N SER B 395 -2.00 -16.11 -22.08
CA SER B 395 -3.02 -17.19 -22.15
C SER B 395 -2.57 -18.38 -21.30
N GLU B 396 -3.52 -19.17 -20.81
CA GLU B 396 -3.26 -20.42 -20.04
C GLU B 396 -2.55 -21.41 -20.99
N ASN B 397 -2.96 -21.43 -22.25
CA ASN B 397 -2.37 -22.28 -23.32
C ASN B 397 -0.87 -21.93 -23.37
N THR B 398 -0.55 -20.65 -23.46
CA THR B 398 0.85 -20.10 -23.47
C THR B 398 1.58 -20.53 -22.18
N ALA B 399 0.88 -20.56 -21.05
CA ALA B 399 1.43 -20.94 -19.72
C ALA B 399 1.89 -22.38 -19.74
N ASP B 400 0.96 -23.28 -20.12
CA ASP B 400 1.18 -24.76 -20.19
C ASP B 400 2.42 -25.06 -21.03
N LYS B 401 2.60 -24.35 -22.16
CA LYS B 401 3.81 -24.39 -23.03
C LYS B 401 5.08 -24.18 -22.20
N VAL B 402 5.12 -23.10 -21.41
CA VAL B 402 6.30 -22.71 -20.56
C VAL B 402 6.53 -23.82 -19.54
N ASP B 403 5.52 -24.12 -18.70
CA ASP B 403 5.60 -25.14 -17.62
C ASP B 403 6.13 -26.46 -18.16
N ARG B 404 5.72 -26.82 -19.39
CA ARG B 404 6.04 -28.10 -20.06
C ARG B 404 7.50 -28.08 -20.54
N GLU B 405 7.91 -27.06 -21.28
CA GLU B 405 9.31 -26.89 -21.77
C GLU B 405 10.29 -26.79 -20.60
N VAL B 406 9.92 -26.04 -19.55
CA VAL B 406 10.69 -25.92 -18.27
C VAL B 406 10.86 -27.32 -17.70
N LYS B 407 9.77 -28.10 -17.61
CA LYS B 407 9.80 -29.47 -17.02
C LYS B 407 10.78 -30.33 -17.81
N ARG B 408 10.62 -30.37 -19.14
CA ARG B 408 11.54 -31.08 -20.06
C ARG B 408 12.97 -30.68 -19.73
N ILE B 409 13.36 -29.43 -20.02
CA ILE B 409 14.75 -28.90 -19.84
C ILE B 409 15.30 -29.40 -18.50
N LEU B 410 14.52 -29.31 -17.43
CA LEU B 410 14.95 -29.76 -16.09
C LEU B 410 15.11 -31.28 -16.08
N GLU B 411 14.05 -32.01 -16.45
CA GLU B 411 14.02 -33.51 -16.43
C GLU B 411 15.21 -34.04 -17.25
N GLU B 412 15.53 -33.41 -18.37
CA GLU B 412 16.70 -33.74 -19.21
C GLU B 412 17.97 -33.58 -18.39
N CYS B 413 18.21 -32.38 -17.92
CA CYS B 413 19.44 -32.01 -17.17
C CYS B 413 19.62 -32.95 -15.97
N LEU B 414 18.54 -33.36 -15.30
CA LEU B 414 18.61 -34.29 -14.14
C LEU B 414 19.12 -35.64 -14.64
N LYS B 415 18.54 -36.15 -15.74
CA LYS B 415 18.94 -37.43 -16.39
C LYS B 415 20.47 -37.36 -16.62
N GLU B 416 20.94 -36.50 -17.55
CA GLU B 416 22.39 -36.35 -17.89
C GLU B 416 23.21 -36.43 -16.60
N ALA B 417 22.76 -35.77 -15.54
CA ALA B 417 23.38 -35.74 -14.19
C ALA B 417 23.30 -37.12 -13.54
N SER B 418 22.10 -37.65 -13.33
CA SER B 418 21.88 -38.98 -12.68
C SER B 418 22.71 -40.04 -13.37
N ASP B 419 22.74 -40.04 -14.71
CA ASP B 419 23.50 -40.98 -15.57
C ASP B 419 24.99 -40.88 -15.22
N ILE B 420 25.58 -39.70 -15.38
CA ILE B 420 27.03 -39.42 -15.12
C ILE B 420 27.42 -39.96 -13.74
N LEU B 421 26.66 -39.63 -12.71
CA LEU B 421 26.97 -40.01 -11.29
C LEU B 421 26.86 -41.52 -11.13
N LEU B 422 25.94 -42.18 -11.85
CA LEU B 422 25.72 -43.65 -11.80
C LEU B 422 26.99 -44.38 -12.25
N LYS B 423 27.56 -43.96 -13.39
CA LYS B 423 28.82 -44.52 -13.97
C LYS B 423 29.94 -44.37 -12.93
N HIS B 424 30.25 -43.12 -12.57
CA HIS B 424 31.39 -42.76 -11.68
C HIS B 424 30.97 -42.87 -10.21
N LYS B 425 29.90 -43.61 -9.90
CA LYS B 425 29.37 -43.77 -8.53
C LYS B 425 30.51 -44.08 -7.55
N ASP B 426 31.40 -44.98 -7.90
CA ASP B 426 32.61 -45.39 -7.11
C ASP B 426 33.46 -44.15 -6.80
N GLN B 427 33.65 -43.25 -7.78
CA GLN B 427 34.41 -41.98 -7.61
C GLN B 427 33.68 -41.02 -6.65
N LEU B 428 32.35 -40.93 -6.78
CA LEU B 428 31.45 -40.12 -5.92
C LEU B 428 31.48 -40.67 -4.49
N VAL B 429 31.30 -41.98 -4.31
CA VAL B 429 31.31 -42.61 -2.95
C VAL B 429 32.70 -42.41 -2.31
N LYS B 430 33.76 -42.26 -3.13
CA LYS B 430 35.13 -41.91 -2.66
C LYS B 430 35.07 -40.57 -1.94
N LEU B 431 34.59 -39.52 -2.62
CA LEU B 431 34.49 -38.14 -2.05
C LEU B 431 33.73 -38.20 -0.73
N ALA B 432 32.57 -38.87 -0.69
CA ALA B 432 31.72 -38.94 0.53
C ALA B 432 32.59 -39.10 1.79
N LYS B 433 33.21 -40.26 1.96
CA LYS B 433 34.06 -40.60 3.14
C LYS B 433 35.22 -39.61 3.26
N GLU B 434 35.90 -39.30 2.16
CA GLU B 434 37.00 -38.29 2.12
C GLU B 434 36.48 -36.96 2.67
N LEU B 435 35.25 -36.57 2.34
CA LEU B 435 34.59 -35.33 2.88
C LEU B 435 34.36 -35.53 4.38
N VAL B 436 33.80 -36.67 4.79
CA VAL B 436 33.56 -36.99 6.23
C VAL B 436 34.91 -36.93 6.96
N LEU B 437 36.02 -37.03 6.22
CA LEU B 437 37.41 -36.99 6.75
C LEU B 437 37.94 -35.56 6.70
N LYS B 438 38.23 -35.04 5.49
CA LYS B 438 38.91 -33.72 5.33
C LYS B 438 37.88 -32.60 5.55
N GLU B 439 36.58 -32.90 5.45
CA GLU B 439 35.46 -31.93 5.57
C GLU B 439 35.51 -30.95 4.40
N THR B 440 36.71 -30.66 3.87
CA THR B 440 36.92 -29.74 2.74
C THR B 440 38.16 -30.18 1.94
N LEU B 441 38.11 -30.04 0.61
CA LEU B 441 39.24 -30.38 -0.29
C LEU B 441 39.07 -29.66 -1.63
N THR B 442 40.09 -29.67 -2.49
CA THR B 442 40.13 -28.88 -3.76
C THR B 442 39.81 -29.82 -4.95
N ILE C 8 9.71 -11.10 45.73
CA ILE C 8 8.92 -12.15 46.40
C ILE C 8 9.80 -13.40 46.64
N THR C 9 9.17 -14.51 47.05
CA THR C 9 9.83 -15.83 47.31
C THR C 9 9.45 -16.80 46.19
N PHE C 10 10.25 -17.87 46.01
CA PHE C 10 9.92 -19.01 45.11
C PHE C 10 8.76 -19.80 45.72
N LYS C 11 8.51 -19.60 47.02
CA LYS C 11 7.39 -20.23 47.77
C LYS C 11 6.06 -19.58 47.34
N ASP C 12 6.09 -18.38 46.74
CA ASP C 12 4.90 -17.68 46.20
C ASP C 12 4.47 -18.29 44.86
N VAL C 13 5.39 -19.01 44.20
CA VAL C 13 5.17 -19.69 42.88
C VAL C 13 4.96 -21.18 43.12
N ALA C 14 4.06 -21.82 42.38
CA ALA C 14 3.73 -23.23 42.66
C ALA C 14 3.90 -24.09 41.40
N GLY C 15 4.16 -25.39 41.57
CA GLY C 15 4.24 -26.32 40.43
C GLY C 15 5.20 -25.83 39.36
N GLN C 16 6.43 -25.54 39.73
CA GLN C 16 7.44 -25.15 38.69
C GLN C 16 8.81 -25.66 39.11
N GLU C 17 8.85 -26.54 40.12
CA GLU C 17 10.15 -27.04 40.62
C GLU C 17 11.15 -27.04 39.48
N GLU C 18 10.80 -27.68 38.37
CA GLU C 18 11.82 -27.82 37.28
C GLU C 18 12.26 -26.40 36.83
N VAL C 19 11.31 -25.56 36.43
CA VAL C 19 11.55 -24.12 36.06
C VAL C 19 12.29 -23.45 37.23
N LYS C 20 11.79 -23.63 38.46
CA LYS C 20 12.41 -23.07 39.70
C LYS C 20 13.92 -23.41 39.72
N GLN C 21 14.27 -24.71 39.66
CA GLN C 21 15.68 -25.21 39.68
C GLN C 21 16.43 -24.64 38.47
N GLU C 22 15.76 -24.47 37.32
CA GLU C 22 16.34 -23.86 36.08
C GLU C 22 16.75 -22.41 36.37
N LEU C 23 15.93 -21.67 37.14
CA LEU C 23 16.15 -20.24 37.49
C LEU C 23 17.21 -20.11 38.61
N ARG C 24 17.38 -21.14 39.44
CA ARG C 24 18.31 -21.14 40.60
C ARG C 24 19.72 -20.75 40.13
N GLU C 25 20.25 -21.40 39.08
CA GLU C 25 21.59 -21.13 38.49
C GLU C 25 21.79 -19.61 38.31
N VAL C 26 20.71 -18.87 38.00
CA VAL C 26 20.71 -17.38 37.89
C VAL C 26 20.80 -16.80 39.31
N VAL C 27 19.86 -17.18 40.18
CA VAL C 27 19.82 -16.77 41.62
C VAL C 27 21.24 -16.96 42.20
N GLU C 28 21.78 -18.17 42.08
CA GLU C 28 23.11 -18.57 42.61
C GLU C 28 24.19 -17.64 42.07
N PHE C 29 24.12 -17.25 40.78
CA PHE C 29 25.07 -16.29 40.16
C PHE C 29 25.03 -14.96 40.92
N LEU C 30 23.86 -14.34 41.01
CA LEU C 30 23.65 -12.97 41.58
C LEU C 30 24.22 -12.91 43.01
N LYS C 31 24.02 -13.98 43.80
CA LYS C 31 24.50 -14.12 45.19
C LYS C 31 26.03 -14.11 45.20
N ASN C 32 26.67 -15.11 44.59
CA ASN C 32 28.14 -15.36 44.67
C ASN C 32 28.74 -15.42 43.27
N PRO C 33 28.84 -14.29 42.54
CA PRO C 33 29.42 -14.27 41.19
C PRO C 33 30.87 -14.77 41.13
N LYS C 34 31.59 -14.62 42.24
CA LYS C 34 33.05 -14.95 42.37
C LYS C 34 33.28 -16.41 41.95
N LYS C 35 32.44 -17.37 42.40
CA LYS C 35 32.69 -18.82 42.12
C LYS C 35 32.76 -19.03 40.60
N PHE C 36 31.94 -18.27 39.86
CA PHE C 36 31.83 -18.32 38.37
C PHE C 36 32.99 -17.49 37.78
N GLU C 37 33.40 -16.42 38.47
CA GLU C 37 34.54 -15.56 38.09
C GLU C 37 35.86 -16.31 38.35
N LYS C 38 35.86 -17.25 39.31
CA LYS C 38 37.08 -18.02 39.74
C LYS C 38 37.69 -18.75 38.55
N ILE C 39 36.91 -19.65 37.93
CA ILE C 39 37.30 -20.53 36.80
C ILE C 39 37.38 -19.70 35.52
N GLY C 40 36.99 -18.41 35.56
CA GLY C 40 36.94 -17.54 34.38
C GLY C 40 35.83 -17.99 33.42
N ALA C 41 34.60 -18.08 33.94
CA ALA C 41 33.36 -18.46 33.22
C ALA C 41 32.44 -17.23 33.11
N LYS C 42 32.16 -16.78 31.87
CA LYS C 42 31.26 -15.63 31.60
C LYS C 42 29.83 -16.04 32.03
N ILE C 43 29.13 -15.15 32.75
CA ILE C 43 27.75 -15.40 33.25
C ILE C 43 26.77 -14.95 32.17
N PRO C 44 25.65 -15.68 31.96
CA PRO C 44 24.65 -15.22 31.00
C PRO C 44 24.12 -13.83 31.42
N LYS C 45 24.12 -12.87 30.48
CA LYS C 45 23.61 -11.50 30.75
C LYS C 45 22.08 -11.50 30.58
N GLY C 46 21.54 -12.34 29.69
CA GLY C 46 20.10 -12.40 29.34
C GLY C 46 19.49 -13.79 29.52
N VAL C 47 18.27 -13.85 30.07
CA VAL C 47 17.46 -15.07 30.29
C VAL C 47 16.02 -14.74 29.89
N LEU C 48 15.46 -15.51 28.95
CA LEU C 48 14.12 -15.26 28.36
C LEU C 48 13.13 -16.29 28.90
N LEU C 49 11.98 -15.84 29.41
CA LEU C 49 10.86 -16.70 29.88
C LEU C 49 9.75 -16.68 28.81
N VAL C 50 9.42 -17.86 28.26
CA VAL C 50 8.40 -18.07 27.19
C VAL C 50 7.20 -18.82 27.79
N GLY C 51 5.99 -18.29 27.60
CA GLY C 51 4.77 -18.83 28.23
C GLY C 51 3.54 -18.00 27.89
N SER C 52 2.35 -18.60 28.01
CA SER C 52 1.03 -17.98 27.73
C SER C 52 0.76 -16.93 28.80
N PRO C 53 -0.26 -16.04 28.62
CA PRO C 53 -0.60 -15.05 29.64
C PRO C 53 -1.21 -15.67 30.90
N GLY C 54 -0.75 -15.23 32.08
CA GLY C 54 -1.22 -15.71 33.40
C GLY C 54 -0.30 -16.78 33.97
N THR C 55 0.65 -17.28 33.19
CA THR C 55 1.69 -18.26 33.63
C THR C 55 2.59 -17.57 34.67
N GLY C 56 2.36 -16.27 34.93
CA GLY C 56 3.05 -15.47 35.96
C GLY C 56 4.53 -15.46 35.70
N LYS C 57 4.92 -15.18 34.45
CA LYS C 57 6.34 -15.08 34.04
C LYS C 57 6.99 -13.98 34.87
N THR C 58 6.24 -12.90 35.12
CA THR C 58 6.62 -11.76 36.00
C THR C 58 6.93 -12.25 37.41
N LEU C 59 5.99 -13.01 37.99
CA LEU C 59 6.10 -13.55 39.37
C LEU C 59 7.48 -14.18 39.60
N LEU C 60 7.88 -15.11 38.71
CA LEU C 60 9.14 -15.89 38.80
C LEU C 60 10.35 -14.93 38.80
N ALA C 61 10.33 -13.93 37.91
CA ALA C 61 11.39 -12.91 37.74
C ALA C 61 11.64 -12.20 39.07
N LYS C 62 10.58 -11.73 39.73
CA LYS C 62 10.61 -11.09 41.08
C LYS C 62 11.27 -12.05 42.05
N ALA C 63 10.68 -13.25 42.18
CA ALA C 63 11.10 -14.35 43.09
C ALA C 63 12.60 -14.62 42.91
N VAL C 64 13.11 -14.63 41.67
CA VAL C 64 14.55 -14.85 41.37
C VAL C 64 15.35 -13.84 42.18
N ALA C 65 15.05 -12.55 42.01
CA ALA C 65 15.67 -11.42 42.75
C ALA C 65 15.46 -11.62 44.25
N GLY C 66 14.22 -11.96 44.66
CA GLY C 66 13.84 -12.25 46.05
C GLY C 66 14.79 -13.25 46.70
N GLU C 67 14.80 -14.49 46.19
CA GLU C 67 15.67 -15.58 46.70
C GLU C 67 17.14 -15.16 46.66
N ALA C 68 17.51 -14.21 45.79
CA ALA C 68 18.89 -13.66 45.64
C ALA C 68 19.06 -12.35 46.42
N GLY C 69 18.00 -11.83 47.05
CA GLY C 69 17.97 -10.49 47.69
C GLY C 69 18.64 -9.45 46.80
N VAL C 70 18.16 -9.32 45.56
CA VAL C 70 18.75 -8.46 44.49
C VAL C 70 17.70 -7.41 44.09
N SER C 71 18.17 -6.25 43.59
CA SER C 71 17.30 -5.13 43.15
C SER C 71 16.48 -5.57 41.93
N PHE C 72 15.21 -5.12 41.84
CA PHE C 72 14.26 -5.50 40.75
C PHE C 72 13.75 -4.24 40.04
N PHE C 73 13.98 -4.15 38.73
CA PHE C 73 13.56 -3.02 37.86
C PHE C 73 12.63 -3.55 36.75
N HIS C 74 11.31 -3.50 36.98
CA HIS C 74 10.28 -3.88 35.99
C HIS C 74 10.15 -2.77 34.94
N MET C 75 10.30 -3.14 33.66
CA MET C 75 10.09 -2.24 32.48
C MET C 75 9.33 -3.02 31.40
N SER C 76 8.23 -2.48 30.87
CA SER C 76 7.39 -3.14 29.83
C SER C 76 7.82 -2.64 28.45
N GLY C 77 7.77 -3.51 27.44
CA GLY C 77 8.08 -3.17 26.04
C GLY C 77 7.20 -2.05 25.53
N SER C 78 5.93 -2.02 25.97
CA SER C 78 4.92 -0.97 25.65
C SER C 78 5.47 0.43 26.02
N ASP C 79 6.18 0.53 27.15
CA ASP C 79 6.77 1.80 27.63
C ASP C 79 7.74 2.33 26.58
N PHE C 80 8.85 1.63 26.34
CA PHE C 80 9.94 2.08 25.41
C PHE C 80 9.36 2.31 24.00
N MET C 83 7.32 5.96 21.87
CA MET C 83 8.06 7.19 22.30
C MET C 83 8.53 7.94 21.04
N PHE C 84 8.54 9.28 21.09
CA PHE C 84 8.78 10.20 19.95
C PHE C 84 9.95 9.70 19.07
N VAL C 85 11.18 10.08 19.40
CA VAL C 85 12.43 9.68 18.68
C VAL C 85 13.56 9.55 19.70
N GLY C 86 14.14 8.35 19.81
CA GLY C 86 15.26 8.04 20.72
C GLY C 86 14.84 8.07 22.19
N VAL C 87 13.66 8.60 22.52
CA VAL C 87 13.16 8.74 23.93
C VAL C 87 13.18 7.35 24.58
N GLY C 88 12.60 6.36 23.89
CA GLY C 88 12.57 4.94 24.31
C GLY C 88 13.99 4.42 24.57
N ALA C 89 14.88 4.61 23.59
CA ALA C 89 16.32 4.26 23.68
C ALA C 89 16.94 4.95 24.90
N SER C 90 16.62 6.23 25.11
CA SER C 90 17.06 7.02 26.30
C SER C 90 16.58 6.31 27.56
N ARG C 91 15.31 5.90 27.58
CA ARG C 91 14.70 5.16 28.71
C ARG C 91 15.43 3.84 28.91
N VAL C 92 15.71 3.13 27.80
CA VAL C 92 16.54 1.88 27.80
C VAL C 92 17.86 2.18 28.52
N ARG C 93 18.67 3.08 27.96
CA ARG C 93 19.98 3.50 28.54
C ARG C 93 19.77 3.91 30.00
N ASP C 94 18.88 4.87 30.23
CA ASP C 94 18.53 5.43 31.57
C ASP C 94 18.36 4.26 32.56
N LEU C 95 17.42 3.35 32.26
CA LEU C 95 17.12 2.14 33.08
C LEU C 95 18.42 1.38 33.37
N PHE C 96 19.22 1.09 32.35
CA PHE C 96 20.48 0.27 32.45
C PHE C 96 21.53 1.02 33.26
N ASP C 97 21.61 2.34 33.10
CA ASP C 97 22.53 3.23 33.86
C ASP C 97 22.19 3.09 35.36
N ASN C 98 20.93 3.33 35.75
CA ASN C 98 20.47 3.23 37.16
C ASN C 98 20.56 1.77 37.63
N ALA C 99 20.23 0.83 36.74
CA ALA C 99 20.29 -0.64 36.97
C ALA C 99 21.73 -1.05 37.31
N ARG C 100 22.71 -0.57 36.53
CA ARG C 100 24.16 -0.81 36.79
C ARG C 100 24.51 -0.33 38.21
N LYS C 101 23.88 0.78 38.66
CA LYS C 101 24.10 1.43 39.98
C LYS C 101 23.68 0.48 41.12
N ASN C 102 22.63 -0.33 40.92
CA ASN C 102 22.06 -1.25 41.93
C ASN C 102 22.52 -2.70 41.67
N SER C 103 23.57 -2.89 40.86
CA SER C 103 24.17 -4.22 40.53
C SER C 103 24.64 -4.90 41.82
N PRO C 104 24.44 -6.22 42.02
CA PRO C 104 23.69 -7.08 41.10
C PRO C 104 22.18 -6.75 41.16
N CYS C 105 21.62 -6.41 40.00
CA CYS C 105 20.19 -6.05 39.83
C CYS C 105 19.60 -6.96 38.75
N ILE C 106 18.28 -7.11 38.74
CA ILE C 106 17.52 -7.81 37.66
C ILE C 106 16.62 -6.77 36.98
N ILE C 107 16.71 -6.69 35.65
CA ILE C 107 15.75 -5.92 34.80
C ILE C 107 14.77 -6.92 34.19
N PHE C 108 13.46 -6.69 34.36
CA PHE C 108 12.38 -7.48 33.73
C PHE C 108 11.78 -6.68 32.58
N ILE C 109 11.82 -7.25 31.37
CA ILE C 109 11.25 -6.65 30.11
C ILE C 109 10.04 -7.48 29.67
N ASP C 110 8.88 -7.26 30.30
CA ASP C 110 7.57 -7.85 29.92
C ASP C 110 7.25 -7.46 28.47
N GLU C 111 6.52 -8.32 27.75
CA GLU C 111 6.15 -8.14 26.32
C GLU C 111 7.40 -7.73 25.52
N LEU C 112 8.51 -8.47 25.62
CA LEU C 112 9.74 -8.22 24.81
C LEU C 112 9.35 -8.17 23.33
N ASP C 113 8.31 -8.93 22.94
CA ASP C 113 7.70 -8.88 21.58
C ASP C 113 7.46 -7.42 21.16
N ALA C 114 7.00 -6.56 22.09
CA ALA C 114 6.66 -5.14 21.84
C ALA C 114 7.88 -4.39 21.28
N VAL C 115 9.08 -4.64 21.80
CA VAL C 115 10.34 -3.96 21.35
C VAL C 115 11.16 -4.90 20.45
N GLY C 116 10.73 -6.15 20.24
CA GLY C 116 11.45 -7.21 19.49
C GLY C 116 10.71 -7.65 18.24
N HIS C 127 11.54 0.13 10.34
CA HIS C 127 10.23 -0.24 10.94
C HIS C 127 9.68 0.94 11.76
N ASP C 128 10.33 1.30 12.88
CA ASP C 128 9.98 2.47 13.72
C ASP C 128 11.13 2.71 14.73
N GLU C 129 10.84 3.49 15.77
CA GLU C 129 11.74 3.83 16.87
C GLU C 129 12.15 2.57 17.62
N ARG C 130 11.27 1.56 17.73
CA ARG C 130 11.57 0.22 18.32
C ARG C 130 12.93 -0.28 17.81
N GLU C 131 13.17 -0.20 16.49
CA GLU C 131 14.41 -0.68 15.83
C GLU C 131 15.63 -0.21 16.63
N GLN C 132 15.80 1.12 16.76
CA GLN C 132 16.92 1.76 17.49
C GLN C 132 16.76 1.52 19.00
N THR C 133 15.51 1.46 19.50
CA THR C 133 15.19 1.12 20.91
C THR C 133 15.73 -0.28 21.21
N LEU C 134 15.35 -1.24 20.36
CA LEU C 134 15.91 -2.62 20.34
C LEU C 134 17.43 -2.53 20.25
N ASN C 135 17.94 -1.88 19.19
CA ASN C 135 19.40 -1.66 19.00
C ASN C 135 20.00 -1.22 20.34
N GLN C 136 19.39 -0.21 20.97
CA GLN C 136 19.84 0.28 22.30
C GLN C 136 19.77 -0.89 23.30
N LEU C 137 18.64 -1.61 23.35
CA LEU C 137 18.47 -2.79 24.24
C LEU C 137 19.68 -3.72 24.02
N LEU C 138 19.93 -4.11 22.77
CA LEU C 138 21.07 -4.98 22.35
C LEU C 138 22.38 -4.32 22.81
N VAL C 139 22.56 -3.06 22.41
CA VAL C 139 23.75 -2.21 22.74
C VAL C 139 24.03 -2.33 24.25
N GLU C 140 23.05 -2.01 25.09
CA GLU C 140 23.18 -1.97 26.58
C GLU C 140 23.55 -3.36 27.13
N MET C 141 22.88 -4.41 26.63
CA MET C 141 23.12 -5.81 27.09
C MET C 141 24.59 -6.18 26.85
N ASP C 142 25.12 -5.79 25.68
CA ASP C 142 26.53 -6.05 25.26
C ASP C 142 27.51 -5.43 26.28
N GLY C 143 27.11 -4.31 26.90
CA GLY C 143 27.90 -3.64 27.97
C GLY C 143 28.29 -4.65 29.02
N VAL C 150 24.50 -7.33 36.47
CA VAL C 150 23.13 -7.04 35.96
C VAL C 150 22.69 -8.14 34.99
N ILE C 151 21.62 -8.86 35.33
CA ILE C 151 20.97 -9.89 34.48
C ILE C 151 19.61 -9.38 34.02
N VAL C 152 19.40 -9.28 32.71
CA VAL C 152 18.10 -8.91 32.08
C VAL C 152 17.24 -10.18 31.99
N MET C 153 16.01 -10.11 32.49
CA MET C 153 14.97 -11.16 32.33
C MET C 153 13.86 -10.58 31.44
N ALA C 154 13.34 -11.38 30.51
CA ALA C 154 12.30 -10.99 29.54
C ALA C 154 11.21 -12.07 29.47
N ALA C 155 9.99 -11.67 29.15
CA ALA C 155 8.78 -12.53 29.05
C ALA C 155 8.06 -12.23 27.74
N THR C 156 7.88 -13.24 26.89
CA THR C 156 7.19 -13.12 25.59
C THR C 156 6.14 -14.23 25.50
N ASN C 157 4.88 -13.86 25.22
CA ASN C 157 3.78 -14.80 24.89
C ASN C 157 3.97 -15.28 23.44
N ARG C 158 4.50 -14.42 22.58
CA ARG C 158 4.71 -14.70 21.13
C ARG C 158 6.20 -14.59 20.78
N PRO C 159 7.01 -15.67 20.98
CA PRO C 159 8.46 -15.61 20.78
C PRO C 159 8.95 -15.63 19.33
N ASP C 160 8.20 -16.24 18.40
CA ASP C 160 8.56 -16.31 16.95
C ASP C 160 8.59 -14.90 16.33
N VAL C 161 7.95 -13.91 16.94
CA VAL C 161 7.97 -12.48 16.48
C VAL C 161 9.38 -11.89 16.67
N LEU C 162 10.17 -12.48 17.57
CA LEU C 162 11.47 -11.91 18.06
C LEU C 162 12.54 -12.05 16.98
N ASP C 163 13.32 -10.99 16.78
CA ASP C 163 14.54 -10.96 15.93
C ASP C 163 15.54 -11.97 16.49
N SER C 164 16.22 -12.74 15.62
CA SER C 164 17.24 -13.77 15.98
C SER C 164 18.35 -13.14 16.82
N ALA C 165 18.71 -11.88 16.54
CA ALA C 165 19.74 -11.07 17.26
C ALA C 165 19.53 -11.17 18.77
N LEU C 166 18.28 -11.14 19.23
CA LEU C 166 17.90 -11.18 20.68
C LEU C 166 18.47 -12.43 21.36
N LEU C 167 18.60 -13.54 20.62
CA LEU C 167 18.93 -14.89 21.16
C LEU C 167 20.43 -15.18 21.04
N ARG C 168 21.23 -14.28 20.44
CA ARG C 168 22.69 -14.46 20.19
C ARG C 168 23.42 -14.71 21.51
N PRO C 169 24.69 -15.20 21.52
CA PRO C 169 25.40 -15.50 22.76
C PRO C 169 25.50 -14.28 23.69
N GLY C 170 25.36 -14.49 25.01
CA GLY C 170 25.28 -13.40 26.01
C GLY C 170 23.88 -12.83 26.12
N ARG C 171 23.37 -12.23 25.03
CA ARG C 171 22.03 -11.58 24.98
C ARG C 171 20.95 -12.66 24.89
N PHE C 172 20.05 -12.74 25.86
CA PHE C 172 18.96 -13.75 25.96
C PHE C 172 19.38 -15.10 25.37
N ASP C 173 20.60 -15.55 25.70
CA ASP C 173 21.19 -16.84 25.25
C ASP C 173 20.48 -17.99 25.98
N ARG C 174 20.07 -17.75 27.23
CA ARG C 174 19.23 -18.69 28.03
C ARG C 174 17.75 -18.47 27.68
N GLN C 175 16.99 -19.56 27.59
CA GLN C 175 15.52 -19.55 27.36
C GLN C 175 14.90 -20.58 28.32
N VAL C 176 13.88 -20.18 29.08
CA VAL C 176 13.13 -21.07 30.01
C VAL C 176 11.64 -21.01 29.65
N THR C 177 11.01 -22.16 29.45
CA THR C 177 9.60 -22.27 29.03
C THR C 177 8.72 -22.53 30.27
N VAL C 178 7.67 -21.71 30.46
CA VAL C 178 6.69 -21.82 31.57
C VAL C 178 5.37 -22.37 31.02
N SER C 179 4.90 -23.50 31.57
CA SER C 179 3.72 -24.26 31.09
C SER C 179 2.51 -23.89 31.93
N LEU C 180 1.32 -23.85 31.31
CA LEU C 180 0.04 -23.75 32.04
C LEU C 180 0.05 -24.79 33.16
N PRO C 181 -0.48 -24.46 34.36
CA PRO C 181 -0.37 -25.36 35.51
C PRO C 181 -1.13 -26.67 35.25
N ASP C 182 -0.56 -27.79 35.67
CA ASP C 182 -1.23 -29.12 35.69
C ASP C 182 -2.20 -29.13 36.88
N ILE C 183 -2.97 -30.21 37.02
CA ILE C 183 -3.94 -30.45 38.14
C ILE C 183 -3.26 -30.19 39.50
N LYS C 184 -2.03 -30.70 39.70
CA LYS C 184 -1.28 -30.60 40.99
C LYS C 184 -0.91 -29.13 41.25
N GLU C 185 -0.27 -28.49 40.27
CA GLU C 185 0.14 -27.05 40.30
C GLU C 185 -1.10 -26.18 40.51
N ARG C 186 -2.22 -26.49 39.81
CA ARG C 186 -3.52 -25.77 39.94
C ARG C 186 -3.97 -25.74 41.41
N GLU C 187 -4.21 -26.90 42.01
CA GLU C 187 -4.63 -27.04 43.45
C GLU C 187 -3.67 -26.25 44.33
N ALA C 188 -2.36 -26.49 44.18
CA ALA C 188 -1.26 -25.79 44.89
C ALA C 188 -1.44 -24.27 44.78
N ILE C 189 -1.65 -23.76 43.57
CA ILE C 189 -1.84 -22.31 43.25
C ILE C 189 -3.07 -21.79 44.00
N LEU C 190 -4.22 -22.46 43.89
CA LEU C 190 -5.48 -22.08 44.58
C LEU C 190 -5.19 -21.87 46.07
N ASN C 191 -4.40 -22.77 46.69
CA ASN C 191 -4.07 -22.75 48.15
C ASN C 191 -3.39 -21.42 48.52
N ILE C 192 -2.53 -20.88 47.65
CA ILE C 192 -1.66 -19.68 47.95
C ILE C 192 -2.54 -18.42 48.05
N HIS C 193 -3.41 -18.19 47.06
CA HIS C 193 -4.33 -17.02 47.01
C HIS C 193 -5.50 -17.23 47.97
N SER C 194 -5.80 -18.47 48.33
CA SER C 194 -6.84 -18.86 49.32
C SER C 194 -6.51 -18.22 50.67
N LEU C 195 -5.22 -18.25 51.06
CA LEU C 195 -4.71 -17.71 52.36
C LEU C 195 -5.04 -16.21 52.41
N LYS C 196 -5.05 -15.53 51.26
CA LYS C 196 -5.36 -14.09 51.11
C LYS C 196 -6.85 -13.82 51.36
N THR C 197 -7.69 -14.87 51.48
CA THR C 197 -9.15 -14.76 51.73
C THR C 197 -9.58 -15.69 52.87
N LYS C 198 -10.86 -15.61 53.27
CA LYS C 198 -11.49 -16.48 54.30
C LYS C 198 -12.37 -17.52 53.59
N LEU C 199 -11.77 -18.64 53.17
CA LEU C 199 -12.41 -19.76 52.41
C LEU C 199 -12.66 -20.92 53.38
N SER C 200 -13.94 -21.17 53.72
CA SER C 200 -14.41 -22.29 54.58
C SER C 200 -13.83 -23.63 54.09
N LYS C 201 -13.47 -24.52 55.02
CA LYS C 201 -12.84 -25.84 54.71
C LYS C 201 -13.81 -26.72 53.90
N ASP C 202 -15.07 -26.28 53.73
CA ASP C 202 -16.13 -26.97 52.95
C ASP C 202 -15.75 -27.04 51.45
N ILE C 203 -15.15 -25.97 50.90
CA ILE C 203 -14.72 -25.92 49.47
C ILE C 203 -13.39 -26.68 49.32
N ASN C 204 -13.35 -27.69 48.45
CA ASN C 204 -12.15 -28.50 48.15
C ASN C 204 -11.50 -27.97 46.86
N LEU C 205 -10.21 -27.65 46.92
CA LEU C 205 -9.46 -27.03 45.80
C LEU C 205 -9.09 -28.09 44.75
N GLN C 206 -8.85 -29.34 45.17
CA GLN C 206 -8.60 -30.49 44.26
C GLN C 206 -9.80 -30.66 43.31
N VAL C 207 -11.03 -30.48 43.82
CA VAL C 207 -12.30 -30.59 43.02
C VAL C 207 -12.26 -29.54 41.92
N ILE C 208 -11.95 -28.29 42.27
CA ILE C 208 -11.87 -27.14 41.33
C ILE C 208 -10.65 -27.32 40.42
N ALA C 209 -9.50 -27.79 40.96
CA ALA C 209 -8.24 -28.00 40.20
C ALA C 209 -8.55 -28.72 38.87
N ARG C 210 -9.15 -29.92 38.95
CA ARG C 210 -9.53 -30.75 37.78
C ARG C 210 -10.66 -30.06 36.99
N ALA C 211 -11.61 -29.42 37.69
CA ALA C 211 -12.75 -28.68 37.10
C ALA C 211 -12.24 -27.61 36.13
N THR C 212 -11.04 -27.08 36.40
CA THR C 212 -10.34 -26.04 35.61
C THR C 212 -9.03 -26.59 35.07
N PRO C 213 -9.06 -27.43 34.02
CA PRO C 213 -7.85 -27.89 33.36
C PRO C 213 -7.32 -26.81 32.39
N GLY C 214 -6.00 -26.64 32.33
CA GLY C 214 -5.33 -25.67 31.44
C GLY C 214 -5.75 -24.22 31.71
N ALA C 215 -6.28 -23.94 32.90
CA ALA C 215 -6.50 -22.55 33.39
C ALA C 215 -5.14 -21.97 33.77
N SER C 216 -5.03 -20.63 33.79
CA SER C 216 -3.78 -19.88 34.10
C SER C 216 -3.72 -19.50 35.58
N GLY C 217 -2.49 -19.34 36.11
CA GLY C 217 -2.23 -18.90 37.50
C GLY C 217 -3.15 -17.76 37.91
N ALA C 218 -3.28 -16.74 37.05
CA ALA C 218 -4.13 -15.54 37.27
C ALA C 218 -5.62 -15.90 37.17
N ASP C 219 -5.99 -16.74 36.19
CA ASP C 219 -7.39 -17.20 35.97
C ASP C 219 -7.92 -17.74 37.30
N LEU C 220 -7.16 -18.65 37.92
CA LEU C 220 -7.49 -19.32 39.21
C LEU C 220 -7.58 -18.26 40.31
N ALA C 221 -6.52 -17.47 40.45
CA ALA C 221 -6.39 -16.36 41.42
C ALA C 221 -7.63 -15.46 41.32
N ASN C 222 -8.09 -15.17 40.09
CA ASN C 222 -9.27 -14.29 39.86
C ASN C 222 -10.54 -15.00 40.34
N LEU C 223 -10.62 -16.32 40.14
CA LEU C 223 -11.79 -17.14 40.58
C LEU C 223 -12.01 -16.92 42.07
N ILE C 224 -10.94 -17.07 42.88
CA ILE C 224 -10.98 -16.86 44.36
C ILE C 224 -11.60 -15.49 44.62
N ASN C 225 -10.94 -14.45 44.10
CA ASN C 225 -11.36 -13.03 44.23
C ASN C 225 -12.86 -12.93 43.94
N GLU C 226 -13.27 -13.37 42.74
CA GLU C 226 -14.68 -13.33 42.26
C GLU C 226 -15.60 -13.93 43.33
N GLY C 227 -15.20 -15.06 43.92
CA GLY C 227 -15.92 -15.72 45.01
C GLY C 227 -15.97 -14.83 46.24
N ALA C 228 -14.78 -14.40 46.70
CA ALA C 228 -14.59 -13.51 47.86
C ALA C 228 -15.50 -12.28 47.70
N LEU C 229 -15.56 -11.72 46.49
CA LEU C 229 -16.43 -10.57 46.14
C LEU C 229 -17.90 -11.00 46.26
N ILE C 230 -18.26 -12.16 45.71
CA ILE C 230 -19.64 -12.73 45.73
C ILE C 230 -20.10 -12.91 47.18
N ALA C 231 -19.19 -13.30 48.08
CA ALA C 231 -19.44 -13.51 49.53
C ALA C 231 -19.92 -12.21 50.18
N ALA C 232 -19.15 -11.12 49.97
CA ALA C 232 -19.37 -9.77 50.57
C ALA C 232 -20.75 -9.23 50.18
N ARG C 233 -21.32 -9.68 49.06
CA ARG C 233 -22.71 -9.36 48.64
C ARG C 233 -23.70 -10.10 49.56
N ASN C 234 -23.23 -10.95 50.48
CA ASN C 234 -24.07 -11.71 51.45
C ASN C 234 -23.22 -12.09 52.68
N LYS C 242 -18.95 -23.41 47.06
CA LYS C 242 -20.19 -22.82 47.63
C LYS C 242 -20.61 -21.58 46.82
N ASP C 243 -20.09 -20.41 47.17
CA ASP C 243 -20.16 -19.16 46.37
C ASP C 243 -19.16 -19.25 45.20
N MET C 244 -18.04 -19.98 45.37
CA MET C 244 -16.98 -20.18 44.35
C MET C 244 -17.58 -20.82 43.08
N GLU C 245 -18.68 -21.58 43.19
CA GLU C 245 -19.35 -22.18 41.99
C GLU C 245 -20.02 -21.07 41.16
N GLU C 246 -20.67 -20.11 41.81
CA GLU C 246 -21.35 -18.96 41.15
C GLU C 246 -20.30 -18.16 40.36
N ALA C 247 -19.09 -18.05 40.92
CA ALA C 247 -17.93 -17.33 40.35
C ALA C 247 -17.42 -18.03 39.09
N ARG C 248 -17.37 -19.37 39.09
CA ARG C 248 -17.00 -20.19 37.90
C ARG C 248 -17.82 -19.70 36.70
N ASP C 249 -19.14 -19.53 36.90
CA ASP C 249 -20.14 -19.14 35.88
C ASP C 249 -19.93 -17.70 35.42
N LYS C 250 -19.40 -16.84 36.32
CA LYS C 250 -19.12 -15.41 36.03
C LYS C 250 -17.87 -15.29 35.13
N ILE C 251 -17.30 -16.41 34.68
CA ILE C 251 -16.29 -16.50 33.58
C ILE C 251 -16.98 -16.14 32.26
N LEU C 252 -18.31 -15.93 32.26
CA LEU C 252 -19.20 -15.67 31.09
C LEU C 252 -18.40 -15.28 29.84
N THR C 263 -16.14 -29.81 30.54
CA THR C 263 -16.89 -31.09 30.51
C THR C 263 -15.91 -32.24 30.76
N ASP C 264 -16.28 -33.21 31.64
CA ASP C 264 -15.41 -34.37 31.96
C ASP C 264 -15.29 -35.30 30.73
N ARG C 265 -16.26 -35.23 29.80
CA ARG C 265 -16.28 -36.00 28.53
C ARG C 265 -15.26 -35.41 27.54
N GLN C 266 -15.21 -34.08 27.41
CA GLN C 266 -14.33 -33.35 26.44
C GLN C 266 -12.86 -33.62 26.78
N LYS C 267 -12.56 -33.96 28.04
CA LYS C 267 -11.21 -34.34 28.53
C LYS C 267 -10.76 -35.61 27.81
N LEU C 268 -11.68 -36.55 27.55
CA LEU C 268 -11.42 -37.81 26.79
C LEU C 268 -11.22 -37.45 25.32
N GLU C 269 -12.06 -36.58 24.77
CA GLU C 269 -11.98 -36.08 23.35
C GLU C 269 -10.54 -35.59 23.10
N THR C 270 -10.08 -34.65 23.93
CA THR C 270 -8.69 -34.12 23.92
C THR C 270 -7.70 -35.28 24.09
N ALA C 271 -7.97 -36.16 25.06
CA ALA C 271 -7.14 -37.34 25.39
C ALA C 271 -6.91 -38.18 24.13
N TYR C 272 -7.94 -38.32 23.29
CA TYR C 272 -7.88 -39.07 22.00
C TYR C 272 -6.98 -38.31 20.99
N HIS C 273 -7.20 -37.00 20.73
CA HIS C 273 -6.36 -36.18 19.81
C HIS C 273 -4.89 -36.41 20.18
N GLU C 274 -4.55 -36.28 21.47
CA GLU C 274 -3.14 -36.33 21.96
C GLU C 274 -2.66 -37.78 22.02
N ALA C 275 -3.53 -38.73 22.37
CA ALA C 275 -3.23 -40.19 22.39
C ALA C 275 -2.76 -40.63 21.00
N GLY C 276 -3.59 -40.33 19.99
CA GLY C 276 -3.34 -40.62 18.56
C GLY C 276 -2.03 -40.03 18.09
N HIS C 277 -1.81 -38.73 18.34
CA HIS C 277 -0.54 -38.01 18.05
C HIS C 277 0.64 -38.84 18.60
N ALA C 278 0.69 -39.05 19.92
CA ALA C 278 1.87 -39.55 20.69
C ALA C 278 2.16 -41.02 20.36
N LEU C 279 1.10 -41.84 20.29
CA LEU C 279 1.21 -43.32 20.13
C LEU C 279 2.02 -43.65 18.87
N LEU C 280 1.83 -42.85 17.80
CA LEU C 280 2.42 -43.09 16.46
C LEU C 280 3.94 -42.97 16.49
N HIS C 281 4.52 -42.24 17.45
CA HIS C 281 5.98 -41.92 17.54
C HIS C 281 6.81 -43.20 17.72
N TYR C 282 6.28 -44.16 18.46
CA TYR C 282 6.94 -45.45 18.80
C TYR C 282 6.97 -46.37 17.57
N TYR C 283 5.82 -46.46 16.90
CA TYR C 283 5.53 -47.39 15.78
C TYR C 283 6.17 -46.92 14.48
N LEU C 284 6.25 -45.60 14.27
CA LEU C 284 6.86 -45.00 13.06
C LEU C 284 8.38 -44.97 13.25
N GLU C 285 9.11 -45.48 12.25
CA GLU C 285 10.59 -45.69 12.31
C GLU C 285 11.28 -44.34 12.39
N HIS C 286 10.90 -43.39 11.53
CA HIS C 286 11.63 -42.10 11.30
C HIS C 286 11.15 -40.99 12.25
N ALA C 287 10.34 -41.31 13.26
CA ALA C 287 9.87 -40.37 14.31
C ALA C 287 10.75 -40.55 15.56
N ASP C 288 10.63 -39.62 16.51
CA ASP C 288 11.28 -39.74 17.85
C ASP C 288 10.19 -39.64 18.90
N PRO C 289 10.12 -40.59 19.86
CA PRO C 289 9.07 -40.58 20.90
C PRO C 289 8.93 -39.20 21.57
N LEU C 290 7.69 -38.78 21.84
CA LEU C 290 7.36 -37.48 22.50
C LEU C 290 7.98 -37.46 23.91
N HIS C 291 8.72 -36.38 24.25
CA HIS C 291 9.24 -36.10 25.61
C HIS C 291 8.11 -36.16 26.65
N LYS C 292 6.91 -35.70 26.26
CA LYS C 292 5.72 -35.64 27.15
C LYS C 292 4.44 -35.70 26.30
N VAL C 293 3.33 -36.17 26.87
CA VAL C 293 1.95 -36.10 26.27
C VAL C 293 1.03 -35.45 27.31
N THR C 294 0.37 -34.34 26.95
CA THR C 294 -0.52 -33.55 27.86
C THR C 294 -1.86 -33.27 27.19
N ILE C 295 -2.89 -32.91 27.99
CA ILE C 295 -4.22 -32.42 27.50
C ILE C 295 -4.37 -30.92 27.81
N ILE C 296 -3.25 -30.18 27.99
CA ILE C 296 -3.09 -28.71 27.83
C ILE C 296 -4.26 -28.03 27.09
N SER C 315 17.76 -31.17 5.97
CA SER C 315 18.34 -32.36 6.63
C SER C 315 17.25 -33.40 6.94
N ILE C 316 16.14 -33.39 6.19
CA ILE C 316 14.99 -34.31 6.42
C ILE C 316 14.69 -35.12 5.16
N ASN C 317 14.68 -36.46 5.31
CA ASN C 317 14.35 -37.44 4.24
C ASN C 317 12.84 -37.40 4.01
N LYS C 318 12.41 -37.70 2.79
CA LYS C 318 10.99 -37.97 2.43
C LYS C 318 10.35 -38.84 3.52
N HIS C 319 11.05 -39.90 3.95
CA HIS C 319 10.54 -40.92 4.90
C HIS C 319 10.27 -40.30 6.27
N GLN C 320 11.12 -39.34 6.66
CA GLN C 320 10.98 -38.56 7.91
C GLN C 320 9.78 -37.62 7.77
N ILE C 321 9.73 -36.83 6.68
CA ILE C 321 8.65 -35.84 6.36
C ILE C 321 7.30 -36.56 6.46
N LEU C 322 7.19 -37.74 5.86
CA LEU C 322 5.92 -38.47 5.68
C LEU C 322 5.41 -38.95 7.03
N ASP C 323 6.30 -39.47 7.88
CA ASP C 323 5.95 -39.99 9.23
C ASP C 323 5.30 -38.85 10.02
N LYS C 324 5.87 -37.65 9.95
CA LYS C 324 5.31 -36.43 10.60
C LYS C 324 3.86 -36.24 10.16
N ILE C 325 3.63 -36.19 8.84
CA ILE C 325 2.28 -36.01 8.24
C ILE C 325 1.33 -37.04 8.85
N LYS C 326 1.80 -38.27 9.01
CA LYS C 326 1.00 -39.38 9.61
C LYS C 326 0.64 -38.97 11.04
N ILE C 327 1.64 -38.56 11.82
CA ILE C 327 1.49 -38.14 13.25
C ILE C 327 0.48 -36.99 13.30
N CYS C 328 0.62 -36.00 12.42
CA CYS C 328 -0.33 -34.86 12.30
C CYS C 328 -1.76 -35.38 12.21
N TYR C 329 -1.95 -36.50 11.51
CA TYR C 329 -3.29 -37.09 11.25
C TYR C 329 -3.71 -37.97 12.42
N GLY C 330 -2.78 -38.24 13.35
CA GLY C 330 -3.02 -38.99 14.60
C GLY C 330 -4.35 -38.65 15.22
N GLY C 331 -4.50 -37.44 15.75
CA GLY C 331 -5.70 -37.02 16.50
C GLY C 331 -6.94 -37.04 15.63
N TYR C 332 -6.81 -36.64 14.37
CA TYR C 332 -7.90 -36.70 13.36
C TYR C 332 -8.47 -38.12 13.31
N ALA C 333 -7.57 -39.11 13.21
CA ALA C 333 -7.89 -40.55 13.23
C ALA C 333 -8.59 -40.91 14.54
N SER C 334 -7.86 -40.87 15.66
CA SER C 334 -8.33 -41.31 17.00
C SER C 334 -9.74 -40.80 17.28
N GLU C 335 -10.02 -39.55 16.93
CA GLU C 335 -11.36 -38.93 17.14
C GLU C 335 -12.41 -39.80 16.48
N GLN C 336 -12.17 -40.23 15.24
CA GLN C 336 -13.09 -41.11 14.47
C GLN C 336 -13.07 -42.51 15.10
N ILE C 337 -11.88 -43.09 15.29
CA ILE C 337 -11.73 -44.47 15.83
C ILE C 337 -12.54 -44.58 17.14
N ASN C 338 -12.53 -43.53 17.97
CA ASN C 338 -13.08 -43.56 19.35
C ASN C 338 -14.47 -42.90 19.40
N LEU C 339 -14.60 -41.66 18.91
CA LEU C 339 -15.86 -40.87 19.00
C LEU C 339 -16.65 -40.96 17.68
N GLY C 340 -16.04 -41.50 16.62
CA GLY C 340 -16.68 -41.68 15.31
C GLY C 340 -16.87 -40.37 14.56
N VAL C 341 -16.67 -39.26 15.24
CA VAL C 341 -16.82 -37.88 14.69
C VAL C 341 -15.44 -37.21 14.77
N THR C 342 -15.19 -36.23 13.89
CA THR C 342 -13.97 -35.38 13.94
C THR C 342 -14.31 -34.05 14.60
N THR C 343 -13.34 -33.49 15.33
CA THR C 343 -13.44 -32.17 15.99
C THR C 343 -12.82 -31.13 15.04
N ALA C 344 -12.88 -29.85 15.42
CA ALA C 344 -12.29 -28.70 14.68
C ALA C 344 -10.82 -28.52 15.10
N GLY C 345 -10.42 -29.12 16.23
CA GLY C 345 -9.07 -29.04 16.83
C GLY C 345 -7.98 -29.66 15.97
N VAL C 346 -8.37 -30.24 14.84
CA VAL C 346 -7.47 -30.84 13.83
C VAL C 346 -6.83 -29.74 12.99
N GLN C 347 -7.48 -28.57 12.90
CA GLN C 347 -7.13 -27.47 11.97
C GLN C 347 -5.61 -27.35 11.81
N ASN C 348 -4.90 -27.01 12.89
CA ASN C 348 -3.44 -26.77 12.85
C ASN C 348 -2.76 -28.08 12.47
N ASP C 349 -3.25 -29.21 13.00
CA ASP C 349 -2.74 -30.57 12.71
C ASP C 349 -2.85 -30.77 11.17
N LEU C 350 -4.00 -30.43 10.55
CA LEU C 350 -4.26 -30.59 9.08
C LEU C 350 -3.36 -29.61 8.33
N MET C 351 -3.37 -28.35 8.74
CA MET C 351 -2.61 -27.24 8.15
C MET C 351 -1.13 -27.62 8.05
N GLN C 352 -0.57 -28.20 9.11
CA GLN C 352 0.89 -28.48 9.15
C GLN C 352 1.19 -29.64 8.20
N ALA C 353 0.42 -30.71 8.29
CA ALA C 353 0.42 -31.86 7.35
C ALA C 353 0.43 -31.32 5.92
N THR C 354 -0.59 -30.54 5.55
CA THR C 354 -0.81 -29.97 4.19
C THR C 354 0.40 -29.13 3.75
N SER C 355 0.97 -28.35 4.64
CA SER C 355 2.18 -27.53 4.37
C SER C 355 3.31 -28.45 3.93
N LEU C 356 3.65 -29.44 4.75
CA LEU C 356 4.73 -30.44 4.51
C LEU C 356 4.48 -31.12 3.15
N ALA C 357 3.25 -31.59 2.95
CA ALA C 357 2.74 -32.15 1.70
C ALA C 357 3.08 -31.23 0.53
N LYS C 358 2.61 -29.99 0.58
CA LYS C 358 2.84 -28.98 -0.49
C LYS C 358 4.34 -28.82 -0.72
N LYS C 359 5.12 -28.82 0.36
CA LYS C 359 6.58 -28.55 0.33
C LYS C 359 7.26 -29.68 -0.43
N MET C 360 6.88 -30.93 -0.10
CA MET C 360 7.33 -32.17 -0.80
C MET C 360 7.18 -32.00 -2.31
N VAL C 361 5.98 -31.65 -2.75
CA VAL C 361 5.60 -31.51 -4.19
C VAL C 361 6.33 -30.33 -4.84
N THR C 362 6.12 -29.11 -4.30
CA THR C 362 6.45 -27.79 -4.92
C THR C 362 7.95 -27.46 -4.79
N GLU C 363 8.48 -27.49 -3.57
CA GLU C 363 9.83 -26.94 -3.24
C GLU C 363 10.91 -28.05 -3.22
N TRP C 364 10.64 -29.19 -2.59
CA TRP C 364 11.65 -30.25 -2.30
C TRP C 364 11.78 -31.24 -3.47
N GLY C 365 10.90 -31.16 -4.47
CA GLY C 365 10.87 -32.03 -5.66
C GLY C 365 10.68 -33.51 -5.30
N MET C 366 9.90 -33.81 -4.25
CA MET C 366 9.62 -35.18 -3.73
C MET C 366 8.29 -35.69 -4.28
N GLY C 367 7.73 -34.99 -5.28
CA GLY C 367 6.49 -35.36 -5.99
C GLY C 367 6.79 -36.25 -7.18
N GLU C 368 6.11 -37.40 -7.27
CA GLU C 368 6.28 -38.40 -8.36
C GLU C 368 5.84 -37.75 -9.69
N GLU C 369 4.58 -37.31 -9.75
CA GLU C 369 3.92 -36.79 -10.97
C GLU C 369 4.47 -35.39 -11.30
N VAL C 370 4.50 -34.50 -10.32
CA VAL C 370 4.82 -33.05 -10.51
C VAL C 370 6.26 -32.91 -10.99
N GLY C 371 7.19 -33.64 -10.39
CA GLY C 371 8.60 -33.70 -10.82
C GLY C 371 9.52 -32.82 -9.96
N PRO C 372 10.82 -32.72 -10.34
CA PRO C 372 11.82 -31.95 -9.61
C PRO C 372 11.85 -30.51 -10.12
N ILE C 373 10.72 -29.83 -9.94
CA ILE C 373 10.50 -28.42 -10.35
C ILE C 373 10.10 -27.64 -9.08
N PHE C 374 10.57 -26.37 -9.01
CA PHE C 374 10.34 -25.42 -7.90
C PHE C 374 9.18 -24.51 -8.30
N LEU C 375 8.02 -24.67 -7.66
CA LEU C 375 6.75 -24.03 -8.10
C LEU C 375 6.29 -23.05 -7.03
N VAL C 376 7.19 -22.24 -6.47
CA VAL C 376 6.97 -21.40 -5.26
C VAL C 376 7.77 -20.11 -5.47
N ALA C 393 1.49 -18.16 -11.15
CA ALA C 393 2.88 -18.67 -11.18
C ALA C 393 3.07 -19.74 -12.25
N TYR C 394 2.06 -20.58 -12.47
CA TYR C 394 2.12 -21.74 -13.37
C TYR C 394 0.72 -22.02 -13.93
N SER C 395 0.65 -22.86 -14.97
CA SER C 395 -0.61 -23.27 -15.66
C SER C 395 -1.56 -23.89 -14.64
N GLU C 396 -2.87 -23.84 -14.93
CA GLU C 396 -3.93 -24.49 -14.12
C GLU C 396 -3.72 -26.00 -14.17
N ASN C 397 -3.29 -26.52 -15.33
CA ASN C 397 -2.99 -27.97 -15.53
C ASN C 397 -1.91 -28.34 -14.51
N THR C 398 -0.84 -27.54 -14.45
CA THR C 398 0.28 -27.72 -13.47
C THR C 398 -0.27 -27.65 -12.03
N ALA C 399 -1.25 -26.79 -11.77
CA ALA C 399 -1.88 -26.60 -10.44
C ALA C 399 -2.59 -27.89 -10.00
N ASP C 400 -3.48 -28.38 -10.86
CA ASP C 400 -4.29 -29.61 -10.64
C ASP C 400 -3.37 -30.78 -10.27
N LYS C 401 -2.22 -30.90 -10.94
CA LYS C 401 -1.13 -31.88 -10.64
C LYS C 401 -0.74 -31.78 -9.15
N VAL C 402 -0.43 -30.55 -8.68
CA VAL C 402 0.03 -30.28 -7.28
C VAL C 402 -1.10 -30.68 -6.32
N ASP C 403 -2.28 -30.07 -6.47
CA ASP C 403 -3.47 -30.31 -5.60
C ASP C 403 -3.72 -31.82 -5.45
N ARG C 404 -3.54 -32.56 -6.56
CA ARG C 404 -3.85 -34.03 -6.65
C ARG C 404 -2.76 -34.82 -5.93
N GLU C 405 -1.48 -34.57 -6.22
CA GLU C 405 -0.31 -35.23 -5.55
C GLU C 405 -0.32 -34.97 -4.04
N VAL C 406 -0.62 -33.71 -3.66
CA VAL C 406 -0.77 -33.28 -2.24
C VAL C 406 -1.88 -34.13 -1.60
N LYS C 407 -3.04 -34.26 -2.27
CA LYS C 407 -4.20 -35.01 -1.73
C LYS C 407 -3.77 -36.47 -1.48
N ARG C 408 -3.16 -37.10 -2.49
CA ARG C 408 -2.63 -38.47 -2.37
C ARG C 408 -1.73 -38.56 -1.13
N ILE C 409 -0.57 -37.88 -1.16
CA ILE C 409 0.46 -37.92 -0.07
C ILE C 409 -0.26 -37.85 1.29
N LEU C 410 -1.21 -36.94 1.43
CA LEU C 410 -1.96 -36.75 2.69
C LEU C 410 -2.84 -37.99 2.95
N GLU C 411 -3.70 -38.35 1.99
CA GLU C 411 -4.68 -39.47 2.12
C GLU C 411 -3.92 -40.77 2.46
N GLU C 412 -2.74 -40.97 1.89
CA GLU C 412 -1.85 -42.12 2.22
C GLU C 412 -1.47 -42.05 3.68
N CYS C 413 -0.83 -40.97 4.08
CA CYS C 413 -0.28 -40.77 5.45
C CYS C 413 -1.41 -40.92 6.49
N LEU C 414 -2.64 -40.49 6.16
CA LEU C 414 -3.81 -40.66 7.07
C LEU C 414 -4.09 -42.16 7.25
N LYS C 415 -4.16 -42.89 6.13
CA LYS C 415 -4.40 -44.36 6.10
C LYS C 415 -3.38 -45.01 7.05
N GLU C 416 -2.07 -44.97 6.70
CA GLU C 416 -0.97 -45.59 7.51
C GLU C 416 -1.24 -45.31 8.99
N ALA C 417 -1.65 -44.07 9.31
CA ALA C 417 -1.99 -43.62 10.68
C ALA C 417 -3.26 -44.31 11.19
N SER C 418 -4.40 -44.18 10.49
CA SER C 418 -5.71 -44.77 10.87
C SER C 418 -5.51 -46.28 11.16
N ASP C 419 -4.79 -46.96 10.26
CA ASP C 419 -4.50 -48.42 10.34
C ASP C 419 -3.76 -48.72 11.64
N ILE C 420 -2.60 -48.10 11.85
CA ILE C 420 -1.72 -48.29 13.07
C ILE C 420 -2.57 -48.16 14.33
N LEU C 421 -3.35 -47.07 14.45
CA LEU C 421 -4.16 -46.77 15.66
C LEU C 421 -5.26 -47.82 15.84
N LEU C 422 -5.81 -48.36 14.74
CA LEU C 422 -6.89 -49.40 14.76
C LEU C 422 -6.36 -50.67 15.45
N LYS C 423 -5.17 -51.13 15.06
CA LYS C 423 -4.48 -52.32 15.64
C LYS C 423 -4.30 -52.07 17.15
N HIS C 424 -3.54 -51.04 17.50
CA HIS C 424 -3.14 -50.73 18.89
C HIS C 424 -4.22 -49.88 19.57
N LYS C 425 -5.46 -49.91 19.07
CA LYS C 425 -6.59 -49.14 19.63
C LYS C 425 -6.65 -49.30 21.16
N ASP C 426 -6.51 -50.54 21.66
CA ASP C 426 -6.48 -50.88 23.10
C ASP C 426 -5.39 -50.06 23.82
N GLN C 427 -4.21 -49.92 23.22
CA GLN C 427 -3.05 -49.14 23.75
C GLN C 427 -3.40 -47.64 23.80
N LEU C 428 -4.03 -47.14 22.72
CA LEU C 428 -4.49 -45.74 22.57
C LEU C 428 -5.58 -45.44 23.62
N VAL C 429 -6.59 -46.31 23.74
CA VAL C 429 -7.71 -46.13 24.72
C VAL C 429 -7.12 -46.16 26.13
N LYS C 430 -6.01 -46.88 26.35
CA LYS C 430 -5.27 -46.90 27.65
C LYS C 430 -4.81 -45.48 27.96
N LEU C 431 -4.04 -44.87 27.06
CA LEU C 431 -3.48 -43.50 27.24
C LEU C 431 -4.65 -42.54 27.53
N ALA C 432 -5.71 -42.59 26.72
CA ALA C 432 -6.88 -41.69 26.84
C ALA C 432 -7.27 -41.50 28.31
N LYS C 433 -7.78 -42.56 28.95
CA LYS C 433 -8.25 -42.53 30.36
C LYS C 433 -7.10 -42.09 31.29
N GLU C 434 -5.92 -42.69 31.11
CA GLU C 434 -4.70 -42.33 31.89
C GLU C 434 -4.48 -40.81 31.79
N LEU C 435 -4.65 -40.23 30.59
CA LEU C 435 -4.50 -38.77 30.34
C LEU C 435 -5.57 -38.01 31.11
N VAL C 436 -6.83 -38.48 31.06
CA VAL C 436 -7.95 -37.86 31.82
C VAL C 436 -7.57 -37.83 33.31
N LEU C 437 -6.67 -38.73 33.72
CA LEU C 437 -6.19 -38.87 35.13
C LEU C 437 -4.92 -38.03 35.32
N LYS C 438 -3.81 -38.39 34.69
CA LYS C 438 -2.47 -37.78 34.95
C LYS C 438 -2.36 -36.43 34.22
N GLU C 439 -3.22 -36.20 33.22
CA GLU C 439 -3.25 -34.94 32.41
C GLU C 439 -1.97 -34.84 31.59
N THR C 440 -0.85 -35.35 32.10
CA THR C 440 0.46 -35.36 31.40
C THR C 440 1.26 -36.60 31.80
N LEU C 441 2.02 -37.16 30.86
CA LEU C 441 2.88 -38.34 31.09
C LEU C 441 4.01 -38.35 30.05
N THR C 442 5.03 -39.19 30.24
CA THR C 442 6.15 -39.37 29.26
C THR C 442 6.23 -40.85 28.83
N ILE D 8 5.20 44.20 -20.92
CA ILE D 8 5.55 44.38 -22.38
C ILE D 8 4.27 44.74 -23.17
N THR D 9 4.32 44.69 -24.51
CA THR D 9 3.20 45.11 -25.42
C THR D 9 2.58 43.85 -26.05
N PHE D 10 1.34 43.96 -26.54
CA PHE D 10 0.66 42.95 -27.40
C PHE D 10 1.35 42.91 -28.76
N LYS D 11 2.12 43.94 -29.10
CA LYS D 11 2.93 44.04 -30.34
C LYS D 11 4.13 43.08 -30.24
N ASP D 12 4.53 42.67 -29.02
CA ASP D 12 5.62 41.69 -28.77
C ASP D 12 5.12 40.26 -29.03
N VAL D 13 3.79 40.05 -29.05
CA VAL D 13 3.11 38.74 -29.29
C VAL D 13 2.63 38.74 -30.75
N ALA D 14 2.79 37.62 -31.44
CA ALA D 14 2.30 37.40 -32.83
C ALA D 14 1.47 36.11 -32.85
N GLY D 15 0.46 36.06 -33.72
CA GLY D 15 -0.42 34.89 -33.91
C GLY D 15 -1.30 34.64 -32.69
N GLN D 16 -1.55 35.67 -31.86
CA GLN D 16 -2.45 35.59 -30.67
C GLN D 16 -3.80 36.25 -30.97
N GLU D 17 -3.85 37.13 -31.97
CA GLU D 17 -5.06 37.83 -32.51
C GLU D 17 -6.33 37.51 -31.71
N GLU D 18 -6.87 36.29 -31.87
CA GLU D 18 -8.11 35.83 -31.19
C GLU D 18 -7.89 35.88 -29.67
N VAL D 19 -6.84 35.21 -29.17
CA VAL D 19 -6.40 35.24 -27.74
C VAL D 19 -6.24 36.70 -27.32
N LYS D 20 -5.52 37.52 -28.12
CA LYS D 20 -5.32 38.98 -27.88
C LYS D 20 -6.66 39.64 -27.56
N GLN D 21 -7.65 39.54 -28.48
CA GLN D 21 -9.01 40.13 -28.33
C GLN D 21 -9.68 39.57 -27.08
N GLU D 22 -9.45 38.28 -26.81
CA GLU D 22 -10.00 37.57 -25.62
C GLU D 22 -9.46 38.20 -24.34
N LEU D 23 -8.18 38.59 -24.34
CA LEU D 23 -7.46 39.15 -23.16
C LEU D 23 -7.79 40.63 -22.99
N ARG D 24 -8.21 41.31 -24.07
CA ARG D 24 -8.56 42.77 -24.05
C ARG D 24 -9.58 43.04 -22.93
N GLU D 25 -10.69 42.29 -22.89
CA GLU D 25 -11.77 42.44 -21.86
C GLU D 25 -11.17 42.53 -20.45
N VAL D 26 -10.05 41.85 -20.21
CA VAL D 26 -9.27 41.92 -18.93
C VAL D 26 -8.57 43.28 -18.89
N VAL D 27 -7.75 43.57 -19.91
CA VAL D 27 -7.02 44.87 -20.08
C VAL D 27 -8.02 46.01 -19.82
N GLU D 28 -9.14 46.01 -20.54
CA GLU D 28 -10.21 47.04 -20.48
C GLU D 28 -10.70 47.19 -19.03
N PHE D 29 -10.88 46.08 -18.30
CA PHE D 29 -11.29 46.10 -16.87
C PHE D 29 -10.28 46.92 -16.05
N LEU D 30 -9.02 46.51 -16.07
CA LEU D 30 -7.92 47.06 -15.23
C LEU D 30 -7.82 48.58 -15.43
N LYS D 31 -7.98 49.04 -16.67
CA LYS D 31 -7.93 50.47 -17.05
C LYS D 31 -9.07 51.22 -16.38
N ASN D 32 -10.33 50.90 -16.74
CA ASN D 32 -11.53 51.67 -16.31
C ASN D 32 -12.53 50.72 -15.66
N PRO D 33 -12.25 50.24 -14.41
CA PRO D 33 -13.19 49.40 -13.67
C PRO D 33 -14.56 50.05 -13.43
N LYS D 34 -14.59 51.39 -13.41
CA LYS D 34 -15.81 52.22 -13.17
C LYS D 34 -16.91 51.84 -14.19
N LYS D 35 -16.57 51.67 -15.46
CA LYS D 35 -17.53 51.35 -16.55
C LYS D 35 -18.32 50.09 -16.17
N PHE D 36 -17.65 49.12 -15.54
CA PHE D 36 -18.22 47.83 -15.09
C PHE D 36 -18.93 48.06 -13.74
N GLU D 37 -18.41 48.97 -12.92
CA GLU D 37 -19.00 49.36 -11.62
C GLU D 37 -20.25 50.22 -11.87
N LYS D 38 -20.39 50.85 -13.05
CA LYS D 38 -21.53 51.72 -13.45
C LYS D 38 -22.85 50.95 -13.30
N ILE D 39 -23.03 49.86 -14.04
CA ILE D 39 -24.28 49.03 -14.05
C ILE D 39 -24.33 48.17 -12.78
N GLY D 40 -23.30 48.22 -11.93
CA GLY D 40 -23.18 47.38 -10.73
C GLY D 40 -22.91 45.93 -11.12
N ALA D 41 -21.88 45.70 -11.92
CA ALA D 41 -21.46 44.37 -12.43
C ALA D 41 -20.11 43.97 -11.80
N LYS D 42 -20.09 42.86 -11.06
CA LYS D 42 -18.87 42.29 -10.43
C LYS D 42 -17.92 41.83 -11.54
N ILE D 43 -16.64 42.17 -11.44
CA ILE D 43 -15.60 41.84 -12.47
C ILE D 43 -15.04 40.46 -12.16
N PRO D 44 -14.72 39.64 -13.20
CA PRO D 44 -14.03 38.37 -12.95
C PRO D 44 -12.70 38.60 -12.22
N LYS D 45 -12.49 37.89 -11.11
CA LYS D 45 -11.26 37.99 -10.28
C LYS D 45 -10.16 37.13 -10.91
N GLY D 46 -10.54 36.01 -11.55
CA GLY D 46 -9.61 34.99 -12.07
C GLY D 46 -9.78 34.71 -13.56
N VAL D 47 -8.66 34.59 -14.29
CA VAL D 47 -8.60 34.26 -15.74
C VAL D 47 -7.48 33.22 -15.93
N LEU D 48 -7.81 32.06 -16.51
CA LEU D 48 -6.88 30.92 -16.67
C LEU D 48 -6.44 30.79 -18.13
N LEU D 49 -5.13 30.69 -18.38
CA LEU D 49 -4.54 30.41 -19.72
C LEU D 49 -4.11 28.94 -19.78
N VAL D 50 -4.68 28.18 -20.72
CA VAL D 50 -4.44 26.72 -20.90
C VAL D 50 -3.69 26.52 -22.23
N GLY D 51 -2.55 25.82 -22.18
CA GLY D 51 -1.66 25.68 -23.34
C GLY D 51 -0.44 24.85 -23.01
N SER D 52 0.18 24.26 -24.04
CA SER D 52 1.39 23.41 -23.94
C SER D 52 2.58 24.26 -23.54
N PRO D 53 3.73 23.66 -23.13
CA PRO D 53 4.91 24.44 -22.77
C PRO D 53 5.57 25.16 -23.96
N GLY D 54 5.90 26.44 -23.78
CA GLY D 54 6.53 27.29 -24.81
C GLY D 54 5.53 28.15 -25.55
N THR D 55 4.23 27.93 -25.32
CA THR D 55 3.13 28.74 -25.91
C THR D 55 3.20 30.17 -25.35
N GLY D 56 4.16 30.42 -24.44
CA GLY D 56 4.47 31.76 -23.87
C GLY D 56 3.27 32.31 -23.17
N LYS D 57 2.62 31.49 -22.33
CA LYS D 57 1.41 31.85 -21.56
C LYS D 57 1.77 33.05 -20.68
N THR D 58 2.99 33.01 -20.13
CA THR D 58 3.60 34.06 -19.29
C THR D 58 3.69 35.37 -20.08
N LEU D 59 4.25 35.32 -21.30
CA LEU D 59 4.45 36.50 -22.17
C LEU D 59 3.14 37.30 -22.28
N LEU D 60 2.03 36.64 -22.62
CA LEU D 60 0.69 37.26 -22.84
C LEU D 60 0.24 37.97 -21.55
N ALA D 61 0.41 37.31 -20.39
CA ALA D 61 0.03 37.80 -19.05
C ALA D 61 0.72 39.15 -18.79
N LYS D 62 2.04 39.25 -19.04
CA LYS D 62 2.83 40.50 -18.92
C LYS D 62 2.20 41.57 -19.83
N ALA D 63 2.09 41.25 -21.12
CA ALA D 63 1.54 42.13 -22.18
C ALA D 63 0.16 42.68 -21.76
N VAL D 64 -0.69 41.85 -21.15
CA VAL D 64 -2.03 42.27 -20.64
C VAL D 64 -1.83 43.48 -19.72
N ALA D 65 -0.99 43.32 -18.69
CA ALA D 65 -0.59 44.38 -17.73
C ALA D 65 0.01 45.56 -18.51
N GLY D 66 0.91 45.28 -19.44
CA GLY D 66 1.56 46.28 -20.31
C GLY D 66 0.53 47.19 -20.99
N GLU D 67 -0.31 46.62 -21.85
CA GLU D 67 -1.40 47.35 -22.57
C GLU D 67 -2.31 48.08 -21.59
N ALA D 68 -2.39 47.61 -20.35
CA ALA D 68 -3.22 48.20 -19.26
C ALA D 68 -2.38 49.11 -18.34
N GLY D 69 -1.06 49.22 -18.57
CA GLY D 69 -0.10 49.91 -17.69
C GLY D 69 -0.36 49.57 -16.23
N VAL D 70 -0.36 48.26 -15.90
CA VAL D 70 -0.72 47.71 -14.56
C VAL D 70 0.50 46.97 -14.01
N SER D 71 0.60 46.88 -12.68
CA SER D 71 1.71 46.19 -11.96
C SER D 71 1.63 44.68 -12.24
N PHE D 72 2.78 44.01 -12.35
CA PHE D 72 2.88 42.56 -12.66
C PHE D 72 3.68 41.83 -11.56
N PHE D 73 3.06 40.83 -10.93
CA PHE D 73 3.65 39.99 -9.86
C PHE D 73 3.66 38.51 -10.30
N HIS D 74 4.77 38.04 -10.88
CA HIS D 74 4.96 36.61 -11.26
C HIS D 74 5.22 35.78 -10.00
N MET D 75 4.43 34.72 -9.79
CA MET D 75 4.59 33.72 -8.70
C MET D 75 4.32 32.31 -9.28
N SER D 76 5.21 31.34 -9.05
CA SER D 76 5.07 29.95 -9.56
C SER D 76 4.44 29.06 -8.49
N GLY D 77 3.61 28.10 -8.88
CA GLY D 77 2.97 27.11 -7.99
C GLY D 77 4.01 26.34 -7.20
N SER D 78 5.14 26.04 -7.83
CA SER D 78 6.32 25.33 -7.24
C SER D 78 6.78 26.06 -5.98
N ASP D 79 6.77 27.41 -6.00
CA ASP D 79 7.19 28.25 -4.85
C ASP D 79 6.31 27.92 -3.64
N PHE D 80 5.02 28.25 -3.71
CA PHE D 80 4.06 28.10 -2.57
C PHE D 80 4.01 26.63 -2.12
N VAL D 81 4.04 25.70 -3.08
CA VAL D 81 3.96 24.23 -2.82
C VAL D 81 5.23 23.77 -2.12
N MET D 83 5.10 26.34 1.20
CA MET D 83 6.19 25.36 0.90
C MET D 83 6.11 24.24 1.95
N PHE D 84 7.03 24.16 2.91
CA PHE D 84 6.99 23.25 4.09
C PHE D 84 5.57 23.22 4.67
N VAL D 85 5.23 24.16 5.55
CA VAL D 85 3.96 24.15 6.36
C VAL D 85 3.58 25.60 6.70
N GLY D 86 2.42 26.05 6.26
CA GLY D 86 1.90 27.41 6.53
C GLY D 86 2.63 28.47 5.73
N VAL D 87 3.94 28.29 5.49
CA VAL D 87 4.83 29.32 4.86
C VAL D 87 4.20 29.72 3.52
N GLY D 88 3.86 28.72 2.70
CA GLY D 88 3.26 28.91 1.36
C GLY D 88 1.99 29.74 1.43
N ALA D 89 1.05 29.38 2.30
CA ALA D 89 -0.22 30.13 2.51
C ALA D 89 0.13 31.57 2.92
N SER D 90 1.11 31.74 3.81
CA SER D 90 1.61 33.08 4.22
C SER D 90 2.10 33.82 2.97
N ARG D 91 2.89 33.14 2.13
CA ARG D 91 3.43 33.69 0.86
C ARG D 91 2.27 34.05 -0.06
N VAL D 92 1.25 33.19 -0.14
CA VAL D 92 -0.02 33.48 -0.88
C VAL D 92 -0.55 34.82 -0.36
N ARG D 93 -0.94 34.88 0.92
CA ARG D 93 -1.44 36.12 1.55
C ARG D 93 -0.45 37.25 1.32
N ASP D 94 0.81 37.06 1.72
CA ASP D 94 1.91 38.06 1.58
C ASP D 94 1.86 38.65 0.17
N LEU D 95 1.96 37.82 -0.86
CA LEU D 95 1.89 38.23 -2.30
C LEU D 95 0.65 39.10 -2.52
N PHE D 96 -0.52 38.62 -2.11
CA PHE D 96 -1.85 39.28 -2.33
C PHE D 96 -1.92 40.60 -1.56
N ASP D 97 -1.37 40.63 -0.34
CA ASP D 97 -1.26 41.84 0.51
C ASP D 97 -0.47 42.91 -0.27
N ASN D 98 0.76 42.60 -0.70
CA ASN D 98 1.64 43.54 -1.47
C ASN D 98 0.99 43.84 -2.83
N ALA D 99 0.36 42.83 -3.45
CA ALA D 99 -0.35 42.91 -4.74
C ALA D 99 -1.52 43.90 -4.62
N ARG D 100 -2.30 43.82 -3.54
CA ARG D 100 -3.40 44.78 -3.24
C ARG D 100 -2.84 46.20 -3.15
N LYS D 101 -1.61 46.34 -2.65
CA LYS D 101 -0.88 47.65 -2.49
C LYS D 101 -0.63 48.30 -3.85
N ASN D 102 -0.38 47.51 -4.90
CA ASN D 102 -0.08 48.00 -6.28
C ASN D 102 -1.32 47.86 -7.18
N SER D 103 -2.52 47.71 -6.60
CA SER D 103 -3.82 47.63 -7.32
C SER D 103 -4.05 48.88 -8.15
N PRO D 104 -4.57 48.80 -9.40
CA PRO D 104 -4.84 47.53 -10.08
C PRO D 104 -3.54 46.82 -10.48
N CYS D 105 -3.37 45.58 -10.02
CA CYS D 105 -2.19 44.73 -10.31
C CYS D 105 -2.67 43.41 -10.93
N ILE D 106 -1.77 42.71 -11.61
CA ILE D 106 -1.99 41.33 -12.13
C ILE D 106 -1.01 40.41 -11.39
N ILE D 107 -1.53 39.32 -10.80
CA ILE D 107 -0.72 38.20 -10.25
C ILE D 107 -0.76 37.06 -11.28
N PHE D 108 0.42 36.58 -11.71
CA PHE D 108 0.57 35.40 -12.60
C PHE D 108 1.01 34.18 -11.78
N ILE D 109 0.21 33.10 -11.81
CA ILE D 109 0.46 31.81 -11.09
C ILE D 109 0.76 30.73 -12.13
N ASP D 110 2.00 30.68 -12.62
CA ASP D 110 2.53 29.62 -13.51
C ASP D 110 2.40 28.26 -12.80
N GLU D 111 2.21 27.17 -13.56
CA GLU D 111 2.01 25.79 -13.06
C GLU D 111 0.98 25.79 -11.92
N LEU D 112 -0.21 26.36 -12.15
CA LEU D 112 -1.33 26.33 -11.16
C LEU D 112 -1.59 24.87 -10.75
N ASP D 113 -1.34 23.93 -11.69
CA ASP D 113 -1.40 22.47 -11.43
C ASP D 113 -0.63 22.13 -10.15
N ALA D 114 0.52 22.76 -9.90
CA ALA D 114 1.40 22.51 -8.73
C ALA D 114 0.63 22.69 -7.42
N VAL D 115 -0.21 23.73 -7.32
CA VAL D 115 -1.01 24.04 -6.10
C VAL D 115 -2.48 23.61 -6.28
N GLY D 116 -2.85 23.10 -7.46
CA GLY D 116 -4.24 22.76 -7.83
C GLY D 116 -4.45 21.27 -8.10
N ARG D 117 -4.99 20.54 -7.12
CA ARG D 117 -5.35 19.09 -7.19
C ARG D 117 -6.68 18.85 -6.47
N ASP D 128 -2.49 18.07 0.98
CA ASP D 128 -1.31 18.25 1.89
C ASP D 128 -1.23 19.72 2.34
N GLU D 129 -0.04 20.37 2.42
CA GLU D 129 0.09 21.83 2.68
C GLU D 129 -0.55 22.61 1.52
N ARG D 130 -0.39 22.11 0.30
CA ARG D 130 -1.02 22.69 -0.93
C ARG D 130 -2.51 22.93 -0.68
N GLU D 131 -3.21 21.94 -0.09
CA GLU D 131 -4.67 22.01 0.20
C GLU D 131 -4.99 23.37 0.85
N GLN D 132 -4.37 23.68 2.00
CA GLN D 132 -4.59 24.95 2.74
C GLN D 132 -3.96 26.11 1.96
N THR D 133 -2.86 25.87 1.24
CA THR D 133 -2.20 26.86 0.34
C THR D 133 -3.20 27.26 -0.74
N LEU D 134 -3.76 26.26 -1.42
CA LEU D 134 -4.90 26.39 -2.36
C LEU D 134 -6.04 27.12 -1.65
N ASN D 135 -6.53 26.57 -0.53
CA ASN D 135 -7.60 27.20 0.30
C ASN D 135 -7.26 28.69 0.44
N GLN D 136 -6.02 29.00 0.84
CA GLN D 136 -5.54 30.40 0.96
C GLN D 136 -5.70 31.10 -0.40
N LEU D 137 -5.19 30.48 -1.47
CA LEU D 137 -5.33 31.02 -2.86
C LEU D 137 -6.80 31.36 -3.09
N LEU D 138 -7.69 30.40 -2.88
CA LEU D 138 -9.17 30.56 -3.03
C LEU D 138 -9.62 31.69 -2.11
N VAL D 139 -9.27 31.58 -0.82
CA VAL D 139 -9.60 32.57 0.25
C VAL D 139 -9.28 33.98 -0.26
N GLU D 140 -8.03 34.23 -0.67
CA GLU D 140 -7.54 35.57 -1.11
C GLU D 140 -8.34 36.06 -2.32
N MET D 141 -8.56 35.20 -3.32
CA MET D 141 -9.29 35.55 -4.57
C MET D 141 -10.70 36.03 -4.21
N ASP D 142 -11.37 35.33 -3.27
CA ASP D 142 -12.75 35.63 -2.81
C ASP D 142 -12.80 37.06 -2.22
N GLY D 143 -11.69 37.56 -1.66
CA GLY D 143 -11.55 38.89 -1.06
C GLY D 143 -12.32 39.96 -1.84
N VAL D 150 -7.51 43.84 -8.33
CA VAL D 150 -6.45 42.80 -8.52
C VAL D 150 -7.05 41.60 -9.27
N ILE D 151 -6.52 41.29 -10.46
CA ILE D 151 -6.93 40.11 -11.28
C ILE D 151 -5.80 39.08 -11.25
N VAL D 152 -6.12 37.85 -10.83
CA VAL D 152 -5.18 36.69 -10.83
C VAL D 152 -5.20 36.07 -12.23
N MET D 153 -4.03 35.90 -12.84
CA MET D 153 -3.85 35.16 -14.11
C MET D 153 -3.06 33.88 -13.80
N ALA D 154 -3.46 32.75 -14.37
CA ALA D 154 -2.84 31.42 -14.14
C ALA D 154 -2.59 30.71 -15.47
N ALA D 155 -1.57 29.85 -15.51
CA ALA D 155 -1.14 29.06 -16.68
C ALA D 155 -0.96 27.60 -16.25
N THR D 156 -1.69 26.69 -16.89
CA THR D 156 -1.60 25.23 -16.62
C THR D 156 -1.40 24.50 -17.95
N ASN D 157 -0.35 23.68 -18.04
CA ASN D 157 -0.10 22.74 -19.17
C ASN D 157 -1.04 21.55 -19.03
N ARG D 158 -1.36 21.14 -17.79
CA ARG D 158 -2.23 19.99 -17.49
C ARG D 158 -3.46 20.46 -16.69
N PRO D 159 -4.55 20.94 -17.35
CA PRO D 159 -5.70 21.50 -16.65
C PRO D 159 -6.67 20.51 -15.99
N ASP D 160 -6.76 19.28 -16.50
CA ASP D 160 -7.61 18.18 -15.96
C ASP D 160 -7.20 17.82 -14.53
N VAL D 161 -5.94 18.11 -14.12
CA VAL D 161 -5.45 17.83 -12.73
C VAL D 161 -6.12 18.79 -11.74
N LEU D 162 -6.64 19.93 -12.22
CA LEU D 162 -7.12 21.05 -11.36
C LEU D 162 -8.43 20.68 -10.67
N ASP D 163 -8.52 21.02 -9.38
CA ASP D 163 -9.74 20.90 -8.54
C ASP D 163 -10.85 21.75 -9.17
N SER D 164 -12.09 21.25 -9.21
CA SER D 164 -13.27 21.94 -9.80
C SER D 164 -13.47 23.31 -9.13
N ALA D 165 -13.20 23.39 -7.82
CA ALA D 165 -13.33 24.63 -7.00
C ALA D 165 -12.64 25.81 -7.68
N LEU D 166 -11.48 25.57 -8.30
CA LEU D 166 -10.66 26.61 -8.98
C LEU D 166 -11.46 27.31 -10.09
N LEU D 167 -12.41 26.61 -10.73
CA LEU D 167 -13.11 27.07 -11.96
C LEU D 167 -14.47 27.68 -11.59
N ARG D 168 -14.87 27.67 -10.30
CA ARG D 168 -16.20 28.13 -9.83
C ARG D 168 -16.37 29.61 -10.15
N PRO D 169 -17.59 30.19 -10.08
CA PRO D 169 -17.79 31.61 -10.41
C PRO D 169 -16.89 32.55 -9.61
N GLY D 170 -16.38 33.61 -10.26
CA GLY D 170 -15.40 34.55 -9.69
C GLY D 170 -13.97 34.02 -9.81
N ARG D 171 -13.68 32.87 -9.17
CA ARG D 171 -12.33 32.26 -9.17
C ARG D 171 -12.11 31.53 -10.50
N PHE D 172 -11.09 31.92 -11.26
CA PHE D 172 -10.71 31.37 -12.59
C PHE D 172 -11.96 30.92 -13.38
N ASP D 173 -13.00 31.75 -13.36
CA ASP D 173 -14.29 31.52 -14.08
C ASP D 173 -14.06 31.72 -15.59
N ARG D 174 -13.16 32.63 -15.95
CA ARG D 174 -12.71 32.85 -17.36
C ARG D 174 -11.58 31.86 -17.68
N GLN D 175 -11.58 31.32 -18.90
CA GLN D 175 -10.56 30.37 -19.42
C GLN D 175 -10.24 30.78 -20.87
N VAL D 176 -8.94 30.93 -21.21
CA VAL D 176 -8.47 31.21 -22.60
C VAL D 176 -7.46 30.14 -23.01
N THR D 177 -7.65 29.51 -24.17
CA THR D 177 -6.81 28.40 -24.67
C THR D 177 -5.79 28.95 -25.69
N VAL D 178 -4.50 28.65 -25.48
CA VAL D 178 -3.36 29.08 -26.34
C VAL D 178 -2.85 27.87 -27.15
N SER D 179 -2.85 28.01 -28.49
CA SER D 179 -2.48 26.94 -29.47
C SER D 179 -1.03 27.10 -29.90
N LEU D 180 -0.36 25.97 -30.18
CA LEU D 180 0.98 25.98 -30.81
C LEU D 180 0.92 26.86 -32.05
N PRO D 181 1.97 27.65 -32.35
CA PRO D 181 1.92 28.60 -33.47
C PRO D 181 1.76 27.87 -34.80
N ASP D 182 0.94 28.43 -35.70
CA ASP D 182 0.83 27.98 -37.11
C ASP D 182 2.06 28.48 -37.89
N ILE D 183 2.17 28.10 -39.15
CA ILE D 183 3.26 28.52 -40.11
C ILE D 183 3.44 30.05 -40.06
N LYS D 184 2.33 30.80 -40.10
CA LYS D 184 2.34 32.30 -40.16
C LYS D 184 2.89 32.85 -38.84
N GLU D 185 2.30 32.42 -37.71
CA GLU D 185 2.72 32.79 -36.33
C GLU D 185 4.19 32.39 -36.12
N ARG D 186 4.61 31.20 -36.57
CA ARG D 186 6.00 30.69 -36.48
C ARG D 186 6.98 31.70 -37.11
N GLU D 187 6.84 31.99 -38.42
CA GLU D 187 7.68 32.96 -39.17
C GLU D 187 7.72 34.30 -38.41
N ALA D 188 6.53 34.82 -38.07
CA ALA D 188 6.33 36.07 -37.30
C ALA D 188 7.16 36.04 -36.01
N ILE D 189 7.06 34.94 -35.25
CA ILE D 189 7.79 34.71 -33.96
C ILE D 189 9.30 34.77 -34.21
N LEU D 190 9.81 34.01 -35.19
CA LEU D 190 11.25 33.97 -35.55
C LEU D 190 11.76 35.41 -35.73
N ASN D 191 10.97 36.26 -36.43
CA ASN D 191 11.33 37.66 -36.77
C ASN D 191 11.60 38.47 -35.49
N ILE D 192 10.84 38.25 -34.41
CA ILE D 192 10.86 39.06 -33.16
C ILE D 192 12.19 38.82 -32.41
N HIS D 193 12.58 37.56 -32.20
CA HIS D 193 13.82 37.16 -31.49
C HIS D 193 15.03 37.35 -32.40
N SER D 194 14.81 37.36 -33.73
CA SER D 194 15.85 37.64 -34.76
C SER D 194 16.46 39.01 -34.51
N LEU D 195 15.60 40.01 -34.23
CA LEU D 195 15.99 41.43 -34.00
C LEU D 195 16.98 41.48 -32.82
N LYS D 196 16.82 40.57 -31.85
CA LYS D 196 17.68 40.46 -30.64
C LYS D 196 19.09 39.95 -31.01
N THR D 197 19.29 39.50 -32.25
CA THR D 197 20.61 38.99 -32.74
C THR D 197 20.96 39.58 -34.11
N LYS D 198 22.11 39.18 -34.66
CA LYS D 198 22.59 39.57 -36.02
C LYS D 198 22.38 38.36 -36.97
N LEU D 199 21.18 38.24 -37.54
CA LEU D 199 20.80 37.21 -38.55
C LEU D 199 20.80 37.88 -39.93
N SER D 200 21.78 37.53 -40.78
CA SER D 200 21.93 38.00 -42.19
C SER D 200 20.62 37.78 -42.95
N LYS D 201 20.26 38.72 -43.84
CA LYS D 201 18.99 38.68 -44.63
C LYS D 201 18.98 37.45 -45.56
N ASP D 202 20.11 36.72 -45.65
CA ASP D 202 20.27 35.48 -46.46
C ASP D 202 19.36 34.35 -45.94
N ILE D 203 19.20 34.23 -44.61
CA ILE D 203 18.33 33.20 -43.98
C ILE D 203 16.86 33.66 -44.07
N ASN D 204 16.00 32.83 -44.69
CA ASN D 204 14.54 33.07 -44.84
C ASN D 204 13.81 32.32 -43.72
N LEU D 205 12.98 33.04 -42.96
CA LEU D 205 12.30 32.51 -41.75
C LEU D 205 11.06 31.71 -42.17
N GLN D 206 10.44 32.05 -43.30
CA GLN D 206 9.31 31.29 -43.90
C GLN D 206 9.78 29.85 -44.19
N VAL D 207 11.03 29.68 -44.67
CA VAL D 207 11.64 28.34 -44.96
C VAL D 207 11.66 27.52 -43.68
N ILE D 208 12.18 28.10 -42.60
CA ILE D 208 12.30 27.44 -41.26
C ILE D 208 10.89 27.27 -40.67
N ALA D 209 10.01 28.27 -40.82
CA ALA D 209 8.62 28.24 -40.28
C ALA D 209 7.96 26.90 -40.59
N ARG D 210 7.87 26.55 -41.89
CA ARG D 210 7.26 25.27 -42.37
C ARG D 210 8.15 24.09 -41.95
N ALA D 211 9.48 24.26 -41.99
CA ALA D 211 10.47 23.24 -41.59
C ALA D 211 10.18 22.75 -40.15
N THR D 212 9.64 23.65 -39.32
CA THR D 212 9.28 23.41 -37.90
C THR D 212 7.77 23.61 -37.72
N PRO D 213 6.95 22.61 -38.12
CA PRO D 213 5.52 22.65 -37.84
C PRO D 213 5.24 22.18 -36.42
N GLY D 214 4.28 22.83 -35.74
CA GLY D 214 3.88 22.54 -34.35
C GLY D 214 5.02 22.69 -33.36
N ALA D 215 6.05 23.47 -33.69
CA ALA D 215 7.12 23.88 -32.74
C ALA D 215 6.53 24.95 -31.82
N SER D 216 7.11 25.14 -30.63
CA SER D 216 6.66 26.13 -29.61
C SER D 216 7.41 27.46 -29.75
N GLY D 217 6.77 28.56 -29.34
CA GLY D 217 7.37 29.91 -29.32
C GLY D 217 8.80 29.90 -28.78
N ALA D 218 9.04 29.19 -27.67
CA ALA D 218 10.37 29.05 -27.03
C ALA D 218 11.28 28.15 -27.85
N ASP D 219 10.76 27.05 -28.41
CA ASP D 219 11.50 26.09 -29.27
C ASP D 219 12.21 26.90 -30.37
N LEU D 220 11.44 27.73 -31.07
CA LEU D 220 11.91 28.60 -32.19
C LEU D 220 12.96 29.58 -31.65
N ALA D 221 12.57 30.35 -30.62
CA ALA D 221 13.42 31.32 -29.91
C ALA D 221 14.76 30.66 -29.54
N ASN D 222 14.74 29.39 -29.07
CA ASN D 222 15.97 28.67 -28.67
C ASN D 222 16.80 28.35 -29.91
N LEU D 223 16.15 28.05 -31.04
CA LEU D 223 16.85 27.77 -32.33
C LEU D 223 17.75 28.96 -32.67
N ILE D 224 17.19 30.17 -32.65
CA ILE D 224 17.93 31.45 -32.91
C ILE D 224 19.16 31.45 -31.99
N ASN D 225 18.92 31.41 -30.67
CA ASN D 225 19.97 31.39 -29.60
C ASN D 225 21.07 30.39 -30.00
N GLU D 226 20.69 29.14 -30.23
CA GLU D 226 21.62 28.04 -30.60
C GLU D 226 22.49 28.48 -31.78
N GLY D 227 21.87 29.11 -32.78
CA GLY D 227 22.58 29.70 -33.93
C GLY D 227 23.52 30.81 -33.51
N ALA D 228 22.98 31.80 -32.79
CA ALA D 228 23.73 32.96 -32.24
C ALA D 228 24.94 32.44 -31.45
N LEU D 229 24.77 31.37 -30.66
CA LEU D 229 25.87 30.70 -29.91
C LEU D 229 26.87 30.10 -30.92
N ILE D 230 26.38 29.41 -31.94
CA ILE D 230 27.21 28.75 -33.00
C ILE D 230 28.05 29.82 -33.73
N ALA D 231 27.49 31.02 -33.92
CA ALA D 231 28.16 32.18 -34.58
C ALA D 231 29.41 32.60 -33.79
N ALA D 232 29.23 32.81 -32.47
CA ALA D 232 30.26 33.29 -31.53
C ALA D 232 31.47 32.33 -31.50
N ARG D 233 31.28 31.06 -31.86
CA ARG D 233 32.38 30.08 -32.06
C ARG D 233 33.16 30.42 -33.34
N ASN D 234 32.74 31.44 -34.11
CA ASN D 234 33.42 31.92 -35.36
C ASN D 234 34.00 33.35 -35.20
N LYS D 242 22.74 30.18 -42.18
CA LYS D 242 23.18 28.88 -42.72
C LYS D 242 23.98 28.13 -41.64
N ASP D 243 24.40 28.82 -40.58
CA ASP D 243 24.86 28.19 -39.31
C ASP D 243 23.62 27.77 -38.49
N MET D 244 22.49 28.47 -38.65
CA MET D 244 21.18 28.12 -38.03
C MET D 244 20.81 26.66 -38.33
N GLU D 245 21.35 26.08 -39.42
CA GLU D 245 21.19 24.67 -39.82
C GLU D 245 21.83 23.75 -38.78
N GLU D 246 23.06 24.05 -38.33
CA GLU D 246 23.80 23.22 -37.33
C GLU D 246 22.96 23.15 -36.06
N ALA D 247 22.29 24.26 -35.70
CA ALA D 247 21.40 24.37 -34.52
C ALA D 247 20.17 23.49 -34.68
N ARG D 248 19.56 23.46 -35.87
CA ARG D 248 18.39 22.59 -36.17
C ARG D 248 18.76 21.16 -35.83
N ASP D 249 19.96 20.71 -36.21
CA ASP D 249 20.48 19.33 -35.95
C ASP D 249 20.64 19.11 -34.44
N LYS D 250 20.89 20.19 -33.69
CA LYS D 250 21.01 20.19 -32.22
C LYS D 250 19.61 20.15 -31.59
N ILE D 251 18.54 20.03 -32.38
CA ILE D 251 17.16 19.83 -31.84
C ILE D 251 17.12 18.46 -31.13
N LEU D 252 18.12 17.60 -31.38
CA LEU D 252 18.28 16.29 -30.67
C LEU D 252 18.95 16.54 -29.30
N THR D 263 9.82 15.65 -41.76
CA THR D 263 9.73 15.13 -43.16
C THR D 263 8.53 15.79 -43.86
N ASP D 264 8.69 16.23 -45.11
CA ASP D 264 7.62 16.86 -45.92
C ASP D 264 6.55 15.82 -46.26
N ARG D 265 6.91 14.52 -46.26
CA ARG D 265 5.99 13.37 -46.50
C ARG D 265 5.09 13.15 -45.27
N GLN D 266 5.66 13.19 -44.06
CA GLN D 266 4.96 12.95 -42.76
C GLN D 266 3.84 13.98 -42.57
N LYS D 267 3.97 15.16 -43.18
CA LYS D 267 2.95 16.24 -43.16
C LYS D 267 1.65 15.77 -43.83
N LEU D 268 1.79 14.98 -44.92
CA LEU D 268 0.65 14.36 -45.64
C LEU D 268 0.07 13.24 -44.76
N GLU D 269 0.94 12.40 -44.16
CA GLU D 269 0.55 11.29 -43.25
C GLU D 269 -0.41 11.85 -42.19
N THR D 270 0.03 12.89 -41.46
CA THR D 270 -0.77 13.62 -40.45
C THR D 270 -2.04 14.17 -41.12
N ALA D 271 -1.88 14.78 -42.31
CA ALA D 271 -2.98 15.38 -43.10
C ALA D 271 -4.10 14.33 -43.31
N TYR D 272 -3.71 13.08 -43.56
CA TYR D 272 -4.64 11.93 -43.76
C TYR D 272 -5.34 11.58 -42.44
N HIS D 273 -4.62 11.38 -41.31
CA HIS D 273 -5.24 11.07 -39.97
C HIS D 273 -6.33 12.12 -39.72
N GLU D 274 -6.01 13.40 -39.89
CA GLU D 274 -6.93 14.53 -39.54
C GLU D 274 -8.01 14.68 -40.61
N ALA D 275 -7.67 14.46 -41.89
CA ALA D 275 -8.62 14.49 -43.03
C ALA D 275 -9.76 13.49 -42.78
N GLY D 276 -9.38 12.23 -42.51
CA GLY D 276 -10.29 11.11 -42.21
C GLY D 276 -11.20 11.40 -41.03
N HIS D 277 -10.60 11.85 -39.92
CA HIS D 277 -11.34 12.29 -38.71
C HIS D 277 -12.44 13.29 -39.14
N ALA D 278 -12.06 14.44 -39.73
CA ALA D 278 -12.92 15.63 -39.94
C ALA D 278 -14.01 15.35 -40.99
N LEU D 279 -13.63 14.69 -42.09
CA LEU D 279 -14.51 14.46 -43.27
C LEU D 279 -15.79 13.73 -42.83
N LEU D 280 -15.67 12.81 -41.88
CA LEU D 280 -16.78 11.92 -41.41
C LEU D 280 -17.89 12.74 -40.74
N HIS D 281 -17.58 13.92 -40.20
CA HIS D 281 -18.52 14.75 -39.37
C HIS D 281 -19.71 15.22 -40.22
N TYR D 282 -19.48 15.50 -41.50
CA TYR D 282 -20.51 16.01 -42.46
C TYR D 282 -21.48 14.88 -42.83
N TYR D 283 -20.93 13.70 -43.14
CA TYR D 283 -21.64 12.52 -43.69
C TYR D 283 -22.42 11.79 -42.58
N LEU D 284 -21.89 11.78 -41.35
CA LEU D 284 -22.54 11.12 -40.18
C LEU D 284 -23.62 12.06 -39.61
N GLU D 285 -24.85 11.55 -39.43
CA GLU D 285 -26.03 12.37 -39.02
C GLU D 285 -25.81 12.89 -37.60
N HIS D 286 -25.40 12.03 -36.66
CA HIS D 286 -25.36 12.31 -35.19
C HIS D 286 -24.04 12.93 -34.75
N ALA D 287 -23.19 13.37 -35.68
CA ALA D 287 -21.94 14.13 -35.40
C ALA D 287 -22.22 15.63 -35.55
N ASP D 288 -21.26 16.47 -35.15
CA ASP D 288 -21.28 17.94 -35.43
C ASP D 288 -20.00 18.30 -36.16
N PRO D 289 -20.06 18.97 -37.34
CA PRO D 289 -18.85 19.30 -38.10
C PRO D 289 -17.76 19.95 -37.23
N LEU D 290 -16.48 19.59 -37.44
CA LEU D 290 -15.33 20.15 -36.67
C LEU D 290 -15.23 21.66 -36.94
N HIS D 291 -15.14 22.47 -35.87
CA HIS D 291 -14.94 23.95 -35.92
C HIS D 291 -13.67 24.26 -36.74
N LYS D 292 -12.66 23.41 -36.62
CA LYS D 292 -11.34 23.57 -37.29
C LYS D 292 -10.72 22.20 -37.55
N VAL D 293 -9.85 22.09 -38.57
CA VAL D 293 -8.97 20.91 -38.83
C VAL D 293 -7.53 21.42 -38.90
N THR D 294 -6.64 20.86 -38.08
CA THR D 294 -5.20 21.25 -38.00
C THR D 294 -4.30 20.00 -38.08
N ILE D 295 -3.02 20.19 -38.41
CA ILE D 295 -1.96 19.14 -38.36
C ILE D 295 -0.97 19.45 -37.22
N ILE D 296 -1.41 20.15 -36.16
CA ILE D 296 -0.63 20.41 -34.90
C ILE D 296 -0.37 19.13 -34.07
N SER D 315 -25.67 11.77 -21.08
CA SER D 315 -26.95 11.37 -21.73
C SER D 315 -26.87 11.49 -23.26
N ILE D 316 -26.46 10.40 -23.94
CA ILE D 316 -26.17 10.31 -25.40
C ILE D 316 -26.90 9.07 -25.94
N ASN D 317 -27.45 9.13 -27.16
CA ASN D 317 -28.08 7.97 -27.83
C ASN D 317 -26.98 7.03 -28.34
N LYS D 318 -27.31 5.72 -28.40
CA LYS D 318 -26.48 4.69 -29.07
C LYS D 318 -25.99 5.24 -30.42
N HIS D 319 -26.89 5.87 -31.19
CA HIS D 319 -26.64 6.35 -32.57
C HIS D 319 -25.56 7.45 -32.56
N GLN D 320 -25.58 8.28 -31.53
CA GLN D 320 -24.58 9.35 -31.29
C GLN D 320 -23.24 8.70 -30.93
N ILE D 321 -23.25 7.81 -29.92
CA ILE D 321 -22.05 7.06 -29.42
C ILE D 321 -21.33 6.42 -30.60
N LEU D 322 -22.09 5.74 -31.47
CA LEU D 322 -21.55 4.88 -32.56
C LEU D 322 -20.84 5.76 -33.58
N ASP D 323 -21.45 6.90 -33.95
CA ASP D 323 -20.89 7.82 -34.98
C ASP D 323 -19.49 8.28 -34.51
N LYS D 324 -19.37 8.60 -33.22
CA LYS D 324 -18.07 9.00 -32.60
C LYS D 324 -17.04 7.91 -32.88
N ILE D 325 -17.36 6.67 -32.49
CA ILE D 325 -16.48 5.48 -32.67
C ILE D 325 -16.01 5.45 -34.14
N LYS D 326 -16.93 5.68 -35.07
CA LYS D 326 -16.62 5.70 -36.53
C LYS D 326 -15.56 6.79 -36.78
N ILE D 327 -15.82 8.00 -36.28
CA ILE D 327 -14.93 9.18 -36.44
C ILE D 327 -13.55 8.85 -35.86
N CYS D 328 -13.52 8.24 -34.66
CA CYS D 328 -12.26 7.79 -34.01
C CYS D 328 -11.46 6.93 -35.00
N TYR D 329 -12.15 6.13 -35.81
CA TYR D 329 -11.52 5.17 -36.77
C TYR D 329 -11.16 5.89 -38.07
N GLY D 330 -11.61 7.14 -38.22
CA GLY D 330 -11.31 8.02 -39.37
C GLY D 330 -9.87 7.90 -39.82
N GLY D 331 -8.93 8.39 -39.01
CA GLY D 331 -7.51 8.49 -39.38
C GLY D 331 -6.90 7.12 -39.59
N TYR D 332 -7.33 6.13 -38.79
CA TYR D 332 -6.91 4.71 -38.94
C TYR D 332 -7.21 4.25 -40.38
N ALA D 333 -8.43 4.53 -40.84
CA ALA D 333 -8.89 4.25 -42.22
C ALA D 333 -8.02 5.00 -43.22
N SER D 334 -8.10 6.33 -43.25
CA SER D 334 -7.45 7.21 -44.26
C SER D 334 -5.99 6.80 -44.46
N GLU D 335 -5.28 6.48 -43.37
CA GLU D 335 -3.85 6.05 -43.43
C GLU D 335 -3.75 4.87 -44.39
N GLN D 336 -4.64 3.88 -44.26
CA GLN D 336 -4.69 2.67 -45.14
C GLN D 336 -5.15 3.10 -46.54
N ILE D 337 -6.27 3.80 -46.63
CA ILE D 337 -6.87 4.22 -47.94
C ILE D 337 -5.80 4.92 -48.77
N ASN D 338 -4.94 5.73 -48.13
CA ASN D 338 -3.99 6.64 -48.83
C ASN D 338 -2.57 6.06 -48.82
N LEU D 339 -2.04 5.69 -47.64
CA LEU D 339 -0.63 5.20 -47.49
C LEU D 339 -0.60 3.66 -47.45
N GLY D 340 -1.77 3.02 -47.34
CA GLY D 340 -1.88 1.54 -47.32
C GLY D 340 -1.38 0.93 -46.03
N VAL D 341 -0.69 1.72 -45.21
CA VAL D 341 -0.13 1.29 -43.91
C VAL D 341 -0.81 2.12 -42.82
N THR D 342 -0.89 1.58 -41.60
CA THR D 342 -1.38 2.33 -40.40
C THR D 342 -0.18 2.81 -39.59
N THR D 343 -0.32 3.98 -38.98
CA THR D 343 0.69 4.59 -38.07
C THR D 343 0.34 4.19 -36.62
N ALA D 344 1.19 4.60 -35.67
CA ALA D 344 1.03 4.39 -34.21
C ALA D 344 0.15 5.51 -33.62
N GLY D 345 -0.03 6.62 -34.37
CA GLY D 345 -0.82 7.80 -33.97
C GLY D 345 -2.31 7.51 -33.78
N VAL D 346 -2.72 6.28 -34.06
CA VAL D 346 -4.12 5.81 -33.93
C VAL D 346 -4.40 5.48 -32.45
N GLN D 347 -3.36 5.17 -31.69
CA GLN D 347 -3.44 4.64 -30.29
C GLN D 347 -4.64 5.27 -29.55
N ASN D 348 -4.58 6.56 -29.32
CA ASN D 348 -5.59 7.32 -28.53
C ASN D 348 -6.94 7.21 -29.26
N ASP D 349 -6.90 7.32 -30.60
CA ASP D 349 -8.09 7.20 -31.48
C ASP D 349 -8.73 5.82 -31.20
N LEU D 350 -7.92 4.74 -31.17
CA LEU D 350 -8.39 3.33 -30.93
C LEU D 350 -8.91 3.22 -29.50
N MET D 351 -8.09 3.67 -28.56
CA MET D 351 -8.36 3.65 -27.11
C MET D 351 -9.73 4.27 -26.81
N GLN D 352 -10.02 5.41 -27.42
CA GLN D 352 -11.27 6.16 -27.10
C GLN D 352 -12.46 5.38 -27.66
N ALA D 353 -12.37 4.97 -28.93
CA ALA D 353 -13.34 4.09 -29.61
C ALA D 353 -13.66 2.90 -28.69
N THR D 354 -12.62 2.13 -28.31
CA THR D 354 -12.73 0.90 -27.47
C THR D 354 -13.42 1.20 -26.14
N SER D 355 -13.08 2.32 -25.51
CA SER D 355 -13.70 2.76 -24.23
C SER D 355 -15.22 2.89 -24.42
N LEU D 356 -15.63 3.69 -25.42
CA LEU D 356 -17.06 3.94 -25.75
C LEU D 356 -17.78 2.61 -25.98
N ALA D 357 -17.16 1.77 -26.82
CA ALA D 357 -17.60 0.39 -27.12
C ALA D 357 -17.85 -0.36 -25.81
N LYS D 358 -16.83 -0.45 -24.94
CA LYS D 358 -16.90 -1.14 -23.63
C LYS D 358 -18.06 -0.57 -22.82
N LYS D 359 -18.23 0.75 -22.86
CA LYS D 359 -19.23 1.47 -22.04
C LYS D 359 -20.63 1.09 -22.51
N MET D 360 -20.84 1.07 -23.83
CA MET D 360 -22.09 0.61 -24.50
C MET D 360 -22.52 -0.74 -23.93
N VAL D 361 -21.58 -1.71 -23.94
CA VAL D 361 -21.83 -3.12 -23.53
C VAL D 361 -22.03 -3.22 -22.01
N THR D 362 -21.03 -2.77 -21.24
CA THR D 362 -20.88 -3.03 -19.76
C THR D 362 -21.80 -2.13 -18.93
N GLU D 363 -21.73 -0.81 -19.14
CA GLU D 363 -22.34 0.21 -18.24
C GLU D 363 -23.72 0.66 -18.75
N TRP D 364 -23.83 0.99 -20.05
CA TRP D 364 -25.01 1.67 -20.64
C TRP D 364 -26.10 0.67 -21.08
N GLY D 365 -25.80 -0.63 -21.04
CA GLY D 365 -26.70 -1.73 -21.43
C GLY D 365 -27.17 -1.63 -22.88
N MET D 366 -26.29 -1.17 -23.78
CA MET D 366 -26.57 -0.98 -25.24
C MET D 366 -26.09 -2.19 -26.04
N GLY D 367 -25.71 -3.28 -25.33
CA GLY D 367 -25.23 -4.53 -25.94
C GLY D 367 -26.39 -5.49 -26.22
N GLU D 368 -26.45 -6.02 -27.45
CA GLU D 368 -27.52 -6.94 -27.91
C GLU D 368 -27.39 -8.26 -27.12
N GLU D 369 -26.23 -8.91 -27.19
CA GLU D 369 -25.96 -10.25 -26.59
C GLU D 369 -25.84 -10.11 -25.07
N VAL D 370 -25.00 -9.18 -24.59
CA VAL D 370 -24.58 -9.08 -23.16
C VAL D 370 -25.80 -8.73 -22.32
N GLY D 371 -26.64 -7.79 -22.79
CA GLY D 371 -27.93 -7.45 -22.16
C GLY D 371 -27.85 -6.16 -21.35
N PRO D 372 -28.96 -5.80 -20.64
CA PRO D 372 -29.06 -4.58 -19.84
C PRO D 372 -28.54 -4.84 -18.42
N ILE D 373 -27.27 -5.20 -18.33
CA ILE D 373 -26.58 -5.59 -17.07
C ILE D 373 -25.34 -4.68 -16.93
N PHE D 374 -25.03 -4.33 -15.67
CA PHE D 374 -23.92 -3.45 -15.26
C PHE D 374 -22.76 -4.36 -14.81
N LEU D 375 -21.68 -4.40 -15.58
CA LEU D 375 -20.60 -5.41 -15.37
C LEU D 375 -19.32 -4.70 -14.94
N VAL D 376 -19.37 -3.94 -13.84
CA VAL D 376 -18.31 -2.98 -13.42
C VAL D 376 -17.73 -2.27 -14.64
N ALA D 393 -15.83 -8.34 -11.86
CA ALA D 393 -15.75 -9.74 -11.41
C ALA D 393 -16.98 -10.49 -11.95
N TYR D 394 -16.77 -11.26 -13.02
CA TYR D 394 -17.82 -12.08 -13.66
C TYR D 394 -17.14 -13.30 -14.31
N SER D 395 -17.96 -14.29 -14.72
CA SER D 395 -17.51 -15.56 -15.35
C SER D 395 -16.70 -15.22 -16.61
N GLU D 396 -15.80 -16.13 -17.00
CA GLU D 396 -15.00 -16.05 -18.25
C GLU D 396 -15.95 -16.08 -19.45
N ASN D 397 -17.00 -16.89 -19.35
CA ASN D 397 -18.07 -17.03 -20.40
C ASN D 397 -18.65 -15.63 -20.60
N THR D 398 -19.04 -14.96 -19.51
CA THR D 398 -19.59 -13.58 -19.50
C THR D 398 -18.54 -12.61 -20.12
N ALA D 399 -17.26 -12.82 -19.86
CA ALA D 399 -16.15 -11.99 -20.36
C ALA D 399 -16.09 -12.05 -21.89
N ASP D 400 -16.02 -13.28 -22.42
CA ASP D 400 -15.93 -13.58 -23.88
C ASP D 400 -17.07 -12.86 -24.60
N LYS D 401 -18.29 -12.86 -24.03
CA LYS D 401 -19.48 -12.13 -24.52
C LYS D 401 -19.15 -10.65 -24.73
N VAL D 402 -18.57 -10.00 -23.71
CA VAL D 402 -18.23 -8.54 -23.72
C VAL D 402 -17.18 -8.32 -24.81
N ASP D 403 -16.03 -9.00 -24.73
CA ASP D 403 -14.91 -8.84 -25.70
C ASP D 403 -15.42 -8.98 -27.14
N ARG D 404 -16.37 -9.90 -27.36
CA ARG D 404 -16.93 -10.24 -28.70
C ARG D 404 -17.85 -9.13 -29.18
N GLU D 405 -18.83 -8.70 -28.36
CA GLU D 405 -19.77 -7.59 -28.67
C GLU D 405 -19.02 -6.29 -28.92
N VAL D 406 -18.01 -6.01 -28.07
CA VAL D 406 -17.10 -4.84 -28.20
C VAL D 406 -16.43 -4.92 -29.58
N LYS D 407 -15.87 -6.10 -29.95
CA LYS D 407 -15.15 -6.30 -31.24
C LYS D 407 -16.11 -5.99 -32.38
N ARG D 408 -17.30 -6.59 -32.37
CA ARG D 408 -18.34 -6.34 -33.39
C ARG D 408 -18.57 -4.84 -33.50
N ILE D 409 -19.13 -4.21 -32.46
CA ILE D 409 -19.48 -2.75 -32.43
C ILE D 409 -18.34 -1.95 -33.08
N LEU D 410 -17.10 -2.23 -32.69
CA LEU D 410 -15.91 -1.52 -33.23
C LEU D 410 -15.76 -1.84 -34.72
N GLU D 411 -15.68 -3.13 -35.06
CA GLU D 411 -15.42 -3.60 -36.45
C GLU D 411 -16.49 -3.03 -37.39
N GLU D 412 -17.74 -2.96 -36.93
CA GLU D 412 -18.85 -2.34 -37.69
C GLU D 412 -18.53 -0.87 -37.94
N CYS D 413 -18.33 -0.11 -36.87
CA CYS D 413 -18.10 1.36 -36.92
C CYS D 413 -16.89 1.65 -37.83
N LEU D 414 -15.86 0.81 -37.83
CA LEU D 414 -14.67 1.02 -38.70
C LEU D 414 -15.10 0.85 -40.16
N LYS D 415 -15.86 -0.20 -40.47
CA LYS D 415 -16.41 -0.48 -41.83
C LYS D 415 -17.13 0.79 -42.30
N GLU D 416 -18.26 1.17 -41.67
CA GLU D 416 -19.09 2.36 -42.04
C GLU D 416 -18.13 3.52 -42.36
N ALA D 417 -17.09 3.69 -41.55
CA ALA D 417 -16.03 4.72 -41.70
C ALA D 417 -15.20 4.46 -42.96
N SER D 418 -14.54 3.30 -43.05
CA SER D 418 -13.67 2.92 -44.20
C SER D 418 -14.43 3.10 -45.51
N ASP D 419 -15.70 2.65 -45.56
CA ASP D 419 -16.60 2.73 -46.73
C ASP D 419 -16.78 4.19 -47.13
N ILE D 420 -17.29 5.02 -46.20
CA ILE D 420 -17.56 6.48 -46.42
C ILE D 420 -16.31 7.14 -47.04
N LEU D 421 -15.14 6.94 -46.44
CA LEU D 421 -13.88 7.60 -46.87
C LEU D 421 -13.48 7.10 -48.27
N LEU D 422 -13.76 5.83 -48.58
CA LEU D 422 -13.43 5.20 -49.90
C LEU D 422 -14.17 5.94 -51.02
N LYS D 423 -15.48 6.18 -50.84
CA LYS D 423 -16.35 6.90 -51.81
C LYS D 423 -15.76 8.31 -52.02
N HIS D 424 -15.70 9.09 -50.93
CA HIS D 424 -15.31 10.52 -50.95
C HIS D 424 -13.79 10.64 -50.86
N LYS D 425 -13.05 9.58 -51.19
CA LYS D 425 -11.56 9.56 -51.15
C LYS D 425 -11.01 10.83 -51.82
N ASP D 426 -11.52 11.20 -53.00
CA ASP D 426 -11.13 12.42 -53.75
C ASP D 426 -11.29 13.67 -52.86
N GLN D 427 -12.38 13.76 -52.08
CA GLN D 427 -12.67 14.88 -51.15
C GLN D 427 -11.64 14.88 -50.00
N LEU D 428 -11.34 13.70 -49.46
CA LEU D 428 -10.34 13.48 -48.38
C LEU D 428 -8.94 13.85 -48.89
N VAL D 429 -8.54 13.36 -50.05
CA VAL D 429 -7.20 13.67 -50.66
C VAL D 429 -7.11 15.18 -50.91
N LYS D 430 -8.24 15.85 -51.17
CA LYS D 430 -8.31 17.33 -51.32
C LYS D 430 -7.84 17.97 -50.01
N LEU D 431 -8.49 17.62 -48.89
CA LEU D 431 -8.17 18.18 -47.55
C LEU D 431 -6.68 17.98 -47.27
N ALA D 432 -6.14 16.78 -47.51
CA ALA D 432 -4.72 16.43 -47.26
C ALA D 432 -3.79 17.55 -47.76
N LYS D 433 -3.73 17.80 -49.08
CA LYS D 433 -2.81 18.83 -49.67
C LYS D 433 -3.14 20.22 -49.07
N GLU D 434 -4.43 20.57 -49.05
CA GLU D 434 -4.94 21.83 -48.47
C GLU D 434 -4.43 21.94 -47.03
N LEU D 435 -4.44 20.83 -46.27
CA LEU D 435 -3.94 20.77 -44.87
C LEU D 435 -2.42 21.02 -44.86
N VAL D 436 -1.68 20.33 -45.74
CA VAL D 436 -0.20 20.52 -45.83
C VAL D 436 0.07 21.99 -46.17
N LEU D 437 -0.94 22.69 -46.70
CA LEU D 437 -0.86 24.12 -47.10
C LEU D 437 -1.31 25.01 -45.94
N LYS D 438 -2.62 25.00 -45.60
CA LYS D 438 -3.22 25.94 -44.61
C LYS D 438 -2.79 25.55 -43.19
N GLU D 439 -2.36 24.30 -42.96
CA GLU D 439 -1.99 23.75 -41.64
C GLU D 439 -3.23 23.72 -40.73
N THR D 440 -4.11 24.73 -40.82
CA THR D 440 -5.40 24.77 -40.09
C THR D 440 -6.47 25.44 -40.96
N LEU D 441 -7.70 24.95 -40.93
CA LEU D 441 -8.81 25.46 -41.77
C LEU D 441 -10.15 24.95 -41.23
N THR D 442 -11.25 25.29 -41.89
CA THR D 442 -12.63 25.07 -41.37
C THR D 442 -13.56 24.53 -42.47
N ILE E 8 -29.87 39.06 5.92
CA ILE E 8 -30.81 39.55 4.85
C ILE E 8 -32.24 39.08 5.17
N THR E 9 -33.17 39.18 4.21
CA THR E 9 -34.62 38.84 4.37
C THR E 9 -34.92 37.52 3.64
N PHE E 10 -36.02 36.85 4.01
CA PHE E 10 -36.59 35.67 3.29
C PHE E 10 -37.14 36.14 1.93
N LYS E 11 -37.40 37.46 1.82
CA LYS E 11 -37.87 38.12 0.57
C LYS E 11 -36.74 38.16 -0.46
N ASP E 12 -35.47 38.05 -0.03
CA ASP E 12 -34.27 38.00 -0.92
C ASP E 12 -34.13 36.61 -1.55
N VAL E 13 -34.79 35.59 -0.98
CA VAL E 13 -34.78 34.17 -1.44
C VAL E 13 -36.09 33.90 -2.19
N ALA E 14 -36.05 33.14 -3.29
CA ALA E 14 -37.22 32.82 -4.13
C ALA E 14 -37.33 31.30 -4.31
N GLY E 15 -38.56 30.79 -4.43
CA GLY E 15 -38.88 29.37 -4.67
C GLY E 15 -38.48 28.48 -3.50
N GLN E 16 -38.42 29.05 -2.29
CA GLN E 16 -38.07 28.30 -1.04
C GLN E 16 -39.33 28.02 -0.21
N GLU E 17 -40.41 28.77 -0.43
CA GLU E 17 -41.77 28.61 0.19
C GLU E 17 -41.79 27.51 1.28
N GLU E 18 -41.77 26.25 0.85
CA GLU E 18 -41.82 25.06 1.74
C GLU E 18 -40.59 25.09 2.67
N VAL E 19 -39.39 25.16 2.10
CA VAL E 19 -38.09 25.33 2.83
C VAL E 19 -38.23 26.54 3.77
N LYS E 20 -38.71 27.69 3.27
CA LYS E 20 -38.94 28.93 4.06
C LYS E 20 -39.73 28.58 5.33
N GLN E 21 -40.93 27.98 5.19
CA GLN E 21 -41.81 27.57 6.32
C GLN E 21 -41.06 26.59 7.23
N GLU E 22 -40.24 25.71 6.64
CA GLU E 22 -39.42 24.72 7.37
C GLU E 22 -38.40 25.43 8.27
N LEU E 23 -37.83 26.54 7.78
CA LEU E 23 -36.78 27.32 8.48
C LEU E 23 -37.42 28.23 9.53
N ARG E 24 -38.70 28.60 9.37
CA ARG E 24 -39.42 29.51 10.29
C ARG E 24 -39.30 28.99 11.73
N GLU E 25 -39.63 27.72 11.97
CA GLU E 25 -39.58 27.08 13.32
C GLU E 25 -38.23 27.39 14.01
N VAL E 26 -37.16 27.52 13.23
CA VAL E 26 -35.80 27.95 13.73
C VAL E 26 -35.88 29.45 14.07
N VAL E 27 -36.24 30.27 13.08
CA VAL E 27 -36.43 31.75 13.23
C VAL E 27 -37.25 31.99 14.50
N GLU E 28 -38.43 31.38 14.59
CA GLU E 28 -39.41 31.53 15.70
C GLU E 28 -38.71 31.20 17.03
N PHE E 29 -37.88 30.17 17.08
CA PHE E 29 -37.10 29.81 18.30
C PHE E 29 -36.23 30.99 18.74
N LEU E 30 -35.35 31.45 17.86
CA LEU E 30 -34.30 32.48 18.14
C LEU E 30 -34.96 33.76 18.69
N LYS E 31 -36.12 34.12 18.12
CA LYS E 31 -36.93 35.31 18.52
C LYS E 31 -37.43 35.14 19.95
N ASN E 32 -38.27 34.13 20.19
CA ASN E 32 -39.03 33.92 21.45
C ASN E 32 -38.74 32.53 22.02
N PRO E 33 -37.50 32.27 22.53
CA PRO E 33 -37.13 30.96 23.08
C PRO E 33 -38.00 30.52 24.27
N LYS E 34 -38.54 31.50 24.99
CA LYS E 34 -39.35 31.28 26.23
C LYS E 34 -40.56 30.40 25.89
N LYS E 35 -41.25 30.63 24.76
CA LYS E 35 -42.45 29.85 24.34
C LYS E 35 -42.12 28.34 24.37
N PHE E 36 -40.91 27.98 23.94
CA PHE E 36 -40.40 26.59 23.86
C PHE E 36 -39.89 26.18 25.24
N GLU E 37 -39.34 27.13 25.99
CA GLU E 37 -38.87 26.93 27.39
C GLU E 37 -40.07 26.81 28.34
N LYS E 38 -41.26 27.31 27.95
CA LYS E 38 -42.52 27.32 28.76
C LYS E 38 -42.86 25.90 29.23
N ILE E 39 -43.09 24.98 28.29
CA ILE E 39 -43.50 23.58 28.58
C ILE E 39 -42.28 22.78 29.05
N GLY E 40 -41.09 23.38 29.06
CA GLY E 40 -39.82 22.69 29.38
C GLY E 40 -39.45 21.75 28.24
N ALA E 41 -39.35 22.30 27.02
CA ALA E 41 -39.00 21.58 25.77
C ALA E 41 -37.62 22.02 25.29
N LYS E 42 -36.65 21.09 25.22
CA LYS E 42 -35.26 21.36 24.78
C LYS E 42 -35.30 21.75 23.29
N ILE E 43 -34.57 22.79 22.92
CA ILE E 43 -34.60 23.36 21.53
C ILE E 43 -33.53 22.66 20.70
N PRO E 44 -33.76 22.35 19.41
CA PRO E 44 -32.70 21.83 18.56
C PRO E 44 -31.52 22.81 18.51
N LYS E 45 -30.30 22.32 18.78
CA LYS E 45 -29.06 23.14 18.71
C LYS E 45 -28.59 23.21 17.25
N GLY E 46 -28.83 22.17 16.46
CA GLY E 46 -28.28 22.01 15.09
C GLY E 46 -29.35 21.79 14.03
N VAL E 47 -29.21 22.46 12.88
CA VAL E 47 -30.10 22.36 11.68
C VAL E 47 -29.20 22.28 10.45
N LEU E 48 -29.35 21.23 9.64
CA LEU E 48 -28.48 20.94 8.46
C LEU E 48 -29.25 21.25 7.17
N LEU E 49 -28.66 22.02 6.26
CA LEU E 49 -29.22 22.31 4.91
C LEU E 49 -28.46 21.46 3.88
N VAL E 50 -29.19 20.61 3.16
CA VAL E 50 -28.64 19.65 2.15
C VAL E 50 -29.11 20.09 0.76
N GLY E 51 -28.17 20.26 -0.17
CA GLY E 51 -28.47 20.81 -1.50
C GLY E 51 -27.23 20.88 -2.36
N SER E 52 -27.43 20.91 -3.69
CA SER E 52 -26.35 20.97 -4.71
C SER E 52 -25.68 22.34 -4.64
N PRO E 53 -24.51 22.56 -5.29
CA PRO E 53 -23.84 23.86 -5.27
C PRO E 53 -24.60 24.95 -6.04
N GLY E 54 -24.74 26.14 -5.43
CA GLY E 54 -25.42 27.31 -6.02
C GLY E 54 -26.86 27.44 -5.56
N THR E 55 -27.37 26.42 -4.85
CA THR E 55 -28.74 26.42 -4.26
C THR E 55 -28.82 27.51 -3.19
N GLY E 56 -27.69 28.20 -2.92
CA GLY E 56 -27.60 29.36 -1.99
C GLY E 56 -28.03 28.93 -0.60
N LYS E 57 -27.48 27.80 -0.13
CA LYS E 57 -27.74 27.28 1.24
C LYS E 57 -27.32 28.35 2.24
N THR E 58 -26.22 29.05 1.93
CA THR E 58 -25.67 30.19 2.70
C THR E 58 -26.72 31.31 2.79
N LEU E 59 -27.27 31.72 1.64
CA LEU E 59 -28.29 32.81 1.54
C LEU E 59 -29.39 32.61 2.59
N LEU E 60 -30.00 31.41 2.63
CA LEU E 60 -31.15 31.07 3.52
C LEU E 60 -30.72 31.21 4.99
N ALA E 61 -29.52 30.73 5.32
CA ALA E 61 -28.93 30.76 6.69
C ALA E 61 -28.88 32.20 7.19
N LYS E 62 -28.36 33.14 6.37
CA LYS E 62 -28.32 34.60 6.67
C LYS E 62 -29.75 35.08 6.93
N ALA E 63 -30.64 34.87 5.95
CA ALA E 63 -32.06 35.27 5.98
C ALA E 63 -32.75 34.79 7.27
N VAL E 64 -32.44 33.56 7.71
CA VAL E 64 -33.00 32.99 8.97
C VAL E 64 -32.68 33.97 10.10
N ALA E 65 -31.40 34.30 10.27
CA ALA E 65 -30.89 35.30 11.25
C ALA E 65 -31.58 36.65 11.00
N GLY E 66 -31.64 37.08 9.75
CA GLY E 66 -32.29 38.32 9.31
C GLY E 66 -33.72 38.42 9.86
N GLU E 67 -34.61 37.53 9.44
CA GLU E 67 -36.03 37.47 9.88
C GLU E 67 -36.10 37.37 11.41
N ALA E 68 -35.06 36.85 12.06
CA ALA E 68 -34.96 36.70 13.54
C ALA E 68 -34.16 37.85 14.17
N GLY E 69 -33.63 38.78 13.37
CA GLY E 69 -32.73 39.86 13.81
C GLY E 69 -31.67 39.34 14.76
N VAL E 70 -30.92 38.32 14.32
CA VAL E 70 -29.94 37.55 15.15
C VAL E 70 -28.54 37.73 14.52
N SER E 71 -27.48 37.63 15.32
CA SER E 71 -26.07 37.72 14.88
C SER E 71 -25.73 36.53 13.96
N PHE E 72 -24.89 36.75 12.95
CA PHE E 72 -24.48 35.72 11.94
C PHE E 72 -22.95 35.58 11.91
N PHE E 73 -22.46 34.36 12.16
CA PHE E 73 -21.03 34.00 12.16
C PHE E 73 -20.77 32.90 11.11
N HIS E 74 -20.38 33.29 9.90
CA HIS E 74 -19.99 32.37 8.81
C HIS E 74 -18.61 31.77 9.10
N MET E 75 -18.49 30.44 9.11
CA MET E 75 -17.22 29.67 9.22
C MET E 75 -17.26 28.49 8.26
N SER E 76 -16.23 28.29 7.42
CA SER E 76 -16.16 27.18 6.43
C SER E 76 -15.36 26.01 7.02
N GLY E 77 -15.76 24.77 6.69
CA GLY E 77 -15.07 23.55 7.12
C GLY E 77 -13.61 23.56 6.69
N SER E 78 -13.33 24.10 5.50
CA SER E 78 -11.97 24.26 4.92
C SER E 78 -11.06 25.03 5.88
N ASP E 79 -11.60 26.05 6.56
CA ASP E 79 -10.85 26.88 7.54
C ASP E 79 -10.32 25.98 8.65
N PHE E 80 -11.20 25.39 9.47
CA PHE E 80 -10.83 24.57 10.67
C PHE E 80 -9.96 23.39 10.23
N VAL E 81 -10.28 22.77 9.09
CA VAL E 81 -9.57 21.58 8.55
C VAL E 81 -8.15 21.99 8.11
N MET E 83 -5.39 22.65 9.52
CA MET E 83 -4.64 23.38 10.58
C MET E 83 -3.74 22.40 11.33
N PHE E 84 -2.55 22.87 11.77
CA PHE E 84 -1.43 22.08 12.36
C PHE E 84 -1.96 20.88 13.17
N VAL E 85 -2.32 21.09 14.44
CA VAL E 85 -2.95 20.07 15.33
C VAL E 85 -3.67 20.83 16.45
N GLY E 86 -4.97 20.57 16.65
CA GLY E 86 -5.82 21.23 17.65
C GLY E 86 -6.06 22.70 17.34
N VAL E 87 -5.31 23.26 16.38
CA VAL E 87 -5.41 24.69 15.94
C VAL E 87 -6.86 24.94 15.54
N GLY E 88 -7.38 24.10 14.61
CA GLY E 88 -8.76 24.16 14.11
C GLY E 88 -9.75 24.05 15.26
N ALA E 89 -9.55 23.08 16.16
CA ALA E 89 -10.36 22.87 17.37
C ALA E 89 -10.39 24.17 18.20
N SER E 90 -9.23 24.82 18.37
CA SER E 90 -9.13 26.13 19.06
C SER E 90 -9.99 27.15 18.33
N ARG E 91 -9.89 27.18 17.00
CA ARG E 91 -10.72 28.08 16.13
C ARG E 91 -12.21 27.76 16.38
N VAL E 92 -12.55 26.47 16.41
CA VAL E 92 -13.92 25.97 16.74
C VAL E 92 -14.34 26.58 18.09
N ARG E 93 -13.60 26.29 19.16
CA ARG E 93 -13.87 26.82 20.54
C ARG E 93 -14.03 28.35 20.45
N ASP E 94 -12.99 29.03 19.92
CA ASP E 94 -12.96 30.51 19.81
C ASP E 94 -14.27 30.99 19.18
N LEU E 95 -14.62 30.48 17.99
CA LEU E 95 -15.89 30.83 17.28
C LEU E 95 -17.07 30.73 18.25
N PHE E 96 -17.23 29.59 18.92
CA PHE E 96 -18.40 29.29 19.79
C PHE E 96 -18.38 30.19 21.02
N ASP E 97 -17.19 30.44 21.58
CA ASP E 97 -16.99 31.35 22.73
C ASP E 97 -17.54 32.74 22.34
N ASN E 98 -17.05 33.33 21.24
CA ASN E 98 -17.48 34.67 20.76
C ASN E 98 -18.95 34.60 20.33
N ALA E 99 -19.35 33.51 19.67
CA ALA E 99 -20.73 33.24 19.22
C ALA E 99 -21.68 33.27 20.41
N ARG E 100 -21.31 32.60 21.52
CA ARG E 100 -22.08 32.61 22.79
C ARG E 100 -22.25 34.06 23.28
N LYS E 101 -21.24 34.91 23.04
CA LYS E 101 -21.20 36.35 23.46
C LYS E 101 -22.29 37.14 22.72
N ASN E 102 -22.61 36.79 21.47
CA ASN E 102 -23.63 37.49 20.62
C ASN E 102 -24.94 36.68 20.58
N SER E 103 -25.14 35.75 21.53
CA SER E 103 -26.38 34.94 21.67
C SER E 103 -27.59 35.86 21.88
N PRO E 104 -28.76 35.62 21.26
CA PRO E 104 -28.96 34.53 20.30
C PRO E 104 -28.21 34.81 18.98
N CYS E 105 -27.33 33.90 18.58
CA CYS E 105 -26.52 34.01 17.33
C CYS E 105 -26.74 32.75 16.49
N ILE E 106 -26.44 32.83 15.19
CA ILE E 106 -26.42 31.68 14.24
C ILE E 106 -24.96 31.51 13.77
N ILE E 107 -24.43 30.29 13.88
CA ILE E 107 -23.13 29.89 13.26
C ILE E 107 -23.46 29.09 11.99
N PHE E 108 -22.90 29.50 10.85
CA PHE E 108 -23.01 28.77 9.56
C PHE E 108 -21.68 28.03 9.28
N ILE E 109 -21.76 26.70 9.13
CA ILE E 109 -20.59 25.81 8.83
C ILE E 109 -20.77 25.26 7.40
N ASP E 110 -20.39 26.06 6.39
CA ASP E 110 -20.35 25.67 4.97
C ASP E 110 -19.40 24.48 4.80
N GLU E 111 -19.66 23.61 3.81
CA GLU E 111 -18.87 22.38 3.54
C GLU E 111 -18.63 21.61 4.85
N LEU E 112 -19.69 21.31 5.62
CA LEU E 112 -19.57 20.49 6.86
C LEU E 112 -18.87 19.17 6.51
N ASP E 113 -19.06 18.69 5.28
CA ASP E 113 -18.34 17.51 4.71
C ASP E 113 -16.83 17.63 4.99
N ALA E 114 -16.25 18.84 4.88
CA ALA E 114 -14.80 19.11 5.08
C ALA E 114 -14.35 18.66 6.48
N VAL E 115 -15.16 18.89 7.51
CA VAL E 115 -14.85 18.54 8.93
C VAL E 115 -15.63 17.28 9.35
N GLY E 116 -16.50 16.74 8.48
CA GLY E 116 -17.37 15.58 8.79
C GLY E 116 -17.10 14.38 7.90
N ARG E 117 -16.22 13.44 8.30
CA ARG E 117 -15.82 12.25 7.48
C ARG E 117 -15.61 11.05 8.41
N HIS E 127 -7.79 9.56 13.76
CA HIS E 127 -8.23 9.68 12.34
C HIS E 127 -7.41 10.77 11.63
N ASP E 128 -7.56 12.03 12.03
CA ASP E 128 -6.68 13.18 11.65
C ASP E 128 -6.99 14.35 12.59
N GLU E 129 -6.57 15.57 12.24
CA GLU E 129 -6.86 16.78 13.07
C GLU E 129 -8.37 17.07 13.04
N ARG E 130 -9.00 16.84 11.88
CA ARG E 130 -10.46 17.00 11.68
C ARG E 130 -11.20 16.22 12.77
N GLU E 131 -10.77 14.98 13.05
CA GLU E 131 -11.38 14.09 14.06
C GLU E 131 -11.61 14.88 15.36
N GLN E 132 -10.54 15.42 15.96
CA GLN E 132 -10.62 16.21 17.23
C GLN E 132 -11.29 17.56 16.95
N THR E 133 -11.12 18.12 15.75
CA THR E 133 -11.80 19.37 15.31
C THR E 133 -13.30 19.12 15.32
N LEU E 134 -13.73 18.04 14.65
CA LEU E 134 -15.12 17.49 14.70
C LEU E 134 -15.50 17.27 16.17
N ASN E 135 -14.73 16.46 16.90
CA ASN E 135 -14.95 16.20 18.34
C ASN E 135 -15.24 17.53 19.02
N GLN E 136 -14.39 18.54 18.79
CA GLN E 136 -14.58 19.90 19.34
C GLN E 136 -15.93 20.44 18.86
N LEU E 137 -16.21 20.37 17.56
CA LEU E 137 -17.50 20.80 16.96
C LEU E 137 -18.63 20.16 17.76
N LEU E 138 -18.60 18.82 17.89
CA LEU E 138 -19.58 18.01 18.66
C LEU E 138 -19.60 18.51 20.11
N VAL E 139 -18.42 18.55 20.73
CA VAL E 139 -18.19 19.02 22.13
C VAL E 139 -18.94 20.34 22.34
N GLU E 140 -18.64 21.36 21.52
CA GLU E 140 -19.20 22.73 21.66
C GLU E 140 -20.73 22.71 21.52
N MET E 141 -21.25 21.98 20.53
CA MET E 141 -22.71 21.88 20.24
C MET E 141 -23.42 21.33 21.49
N ASP E 142 -22.84 20.29 22.12
CA ASP E 142 -23.37 19.61 23.32
C ASP E 142 -23.52 20.60 24.47
N GLY E 143 -22.69 21.67 24.52
CA GLY E 143 -22.79 22.76 25.52
C GLY E 143 -24.23 23.09 25.87
N VAL E 150 -27.79 29.92 20.96
CA VAL E 150 -26.92 29.72 19.76
C VAL E 150 -27.38 28.47 18.99
N ILE E 151 -27.81 28.66 17.75
CA ILE E 151 -28.19 27.58 16.79
C ILE E 151 -27.13 27.49 15.69
N VAL E 152 -26.53 26.31 15.53
CA VAL E 152 -25.54 26.02 14.45
C VAL E 152 -26.32 25.63 13.19
N MET E 153 -26.03 26.28 12.06
CA MET E 153 -26.54 25.91 10.72
C MET E 153 -25.36 25.41 9.89
N ALA E 154 -25.57 24.33 9.12
CA ALA E 154 -24.54 23.68 8.29
C ALA E 154 -25.12 23.39 6.88
N ALA E 155 -24.23 23.39 5.88
CA ALA E 155 -24.56 23.16 4.45
C ALA E 155 -23.59 22.13 3.88
N THR E 156 -24.12 21.02 3.36
CA THR E 156 -23.32 19.93 2.76
C THR E 156 -23.92 19.58 1.39
N ASN E 157 -23.09 19.57 0.35
CA ASN E 157 -23.44 19.07 -1.01
C ASN E 157 -23.44 17.54 -0.97
N ARG E 158 -22.55 16.94 -0.18
CA ARG E 158 -22.38 15.47 -0.06
C ARG E 158 -22.65 15.02 1.38
N PRO E 159 -23.92 14.78 1.79
CA PRO E 159 -24.27 14.46 3.17
C PRO E 159 -23.96 13.03 3.66
N ASP E 160 -23.95 12.05 2.75
CA ASP E 160 -23.65 10.62 3.07
C ASP E 160 -22.21 10.47 3.55
N VAL E 161 -21.32 11.43 3.26
CA VAL E 161 -19.90 11.44 3.73
C VAL E 161 -19.88 11.69 5.26
N LEU E 162 -20.93 12.28 5.81
CA LEU E 162 -20.98 12.81 7.21
C LEU E 162 -21.03 11.65 8.21
N ASP E 163 -20.24 11.77 9.29
CA ASP E 163 -20.23 10.86 10.46
C ASP E 163 -21.64 10.85 11.09
N SER E 164 -22.13 9.68 11.50
CA SER E 164 -23.49 9.48 12.08
C SER E 164 -23.66 10.37 13.31
N ALA E 165 -22.59 10.56 14.09
CA ALA E 165 -22.55 11.36 15.34
C ALA E 165 -23.14 12.76 15.08
N LEU E 166 -22.85 13.35 13.92
CA LEU E 166 -23.30 14.71 13.53
C LEU E 166 -24.83 14.81 13.56
N LEU E 167 -25.55 13.71 13.29
CA LEU E 167 -27.02 13.69 13.06
C LEU E 167 -27.75 13.28 14.34
N ARG E 168 -27.03 12.92 15.42
CA ARG E 168 -27.60 12.42 16.70
C ARG E 168 -28.52 13.48 17.32
N PRO E 169 -29.36 13.13 18.33
CA PRO E 169 -30.28 14.11 18.92
C PRO E 169 -29.58 15.36 19.45
N GLY E 170 -30.21 16.54 19.25
CA GLY E 170 -29.61 17.85 19.56
C GLY E 170 -28.70 18.33 18.44
N ARG E 171 -27.62 17.61 18.16
CA ARG E 171 -26.61 17.99 17.13
C ARG E 171 -27.16 17.66 15.74
N PHE E 172 -27.30 18.66 14.88
CA PHE E 172 -27.86 18.57 13.50
C PHE E 172 -28.94 17.49 13.40
N ASP E 173 -29.84 17.46 14.39
CA ASP E 173 -30.99 16.50 14.46
C ASP E 173 -32.03 16.90 13.41
N ARG E 174 -32.17 18.20 13.14
CA ARG E 174 -33.02 18.76 12.05
C ARG E 174 -32.23 18.73 10.74
N GLN E 175 -32.90 18.42 9.63
CA GLN E 175 -32.34 18.39 8.26
C GLN E 175 -33.37 19.02 7.31
N VAL E 176 -32.97 20.01 6.50
CA VAL E 176 -33.84 20.67 5.48
C VAL E 176 -33.16 20.57 4.11
N THR E 177 -33.90 20.10 3.10
CA THR E 177 -33.39 19.83 1.74
C THR E 177 -33.74 21.02 0.83
N VAL E 178 -32.74 21.57 0.14
CA VAL E 178 -32.86 22.74 -0.80
C VAL E 178 -32.74 22.23 -2.25
N SER E 179 -33.76 22.53 -3.06
CA SER E 179 -33.94 22.01 -4.44
C SER E 179 -33.41 23.04 -5.45
N LEU E 180 -32.78 22.57 -6.53
CA LEU E 180 -32.48 23.43 -7.71
C LEU E 180 -33.76 24.16 -8.09
N PRO E 181 -33.69 25.44 -8.51
CA PRO E 181 -34.90 26.20 -8.78
C PRO E 181 -35.64 25.61 -9.99
N ASP E 182 -36.97 25.57 -9.90
CA ASP E 182 -37.89 25.22 -11.03
C ASP E 182 -37.97 26.44 -11.95
N ILE E 183 -38.67 26.30 -13.08
CA ILE E 183 -38.94 27.40 -14.06
C ILE E 183 -39.42 28.67 -13.34
N LYS E 184 -40.37 28.54 -12.41
CA LYS E 184 -41.01 29.69 -11.69
C LYS E 184 -39.96 30.37 -10.79
N GLU E 185 -39.29 29.58 -9.95
CA GLU E 185 -38.21 30.04 -9.04
C GLU E 185 -37.07 30.68 -9.86
N ARG E 186 -36.71 30.07 -10.99
CA ARG E 186 -35.66 30.58 -11.93
C ARG E 186 -35.98 32.01 -12.36
N GLU E 187 -37.13 32.23 -13.03
CA GLU E 187 -37.61 33.57 -13.48
C GLU E 187 -37.56 34.55 -12.30
N ALA E 188 -38.17 34.17 -11.17
CA ALA E 188 -38.21 34.93 -9.90
C ALA E 188 -36.78 35.36 -9.50
N ILE E 189 -35.85 34.41 -9.50
CA ILE E 189 -34.40 34.61 -9.13
C ILE E 189 -33.77 35.64 -10.09
N LEU E 190 -33.92 35.44 -11.41
CA LEU E 190 -33.38 36.36 -12.45
C LEU E 190 -33.81 37.79 -12.13
N ASN E 191 -35.08 38.00 -11.73
CA ASN E 191 -35.67 39.33 -11.44
C ASN E 191 -34.88 40.04 -10.33
N ILE E 192 -34.40 39.31 -9.32
CA ILE E 192 -33.75 39.88 -8.09
C ILE E 192 -32.38 40.47 -8.46
N HIS E 193 -31.53 39.72 -9.17
CA HIS E 193 -30.17 40.15 -9.60
C HIS E 193 -30.28 41.12 -10.78
N SER E 194 -31.40 41.08 -11.52
CA SER E 194 -31.72 42.00 -12.65
C SER E 194 -31.72 43.44 -12.13
N LEU E 195 -32.33 43.66 -10.96
CA LEU E 195 -32.45 44.99 -10.31
C LEU E 195 -31.05 45.57 -10.09
N LYS E 196 -30.07 44.70 -9.83
CA LYS E 196 -28.64 45.07 -9.61
C LYS E 196 -27.97 45.53 -10.91
N THR E 197 -28.65 45.40 -12.06
CA THR E 197 -28.12 45.79 -13.40
C THR E 197 -29.18 46.58 -14.18
N LYS E 198 -28.81 47.01 -15.40
CA LYS E 198 -29.65 47.86 -16.31
C LYS E 198 -30.16 46.96 -17.44
N LEU E 199 -31.27 46.25 -17.22
CA LEU E 199 -31.85 45.24 -18.14
C LEU E 199 -33.08 45.86 -18.82
N SER E 200 -32.97 46.18 -20.12
CA SER E 200 -34.08 46.71 -20.97
C SER E 200 -35.30 45.77 -20.89
N LYS E 201 -36.52 46.32 -20.87
CA LYS E 201 -37.79 45.53 -20.74
C LYS E 201 -37.97 44.61 -21.95
N ASP E 202 -37.10 44.72 -22.97
CA ASP E 202 -37.10 43.88 -24.20
C ASP E 202 -36.76 42.43 -23.86
N ILE E 203 -35.83 42.18 -22.92
CA ILE E 203 -35.44 40.80 -22.47
C ILE E 203 -36.51 40.27 -21.51
N ASN E 204 -37.08 39.10 -21.84
CA ASN E 204 -38.07 38.38 -21.01
C ASN E 204 -37.34 37.29 -20.21
N LEU E 205 -37.52 37.28 -18.89
CA LEU E 205 -36.81 36.35 -17.96
C LEU E 205 -37.47 34.97 -18.00
N GLN E 206 -38.78 34.89 -18.25
CA GLN E 206 -39.52 33.61 -18.44
C GLN E 206 -38.89 32.84 -19.62
N VAL E 207 -38.50 33.52 -20.69
CA VAL E 207 -37.84 32.94 -21.90
C VAL E 207 -36.53 32.27 -21.45
N ILE E 208 -35.70 32.98 -20.70
CA ILE E 208 -34.40 32.50 -20.19
C ILE E 208 -34.66 31.42 -19.11
N ALA E 209 -35.65 31.61 -18.24
CA ALA E 209 -36.01 30.66 -17.16
C ALA E 209 -36.04 29.23 -17.70
N ARG E 210 -36.89 28.98 -18.71
CA ARG E 210 -37.04 27.65 -19.37
C ARG E 210 -35.75 27.31 -20.14
N ALA E 211 -35.12 28.29 -20.79
CA ALA E 211 -33.85 28.15 -21.55
C ALA E 211 -32.77 27.53 -20.65
N THR E 212 -32.84 27.80 -19.34
CA THR E 212 -31.92 27.31 -18.29
C THR E 212 -32.68 26.45 -17.29
N PRO E 213 -33.02 25.19 -17.65
CA PRO E 213 -33.64 24.28 -16.70
C PRO E 213 -32.57 23.63 -15.80
N GLY E 214 -32.89 23.44 -14.53
CA GLY E 214 -32.01 22.83 -13.51
C GLY E 214 -30.71 23.62 -13.32
N ALA E 215 -30.69 24.90 -13.70
CA ALA E 215 -29.58 25.82 -13.41
C ALA E 215 -29.68 26.20 -11.93
N SER E 216 -28.56 26.64 -11.33
CA SER E 216 -28.44 27.01 -9.91
C SER E 216 -28.63 28.53 -9.72
N GLY E 217 -29.08 28.94 -8.52
CA GLY E 217 -29.25 30.35 -8.12
C GLY E 217 -28.08 31.21 -8.57
N ALA E 218 -26.84 30.75 -8.33
CA ALA E 218 -25.60 31.47 -8.70
C ALA E 218 -25.37 31.40 -10.21
N ASP E 219 -25.64 30.25 -10.84
CA ASP E 219 -25.49 30.05 -12.31
C ASP E 219 -26.24 31.18 -13.03
N LEU E 220 -27.51 31.39 -12.64
CA LEU E 220 -28.42 32.44 -13.21
C LEU E 220 -27.83 33.82 -12.94
N ALA E 221 -27.56 34.09 -11.66
CA ALA E 221 -26.94 35.34 -11.18
C ALA E 221 -25.68 35.64 -12.02
N ASN E 222 -24.86 34.62 -12.32
CA ASN E 222 -23.62 34.80 -13.12
C ASN E 222 -23.97 35.16 -14.57
N LEU E 223 -25.06 34.58 -15.11
CA LEU E 223 -25.53 34.87 -16.49
C LEU E 223 -25.75 36.38 -16.63
N ILE E 224 -26.49 36.97 -15.69
CA ILE E 224 -26.76 38.44 -15.63
C ILE E 224 -25.41 39.17 -15.71
N ASN E 225 -24.53 38.91 -14.73
CA ASN E 225 -23.16 39.48 -14.63
C ASN E 225 -22.48 39.41 -16.00
N GLU E 226 -22.39 38.22 -16.57
CA GLU E 226 -21.75 37.95 -17.89
C GLU E 226 -22.32 38.91 -18.94
N GLY E 227 -23.64 39.09 -18.94
CA GLY E 227 -24.36 40.05 -19.79
C GLY E 227 -23.95 41.48 -19.47
N ALA E 228 -24.07 41.88 -18.21
CA ALA E 228 -23.68 43.21 -17.68
C ALA E 228 -22.24 43.52 -18.11
N LEU E 229 -21.34 42.54 -18.03
CA LEU E 229 -19.93 42.67 -18.51
C LEU E 229 -19.92 42.89 -20.03
N ILE E 230 -20.70 42.09 -20.78
CA ILE E 230 -20.81 42.18 -22.26
C ILE E 230 -21.32 43.58 -22.68
N ALA E 231 -22.22 44.16 -21.89
CA ALA E 231 -22.83 45.50 -22.10
C ALA E 231 -21.74 46.57 -22.08
N ALA E 232 -20.89 46.57 -21.05
CA ALA E 232 -19.82 47.55 -20.80
C ALA E 232 -18.85 47.63 -21.98
N ARG E 233 -18.74 46.58 -22.80
CA ARG E 233 -17.98 46.61 -24.08
C ARG E 233 -18.72 47.51 -25.10
N ASN E 234 -19.95 47.98 -24.80
CA ASN E 234 -20.81 48.74 -25.77
C ASN E 234 -21.08 50.19 -25.33
N LYS E 242 -30.68 41.35 -25.39
CA LYS E 242 -30.16 40.49 -26.49
C LYS E 242 -28.65 40.26 -26.34
N ASP E 243 -28.01 40.95 -25.39
CA ASP E 243 -26.62 40.68 -24.96
C ASP E 243 -26.61 39.48 -24.00
N MET E 244 -27.68 39.30 -23.21
CA MET E 244 -27.83 38.18 -22.24
C MET E 244 -27.85 36.84 -23.00
N GLU E 245 -28.26 36.85 -24.27
CA GLU E 245 -28.27 35.66 -25.16
C GLU E 245 -26.83 35.26 -25.50
N GLU E 246 -25.93 36.22 -25.79
CA GLU E 246 -24.50 35.95 -26.09
C GLU E 246 -23.86 35.25 -24.88
N ALA E 247 -24.27 35.65 -23.68
CA ALA E 247 -23.79 35.11 -22.38
C ALA E 247 -24.26 33.66 -22.20
N ARG E 248 -25.50 33.35 -22.56
CA ARG E 248 -26.08 31.98 -22.62
C ARG E 248 -25.05 31.03 -23.27
N ASP E 249 -24.53 31.44 -24.42
CA ASP E 249 -23.61 30.67 -25.31
C ASP E 249 -22.24 30.53 -24.65
N LYS E 250 -21.84 31.50 -23.82
CA LYS E 250 -20.55 31.51 -23.08
C LYS E 250 -20.62 30.55 -21.88
N ILE E 251 -21.68 29.73 -21.79
CA ILE E 251 -21.72 28.47 -20.98
C ILE E 251 -20.54 27.52 -21.32
N THR E 263 -31.17 21.53 -24.83
CA THR E 263 -32.10 21.47 -25.99
C THR E 263 -33.55 21.34 -25.49
N ASP E 264 -34.52 22.00 -26.12
CA ASP E 264 -35.96 21.93 -25.75
C ASP E 264 -36.51 20.52 -26.07
N ARG E 265 -35.89 19.79 -26.99
CA ARG E 265 -36.24 18.38 -27.35
C ARG E 265 -35.78 17.41 -26.24
N GLN E 266 -34.55 17.62 -25.71
CA GLN E 266 -33.92 16.78 -24.66
C GLN E 266 -34.76 16.83 -23.37
N LYS E 267 -35.56 17.88 -23.17
CA LYS E 267 -36.54 18.00 -22.06
C LYS E 267 -37.57 16.87 -22.11
N LEU E 268 -38.00 16.46 -23.32
CA LEU E 268 -38.92 15.31 -23.55
C LEU E 268 -38.15 14.01 -23.25
N GLU E 269 -36.91 13.89 -23.74
CA GLU E 269 -36.01 12.71 -23.51
C GLU E 269 -35.96 12.44 -22.00
N THR E 270 -35.57 13.45 -21.21
CA THR E 270 -35.55 13.41 -19.72
C THR E 270 -36.95 13.06 -19.21
N ALA E 271 -37.98 13.71 -19.77
CA ALA E 271 -39.41 13.52 -19.39
C ALA E 271 -39.76 12.04 -19.49
N TYR E 272 -39.26 11.34 -20.51
CA TYR E 272 -39.48 9.89 -20.74
C TYR E 272 -38.75 9.07 -19.66
N HIS E 273 -37.44 9.28 -19.39
CA HIS E 273 -36.68 8.54 -18.33
C HIS E 273 -37.49 8.63 -17.04
N GLU E 274 -37.91 9.83 -16.64
CA GLU E 274 -38.59 10.09 -15.35
C GLU E 274 -40.05 9.61 -15.39
N ALA E 275 -40.72 9.76 -16.54
CA ALA E 275 -42.12 9.29 -16.77
C ALA E 275 -42.17 7.78 -16.51
N GLY E 276 -41.30 7.03 -17.18
CA GLY E 276 -41.17 5.57 -17.06
C GLY E 276 -40.91 5.13 -15.63
N HIS E 277 -39.91 5.76 -14.98
CA HIS E 277 -39.58 5.53 -13.55
C HIS E 277 -40.89 5.63 -12.73
N ALA E 278 -41.54 6.81 -12.73
CA ALA E 278 -42.63 7.19 -11.79
C ALA E 278 -43.91 6.39 -12.05
N LEU E 279 -44.26 6.21 -13.33
CA LEU E 279 -45.55 5.59 -13.75
C LEU E 279 -45.66 4.18 -13.15
N LEU E 280 -44.55 3.45 -13.04
CA LEU E 280 -44.50 2.04 -12.59
C LEU E 280 -44.93 1.92 -11.12
N HIS E 281 -44.80 2.98 -10.32
CA HIS E 281 -45.02 2.97 -8.85
C HIS E 281 -46.48 2.65 -8.51
N TYR E 282 -47.41 3.11 -9.35
CA TYR E 282 -48.87 2.94 -9.18
C TYR E 282 -49.27 1.47 -9.46
N TYR E 283 -48.75 0.94 -10.57
CA TYR E 283 -49.11 -0.37 -11.16
C TYR E 283 -48.45 -1.52 -10.40
N LEU E 284 -47.23 -1.30 -9.87
CA LEU E 284 -46.48 -2.33 -9.09
C LEU E 284 -47.00 -2.34 -7.65
N GLU E 285 -47.35 -3.53 -7.14
CA GLU E 285 -48.02 -3.72 -5.83
C GLU E 285 -47.06 -3.29 -4.71
N HIS E 286 -45.80 -3.75 -4.76
CA HIS E 286 -44.81 -3.64 -3.64
C HIS E 286 -44.01 -2.33 -3.71
N ALA E 287 -44.38 -1.39 -4.58
CA ALA E 287 -43.80 -0.03 -4.67
C ALA E 287 -44.67 0.96 -3.88
N ASP E 288 -44.15 2.17 -3.66
CA ASP E 288 -44.92 3.32 -3.11
C ASP E 288 -44.81 4.47 -4.10
N PRO E 289 -45.94 5.09 -4.53
CA PRO E 289 -45.88 6.18 -5.51
C PRO E 289 -44.85 7.25 -5.14
N LEU E 290 -44.12 7.81 -6.12
CA LEU E 290 -43.18 8.97 -5.89
C LEU E 290 -43.99 10.19 -5.39
N HIS E 291 -43.52 10.83 -4.33
CA HIS E 291 -44.06 12.11 -3.75
C HIS E 291 -44.16 13.18 -4.84
N LYS E 292 -43.20 13.20 -5.79
CA LYS E 292 -43.09 14.21 -6.86
C LYS E 292 -42.31 13.60 -8.05
N VAL E 293 -42.49 14.14 -9.27
CA VAL E 293 -41.69 13.78 -10.48
C VAL E 293 -41.13 15.08 -11.09
N THR E 294 -39.81 15.16 -11.30
CA THR E 294 -39.12 16.35 -11.86
C THR E 294 -38.20 15.94 -13.01
N ILE E 295 -37.82 16.92 -13.86
CA ILE E 295 -36.79 16.77 -14.93
C ILE E 295 -35.51 17.54 -14.55
N ILE E 296 -35.32 17.86 -13.27
CA ILE E 296 -34.08 18.54 -12.73
C ILE E 296 -33.13 17.44 -12.22
N SER E 315 -34.83 -4.97 5.83
CA SER E 315 -35.82 -6.08 5.83
C SER E 315 -36.81 -5.93 4.65
N ILE E 316 -36.51 -6.52 3.50
CA ILE E 316 -37.29 -6.37 2.22
C ILE E 316 -37.57 -7.78 1.67
N ASN E 317 -38.80 -8.02 1.19
CA ASN E 317 -39.19 -9.28 0.51
C ASN E 317 -38.61 -9.28 -0.90
N LYS E 318 -38.33 -10.47 -1.43
CA LYS E 318 -37.98 -10.70 -2.86
C LYS E 318 -38.92 -9.85 -3.75
N HIS E 319 -40.22 -9.87 -3.46
CA HIS E 319 -41.29 -9.24 -4.28
C HIS E 319 -41.11 -7.72 -4.29
N GLN E 320 -40.67 -7.17 -3.16
CA GLN E 320 -40.36 -5.73 -2.99
C GLN E 320 -39.09 -5.40 -3.79
N ILE E 321 -38.01 -6.18 -3.57
CA ILE E 321 -36.68 -6.03 -4.25
C ILE E 321 -36.91 -5.98 -5.77
N LEU E 322 -37.72 -6.90 -6.28
CA LEU E 322 -37.90 -7.12 -7.74
C LEU E 322 -38.60 -5.92 -8.37
N ASP E 323 -39.64 -5.40 -7.70
CA ASP E 323 -40.44 -4.25 -8.19
C ASP E 323 -39.50 -3.07 -8.40
N LYS E 324 -38.59 -2.85 -7.44
CA LYS E 324 -37.55 -1.78 -7.51
C LYS E 324 -36.80 -1.93 -8.84
N ILE E 325 -36.22 -3.11 -9.07
CA ILE E 325 -35.44 -3.42 -10.30
C ILE E 325 -36.26 -3.03 -11.53
N LYS E 326 -37.55 -3.36 -11.54
CA LYS E 326 -38.46 -3.02 -12.66
C LYS E 326 -38.49 -1.49 -12.81
N ILE E 327 -38.69 -0.78 -11.70
CA ILE E 327 -38.75 0.71 -11.67
C ILE E 327 -37.40 1.26 -12.19
N CYS E 328 -36.29 0.70 -11.72
CA CYS E 328 -34.93 1.12 -12.17
C CYS E 328 -34.88 1.02 -13.71
N TYR E 329 -35.65 0.11 -14.31
CA TYR E 329 -35.62 -0.14 -15.78
C TYR E 329 -36.66 0.73 -16.49
N GLY E 330 -37.49 1.44 -15.71
CA GLY E 330 -38.54 2.32 -16.27
C GLY E 330 -37.99 3.20 -17.39
N GLY E 331 -37.03 4.07 -17.08
CA GLY E 331 -36.50 5.05 -18.03
C GLY E 331 -35.82 4.39 -19.21
N TYR E 332 -35.10 3.29 -18.96
CA TYR E 332 -34.46 2.47 -20.03
C TYR E 332 -35.52 2.07 -21.05
N ALA E 333 -36.65 1.56 -20.55
CA ALA E 333 -37.82 1.16 -21.37
C ALA E 333 -38.35 2.38 -22.12
N SER E 334 -38.91 3.37 -21.42
CA SER E 334 -39.61 4.54 -22.01
C SER E 334 -38.80 5.16 -23.14
N GLU E 335 -37.47 5.26 -22.95
CA GLU E 335 -36.57 5.81 -23.99
C GLU E 335 -36.80 5.05 -25.30
N GLN E 336 -36.88 3.72 -25.23
CA GLN E 336 -37.13 2.84 -26.42
C GLN E 336 -38.58 2.98 -26.85
N ILE E 337 -39.52 2.81 -25.92
CA ILE E 337 -40.99 2.82 -26.22
C ILE E 337 -41.30 4.09 -26.99
N ASN E 338 -40.58 5.18 -26.69
CA ASN E 338 -40.88 6.53 -27.25
C ASN E 338 -39.87 6.94 -28.31
N LEU E 339 -38.57 6.98 -27.98
CA LEU E 339 -37.48 7.46 -28.87
C LEU E 339 -36.85 6.30 -29.65
N GLY E 340 -37.18 5.06 -29.28
CA GLY E 340 -36.72 3.83 -29.96
C GLY E 340 -35.26 3.54 -29.70
N VAL E 341 -34.53 4.50 -29.11
CA VAL E 341 -33.09 4.37 -28.76
C VAL E 341 -32.98 4.48 -27.24
N THR E 342 -31.92 3.95 -26.64
CA THR E 342 -31.57 4.13 -25.20
C THR E 342 -30.50 5.22 -25.09
N THR E 343 -30.55 5.98 -23.98
CA THR E 343 -29.55 7.02 -23.63
C THR E 343 -28.52 6.41 -22.70
N ALA E 344 -27.49 7.19 -22.32
CA ALA E 344 -26.43 6.81 -21.38
C ALA E 344 -26.89 7.06 -19.93
N GLY E 345 -27.94 7.87 -19.74
CA GLY E 345 -28.50 8.28 -18.44
C GLY E 345 -29.10 7.13 -17.65
N VAL E 346 -29.09 5.93 -18.24
CA VAL E 346 -29.59 4.68 -17.60
C VAL E 346 -28.53 4.15 -16.63
N GLN E 347 -27.26 4.53 -16.84
CA GLN E 347 -26.08 3.95 -16.14
C GLN E 347 -26.43 3.61 -14.68
N ASN E 348 -26.70 4.63 -13.88
CA ASN E 348 -26.97 4.51 -12.42
C ASN E 348 -28.22 3.63 -12.24
N ASP E 349 -29.23 3.85 -13.10
CA ASP E 349 -30.50 3.08 -13.11
C ASP E 349 -30.13 1.58 -13.28
N LEU E 350 -29.25 1.25 -14.25
CA LEU E 350 -28.80 -0.15 -14.55
C LEU E 350 -27.98 -0.67 -13.37
N MET E 351 -27.01 0.12 -12.94
CA MET E 351 -26.08 -0.20 -11.84
C MET E 351 -26.86 -0.61 -10.59
N GLN E 352 -27.91 0.14 -10.25
CA GLN E 352 -28.65 -0.10 -8.99
C GLN E 352 -29.43 -1.41 -9.12
N ALA E 353 -30.16 -1.56 -10.22
CA ALA E 353 -30.86 -2.80 -10.62
C ALA E 353 -29.93 -4.00 -10.44
N THR E 354 -28.78 -3.96 -11.13
CA THR E 354 -27.75 -5.05 -11.16
C THR E 354 -27.27 -5.36 -9.74
N SER E 355 -27.03 -4.33 -8.92
CA SER E 355 -26.58 -4.49 -7.52
C SER E 355 -27.62 -5.35 -6.76
N LEU E 356 -28.89 -4.92 -6.79
CA LEU E 356 -30.03 -5.59 -6.12
C LEU E 356 -30.09 -7.05 -6.58
N ALA E 357 -30.06 -7.24 -7.90
CA ALA E 357 -30.00 -8.55 -8.57
C ALA E 357 -28.88 -9.39 -7.95
N LYS E 358 -27.65 -8.89 -7.98
CA LYS E 358 -26.45 -9.59 -7.44
C LYS E 358 -26.70 -9.95 -5.97
N LYS E 359 -27.31 -9.03 -5.22
CA LYS E 359 -27.52 -9.17 -3.75
C LYS E 359 -28.49 -10.33 -3.51
N MET E 360 -29.58 -10.35 -4.27
CA MET E 360 -30.61 -11.44 -4.27
C MET E 360 -29.91 -12.80 -4.38
N VAL E 361 -29.06 -12.95 -5.39
CA VAL E 361 -28.35 -14.21 -5.75
C VAL E 361 -27.30 -14.55 -4.69
N THR E 362 -26.32 -13.65 -4.46
CA THR E 362 -25.05 -13.88 -3.72
C THR E 362 -25.27 -13.86 -2.19
N GLU E 363 -25.88 -12.78 -1.68
CA GLU E 363 -25.92 -12.47 -0.22
C GLU E 363 -27.24 -12.94 0.42
N TRP E 364 -28.39 -12.65 -0.20
CA TRP E 364 -29.74 -12.83 0.40
C TRP E 364 -30.30 -14.24 0.18
N GLY E 365 -29.62 -15.06 -0.64
CA GLY E 365 -30.00 -16.44 -0.98
C GLY E 365 -31.38 -16.53 -1.64
N MET E 366 -31.73 -15.54 -2.47
CA MET E 366 -33.05 -15.44 -3.17
C MET E 366 -32.95 -15.99 -4.59
N GLY E 367 -31.81 -16.62 -4.91
CA GLY E 367 -31.53 -17.24 -6.21
C GLY E 367 -31.97 -18.70 -6.25
N GLU E 368 -32.72 -19.08 -7.28
CA GLU E 368 -33.28 -20.45 -7.46
C GLU E 368 -32.11 -21.43 -7.65
N GLU E 369 -31.28 -21.17 -8.68
CA GLU E 369 -30.19 -22.06 -9.14
C GLU E 369 -29.03 -21.98 -8.13
N VAL E 370 -28.59 -20.76 -7.79
CA VAL E 370 -27.34 -20.53 -7.00
C VAL E 370 -27.49 -21.10 -5.60
N GLY E 371 -28.66 -20.87 -4.98
CA GLY E 371 -29.06 -21.55 -3.72
C GLY E 371 -28.90 -20.64 -2.51
N PRO E 372 -29.05 -21.19 -1.27
CA PRO E 372 -29.00 -20.42 -0.04
C PRO E 372 -27.56 -20.35 0.49
N ILE E 373 -26.68 -19.77 -0.33
CA ILE E 373 -25.23 -19.70 -0.08
C ILE E 373 -24.82 -18.21 -0.15
N PHE E 374 -23.83 -17.84 0.67
CA PHE E 374 -23.22 -16.49 0.75
C PHE E 374 -21.93 -16.52 -0.05
N LEU E 375 -21.90 -15.84 -1.21
CA LEU E 375 -20.81 -16.02 -2.18
C LEU E 375 -19.77 -14.89 -2.13
N VAL E 376 -20.20 -13.71 -1.78
CA VAL E 376 -19.32 -12.51 -1.61
C VAL E 376 -18.06 -12.88 -0.80
N ALA E 393 -14.53 -15.27 -3.33
CA ALA E 393 -13.65 -16.28 -3.94
C ALA E 393 -14.42 -17.60 -4.10
N TYR E 394 -14.78 -17.92 -5.35
CA TYR E 394 -15.51 -19.17 -5.68
C TYR E 394 -15.11 -19.62 -7.08
N SER E 395 -15.47 -20.87 -7.41
CA SER E 395 -15.18 -21.53 -8.72
C SER E 395 -15.79 -20.69 -9.84
N GLU E 396 -15.23 -20.80 -11.05
CA GLU E 396 -15.74 -20.17 -12.29
C GLU E 396 -17.13 -20.75 -12.59
N ASN E 397 -17.32 -22.04 -12.34
CA ASN E 397 -18.61 -22.75 -12.53
C ASN E 397 -19.65 -22.02 -11.67
N THR E 398 -19.31 -21.81 -10.39
CA THR E 398 -20.17 -21.07 -9.42
C THR E 398 -20.44 -19.64 -9.94
N ALA E 399 -19.44 -19.00 -10.56
CA ALA E 399 -19.54 -17.64 -11.12
C ALA E 399 -20.59 -17.58 -12.23
N ASP E 400 -20.45 -18.45 -13.23
CA ASP E 400 -21.34 -18.56 -14.43
C ASP E 400 -22.80 -18.66 -13.95
N LYS E 401 -23.05 -19.47 -12.91
CA LYS E 401 -24.38 -19.62 -12.26
C LYS E 401 -24.92 -18.25 -11.84
N VAL E 402 -24.09 -17.45 -11.15
CA VAL E 402 -24.47 -16.09 -10.63
C VAL E 402 -24.77 -15.20 -11.83
N ASP E 403 -23.81 -15.00 -12.74
CA ASP E 403 -23.96 -14.09 -13.91
C ASP E 403 -25.25 -14.43 -14.67
N ARG E 404 -25.69 -15.67 -14.58
CA ARG E 404 -26.87 -16.09 -15.37
C ARG E 404 -28.17 -15.93 -14.55
N GLU E 405 -28.13 -16.21 -13.25
CA GLU E 405 -29.35 -15.97 -12.43
C GLU E 405 -29.67 -14.48 -12.56
N VAL E 406 -28.64 -13.65 -12.52
CA VAL E 406 -28.82 -12.18 -12.65
C VAL E 406 -29.49 -11.89 -13.99
N LYS E 407 -28.92 -12.30 -15.12
CA LYS E 407 -29.53 -11.91 -16.41
C LYS E 407 -30.98 -12.38 -16.43
N ARG E 408 -31.29 -13.40 -15.64
CA ARG E 408 -32.68 -13.93 -15.61
C ARG E 408 -33.55 -12.92 -14.90
N ILE E 409 -33.25 -12.69 -13.62
CA ILE E 409 -34.03 -11.74 -12.80
C ILE E 409 -34.06 -10.40 -13.53
N LEU E 410 -32.90 -9.94 -13.97
CA LEU E 410 -32.88 -8.60 -14.58
C LEU E 410 -33.83 -8.55 -15.77
N GLU E 411 -33.73 -9.53 -16.68
CA GLU E 411 -34.55 -9.48 -17.92
C GLU E 411 -36.02 -9.73 -17.57
N GLU E 412 -36.28 -10.51 -16.52
CA GLU E 412 -37.67 -10.73 -16.08
C GLU E 412 -38.22 -9.38 -15.68
N CYS E 413 -37.47 -8.64 -14.88
CA CYS E 413 -37.88 -7.31 -14.40
C CYS E 413 -38.13 -6.40 -15.61
N LEU E 414 -37.08 -6.12 -16.37
CA LEU E 414 -37.23 -5.19 -17.52
C LEU E 414 -38.50 -5.56 -18.28
N LYS E 415 -38.81 -6.85 -18.34
CA LYS E 415 -40.00 -7.28 -19.12
C LYS E 415 -41.25 -6.75 -18.43
N GLU E 416 -41.52 -7.19 -17.21
CA GLU E 416 -42.77 -6.76 -16.55
C GLU E 416 -42.88 -5.27 -16.83
N ALA E 417 -41.75 -4.58 -16.71
CA ALA E 417 -41.74 -3.12 -16.92
C ALA E 417 -42.06 -2.79 -18.36
N SER E 418 -41.19 -3.18 -19.29
CA SER E 418 -41.40 -2.78 -20.70
C SER E 418 -42.86 -2.97 -21.07
N ASP E 419 -43.46 -4.05 -20.57
CA ASP E 419 -44.87 -4.36 -20.97
C ASP E 419 -45.77 -3.31 -20.34
N ILE E 420 -45.75 -3.24 -19.02
CA ILE E 420 -46.61 -2.26 -18.27
C ILE E 420 -46.63 -0.92 -19.01
N LEU E 421 -45.46 -0.38 -19.35
CA LEU E 421 -45.33 0.96 -19.99
C LEU E 421 -45.94 0.94 -21.39
N LEU E 422 -45.85 -0.19 -22.11
CA LEU E 422 -46.41 -0.35 -23.49
C LEU E 422 -47.92 -0.17 -23.45
N LYS E 423 -48.61 -0.84 -22.51
CA LYS E 423 -50.08 -0.73 -22.30
C LYS E 423 -50.44 0.73 -22.04
N HIS E 424 -49.91 1.28 -20.95
CA HIS E 424 -50.25 2.63 -20.44
C HIS E 424 -49.38 3.68 -21.14
N LYS E 425 -48.81 3.37 -22.32
CA LYS E 425 -47.95 4.29 -23.11
C LYS E 425 -48.63 5.67 -23.20
N ASP E 426 -49.92 5.72 -23.51
CA ASP E 426 -50.73 6.97 -23.61
C ASP E 426 -50.63 7.77 -22.31
N GLN E 427 -50.68 7.09 -21.15
CA GLN E 427 -50.56 7.71 -19.79
C GLN E 427 -49.15 8.28 -19.58
N LEU E 428 -48.14 7.52 -20.02
CA LEU E 428 -46.70 7.90 -19.94
C LEU E 428 -46.46 9.12 -20.84
N VAL E 429 -46.92 9.08 -22.10
CA VAL E 429 -46.72 10.20 -23.08
C VAL E 429 -47.37 11.47 -22.48
N LYS E 430 -48.45 11.31 -21.69
CA LYS E 430 -49.12 12.45 -20.99
C LYS E 430 -48.12 13.09 -20.02
N LEU E 431 -47.61 12.30 -19.07
CA LEU E 431 -46.67 12.79 -18.02
C LEU E 431 -45.51 13.54 -18.70
N ALA E 432 -44.97 12.98 -19.78
CA ALA E 432 -43.85 13.58 -20.54
C ALA E 432 -44.14 15.05 -20.84
N LYS E 433 -45.17 15.37 -21.62
CA LYS E 433 -45.50 16.75 -22.06
C LYS E 433 -45.78 17.62 -20.82
N GLU E 434 -46.60 17.12 -19.89
CA GLU E 434 -46.91 17.80 -18.60
C GLU E 434 -45.59 18.15 -17.92
N LEU E 435 -44.61 17.24 -17.93
CA LEU E 435 -43.25 17.46 -17.37
C LEU E 435 -42.53 18.56 -18.15
N VAL E 436 -42.56 18.50 -19.48
CA VAL E 436 -41.91 19.51 -20.35
C VAL E 436 -42.52 20.88 -20.02
N LEU E 437 -43.75 20.87 -19.49
CA LEU E 437 -44.49 22.12 -19.14
C LEU E 437 -44.25 22.46 -17.67
N LYS E 438 -44.74 21.65 -16.74
CA LYS E 438 -44.71 21.90 -15.28
C LYS E 438 -43.28 21.73 -14.74
N GLU E 439 -42.40 21.01 -15.45
CA GLU E 439 -41.02 20.69 -15.02
C GLU E 439 -41.02 19.84 -13.75
N THR E 440 -42.10 19.91 -12.96
CA THR E 440 -42.30 19.11 -11.73
C THR E 440 -43.81 18.91 -11.50
N LEU E 441 -44.21 17.76 -10.94
CA LEU E 441 -45.63 17.41 -10.74
C LEU E 441 -45.73 16.31 -9.68
N THR E 442 -46.96 16.08 -9.19
CA THR E 442 -47.27 15.17 -8.07
C THR E 442 -48.44 14.26 -8.44
N ILE F 8 -27.35 10.91 39.63
CA ILE F 8 -28.85 10.74 39.70
C ILE F 8 -29.18 9.43 40.45
N THR F 9 -30.44 8.96 40.36
CA THR F 9 -30.93 7.74 41.05
C THR F 9 -31.11 6.60 40.02
N PHE F 10 -31.14 5.34 40.47
CA PHE F 10 -31.51 4.16 39.67
C PHE F 10 -33.01 4.23 39.32
N LYS F 11 -33.76 5.03 40.08
CA LYS F 11 -35.20 5.29 39.86
C LYS F 11 -35.40 6.16 38.60
N ASP F 12 -34.36 6.90 38.17
CA ASP F 12 -34.38 7.73 36.94
C ASP F 12 -34.20 6.84 35.69
N VAL F 13 -33.70 5.62 35.87
CA VAL F 13 -33.47 4.60 34.79
C VAL F 13 -34.62 3.60 34.83
N ALA F 14 -35.15 3.23 33.66
CA ALA F 14 -36.33 2.34 33.54
C ALA F 14 -36.00 1.18 32.59
N GLY F 15 -36.55 0.00 32.90
CA GLY F 15 -36.22 -1.27 32.21
C GLY F 15 -34.78 -1.69 32.41
N GLN F 16 -34.15 -1.27 33.50
CA GLN F 16 -32.71 -1.60 33.80
C GLN F 16 -32.61 -2.72 34.85
N GLU F 17 -33.66 -2.86 35.68
CA GLU F 17 -33.81 -3.90 36.75
C GLU F 17 -32.65 -4.88 36.82
N GLU F 18 -32.48 -5.75 35.81
CA GLU F 18 -31.38 -6.76 35.78
C GLU F 18 -30.03 -6.03 35.77
N VAL F 19 -29.83 -5.11 34.81
CA VAL F 19 -28.63 -4.22 34.73
C VAL F 19 -28.45 -3.52 36.07
N LYS F 20 -29.53 -2.93 36.62
CA LYS F 20 -29.54 -2.25 37.95
C LYS F 20 -28.90 -3.16 39.00
N GLN F 21 -29.43 -4.38 39.19
CA GLN F 21 -28.92 -5.39 40.17
C GLN F 21 -27.46 -5.71 39.86
N GLU F 22 -27.11 -5.77 38.57
CA GLU F 22 -25.74 -6.07 38.07
C GLU F 22 -24.78 -4.96 38.55
N LEU F 23 -25.24 -3.70 38.52
CA LEU F 23 -24.44 -2.50 38.87
C LEU F 23 -24.36 -2.32 40.38
N ARG F 24 -25.34 -2.86 41.14
CA ARG F 24 -25.40 -2.73 42.63
C ARG F 24 -24.06 -3.15 43.25
N GLU F 25 -23.56 -4.34 42.91
CA GLU F 25 -22.27 -4.89 43.42
C GLU F 25 -21.15 -3.83 43.35
N VAL F 26 -21.20 -2.95 42.34
CA VAL F 26 -20.26 -1.79 42.18
C VAL F 26 -20.64 -0.74 43.22
N VAL F 27 -21.90 -0.29 43.20
CA VAL F 27 -22.48 0.70 44.17
C VAL F 27 -22.06 0.26 45.57
N GLU F 28 -22.39 -0.98 45.94
CA GLU F 28 -22.14 -1.57 47.29
C GLU F 28 -20.65 -1.44 47.63
N PHE F 29 -19.74 -1.69 46.66
CA PHE F 29 -18.28 -1.55 46.86
C PHE F 29 -17.94 -0.12 47.31
N LEU F 30 -18.32 0.87 46.48
CA LEU F 30 -17.96 2.30 46.65
C LEU F 30 -18.41 2.79 48.04
N LYS F 31 -19.59 2.36 48.50
CA LYS F 31 -20.18 2.72 49.81
C LYS F 31 -19.29 2.17 50.93
N ASN F 32 -19.17 0.84 51.03
CA ASN F 32 -18.51 0.14 52.17
C ASN F 32 -17.42 -0.78 51.64
N PRO F 33 -16.28 -0.25 51.16
CA PRO F 33 -15.16 -1.06 50.68
C PRO F 33 -14.59 -2.01 51.73
N LYS F 34 -14.76 -1.67 53.02
CA LYS F 34 -14.29 -2.47 54.19
C LYS F 34 -14.85 -3.90 54.12
N LYS F 35 -16.14 -4.07 53.78
CA LYS F 35 -16.83 -5.41 53.70
C LYS F 35 -16.03 -6.32 52.76
N PHE F 36 -15.51 -5.75 51.68
CA PHE F 36 -14.71 -6.44 50.63
C PHE F 36 -13.27 -6.58 51.11
N GLU F 37 -12.79 -5.60 51.89
CA GLU F 37 -11.44 -5.63 52.52
C GLU F 37 -11.43 -6.65 53.67
N LYS F 38 -12.59 -6.95 54.27
CA LYS F 38 -12.77 -7.88 55.41
C LYS F 38 -12.24 -9.27 55.03
N ILE F 39 -12.81 -9.89 53.99
CA ILE F 39 -12.44 -11.27 53.54
C ILE F 39 -11.11 -11.22 52.78
N GLY F 40 -10.54 -10.03 52.58
CA GLY F 40 -9.30 -9.83 51.80
C GLY F 40 -9.54 -10.09 50.32
N ALA F 41 -10.54 -9.42 49.74
CA ALA F 41 -10.98 -9.53 48.33
C ALA F 41 -10.64 -8.25 47.58
N LYS F 42 -9.79 -8.33 46.55
CA LYS F 42 -9.42 -7.19 45.67
C LYS F 42 -10.69 -6.81 44.88
N ILE F 43 -10.99 -5.51 44.78
CA ILE F 43 -12.23 -4.99 44.14
C ILE F 43 -11.95 -4.81 42.65
N PRO F 44 -12.93 -5.11 41.76
CA PRO F 44 -12.75 -4.82 40.34
C PRO F 44 -12.49 -3.32 40.14
N LYS F 45 -11.43 -2.97 39.41
CA LYS F 45 -11.06 -1.56 39.12
C LYS F 45 -11.91 -1.06 37.94
N GLY F 46 -12.26 -1.95 37.00
CA GLY F 46 -12.93 -1.61 35.74
C GLY F 46 -14.24 -2.38 35.52
N VAL F 47 -15.27 -1.68 35.05
CA VAL F 47 -16.61 -2.24 34.68
C VAL F 47 -17.02 -1.62 33.35
N LEU F 48 -17.30 -2.46 32.35
CA LEU F 48 -17.59 -2.03 30.94
C LEU F 48 -19.08 -2.21 30.66
N LEU F 49 -19.74 -1.16 30.16
CA LEU F 49 -21.17 -1.18 29.72
C LEU F 49 -21.21 -1.24 28.19
N VAL F 50 -21.81 -2.30 27.64
CA VAL F 50 -21.87 -2.59 26.17
C VAL F 50 -23.33 -2.45 25.73
N GLY F 51 -23.59 -1.64 24.70
CA GLY F 51 -24.95 -1.34 24.24
C GLY F 51 -24.95 -0.40 23.05
N SER F 52 -26.07 -0.40 22.30
CA SER F 52 -26.28 0.45 21.10
C SER F 52 -26.40 1.91 21.54
N PRO F 53 -26.35 2.90 20.62
CA PRO F 53 -26.50 4.30 20.99
C PRO F 53 -27.93 4.65 21.44
N GLY F 54 -28.04 5.39 22.56
CA GLY F 54 -29.32 5.83 23.15
C GLY F 54 -29.78 4.94 24.29
N THR F 55 -29.10 3.80 24.48
CA THR F 55 -29.35 2.85 25.59
C THR F 55 -29.00 3.54 26.92
N GLY F 56 -28.47 4.78 26.86
CA GLY F 56 -28.17 5.62 28.02
C GLY F 56 -27.20 4.93 28.95
N LYS F 57 -26.11 4.41 28.39
CA LYS F 57 -25.03 3.75 29.15
C LYS F 57 -24.46 4.75 30.16
N THR F 58 -24.38 6.01 29.74
CA THR F 58 -23.95 7.18 30.56
C THR F 58 -24.89 7.34 31.77
N LEU F 59 -26.20 7.37 31.51
CA LEU F 59 -27.26 7.53 32.55
C LEU F 59 -26.97 6.60 33.74
N LEU F 60 -26.81 5.29 33.48
CA LEU F 60 -26.61 4.23 34.50
C LEU F 60 -25.36 4.51 35.32
N ALA F 61 -24.26 4.90 34.65
CA ALA F 61 -22.94 5.23 35.25
C ALA F 61 -23.10 6.33 36.31
N LYS F 62 -23.80 7.41 35.97
CA LYS F 62 -24.13 8.54 36.90
C LYS F 62 -24.89 7.97 38.11
N ALA F 63 -26.02 7.29 37.83
CA ALA F 63 -26.92 6.68 38.84
C ALA F 63 -26.12 5.78 39.79
N VAL F 64 -25.15 5.02 39.28
CA VAL F 64 -24.27 4.14 40.12
C VAL F 64 -23.64 5.02 41.22
N ALA F 65 -22.97 6.09 40.81
CA ALA F 65 -22.36 7.11 41.71
C ALA F 65 -23.45 7.70 42.61
N GLY F 66 -24.60 8.07 42.03
CA GLY F 66 -25.77 8.59 42.76
C GLY F 66 -26.15 7.71 43.92
N GLU F 67 -26.58 6.47 43.65
CA GLU F 67 -26.99 5.48 44.69
C GLU F 67 -25.86 5.27 45.69
N ALA F 68 -24.60 5.52 45.30
CA ALA F 68 -23.39 5.36 46.14
C ALA F 68 -22.95 6.72 46.74
N GLY F 69 -23.63 7.83 46.40
CA GLY F 69 -23.23 9.20 46.74
C GLY F 69 -21.73 9.41 46.54
N VAL F 70 -21.25 9.12 45.32
CA VAL F 70 -19.80 9.12 44.96
C VAL F 70 -19.57 10.18 43.87
N SER F 71 -18.34 10.71 43.79
CA SER F 71 -17.92 11.73 42.79
C SER F 71 -17.97 11.12 41.38
N PHE F 72 -18.37 11.90 40.38
CA PHE F 72 -18.51 11.46 38.97
C PHE F 72 -17.66 12.34 38.03
N PHE F 73 -16.73 11.72 37.30
CA PHE F 73 -15.82 12.37 36.33
C PHE F 73 -16.04 11.78 34.92
N HIS F 74 -16.89 12.42 34.11
CA HIS F 74 -17.13 12.05 32.69
C HIS F 74 -15.92 12.48 31.84
N MET F 75 -15.33 11.54 31.09
CA MET F 75 -14.24 11.76 30.09
C MET F 75 -14.53 10.91 28.84
N SER F 76 -14.50 11.50 27.64
CA SER F 76 -14.76 10.78 26.37
C SER F 76 -13.42 10.34 25.73
N GLY F 77 -13.42 9.17 25.09
CA GLY F 77 -12.25 8.64 24.35
C GLY F 77 -11.74 9.62 23.31
N SER F 78 -12.68 10.33 22.66
CA SER F 78 -12.42 11.37 21.64
C SER F 78 -11.49 12.45 22.21
N ASP F 79 -11.67 12.81 23.48
CA ASP F 79 -10.85 13.83 24.18
C ASP F 79 -9.38 13.38 24.17
N PHE F 80 -9.05 12.30 24.87
CA PHE F 80 -7.65 11.80 25.04
C PHE F 80 -7.04 11.51 23.67
N VAL F 81 -7.83 10.93 22.75
CA VAL F 81 -7.37 10.52 21.39
C VAL F 81 -7.08 11.81 20.57
N MET F 83 -4.71 13.87 20.33
CA MET F 83 -4.13 14.82 21.33
C MET F 83 -2.61 14.94 21.16
N PHE F 84 -2.17 15.57 20.08
CA PHE F 84 -0.75 15.70 19.64
C PHE F 84 0.09 14.47 20.04
N VAL F 85 0.82 14.52 21.15
CA VAL F 85 1.76 13.44 21.60
C VAL F 85 1.86 13.49 23.13
N GLY F 86 1.45 12.43 23.82
CA GLY F 86 1.53 12.31 25.29
C GLY F 86 0.60 13.25 26.02
N VAL F 87 0.07 14.27 25.33
CA VAL F 87 -0.89 15.28 25.90
C VAL F 87 -2.05 14.49 26.53
N GLY F 88 -2.66 13.62 25.73
CA GLY F 88 -3.79 12.75 26.15
C GLY F 88 -3.41 11.87 27.30
N ALA F 89 -2.25 11.20 27.24
CA ALA F 89 -1.71 10.38 28.36
C ALA F 89 -1.60 11.25 29.63
N SER F 90 -1.08 12.46 29.49
CA SER F 90 -1.01 13.43 30.62
C SER F 90 -2.43 13.72 31.12
N ARG F 91 -3.37 13.94 30.20
CA ARG F 91 -4.81 14.17 30.51
C ARG F 91 -5.36 12.95 31.25
N VAL F 92 -5.02 11.73 30.79
CA VAL F 92 -5.35 10.44 31.47
C VAL F 92 -4.87 10.55 32.91
N ARG F 93 -3.56 10.69 33.12
CA ARG F 93 -2.98 10.80 34.50
C ARG F 93 -3.66 11.93 35.25
N ASP F 94 -3.70 13.14 34.67
CA ASP F 94 -4.32 14.34 35.29
C ASP F 94 -5.69 13.95 35.85
N LEU F 95 -6.60 13.44 35.00
CA LEU F 95 -7.96 12.96 35.42
C LEU F 95 -7.82 12.01 36.61
N PHE F 96 -6.98 10.96 36.50
CA PHE F 96 -6.83 9.88 37.51
C PHE F 96 -6.26 10.47 38.81
N ASP F 97 -5.31 11.41 38.69
CA ASP F 97 -4.69 12.14 39.83
C ASP F 97 -5.80 12.88 40.59
N ASN F 98 -6.58 13.73 39.92
CA ASN F 98 -7.69 14.52 40.52
C ASN F 98 -8.80 13.56 40.97
N ALA F 99 -9.05 12.50 40.20
CA ALA F 99 -10.04 11.43 40.48
C ALA F 99 -9.68 10.72 41.79
N ARG F 100 -8.40 10.38 41.97
CA ARG F 100 -7.90 9.76 43.23
C ARG F 100 -8.16 10.71 44.40
N LYS F 101 -8.11 12.03 44.17
CA LYS F 101 -8.35 13.10 45.18
C LYS F 101 -9.79 13.06 45.69
N ASN F 102 -10.77 12.69 44.83
CA ASN F 102 -12.21 12.63 45.18
C ASN F 102 -12.65 11.17 45.42
N SER F 103 -11.70 10.25 45.65
CA SER F 103 -11.96 8.81 45.98
C SER F 103 -12.81 8.71 47.24
N PRO F 104 -13.82 7.81 47.31
CA PRO F 104 -14.23 6.95 46.19
C PRO F 104 -14.93 7.76 45.09
N CYS F 105 -14.39 7.70 43.87
CA CYS F 105 -14.92 8.41 42.68
C CYS F 105 -15.17 7.38 41.58
N ILE F 106 -16.02 7.74 40.61
CA ILE F 106 -16.27 6.96 39.36
C ILE F 106 -15.79 7.81 38.18
N ILE F 107 -14.94 7.22 37.33
CA ILE F 107 -14.54 7.80 36.00
C ILE F 107 -15.36 7.10 34.92
N PHE F 108 -16.08 7.85 34.08
CA PHE F 108 -16.83 7.34 32.91
C PHE F 108 -16.04 7.65 31.62
N ILE F 109 -15.69 6.62 30.86
CA ILE F 109 -14.93 6.71 29.57
C ILE F 109 -15.87 6.30 28.42
N ASP F 110 -16.74 7.21 27.98
CA ASP F 110 -17.62 7.04 26.80
C ASP F 110 -16.75 6.80 25.56
N GLU F 111 -17.27 6.06 24.57
CA GLU F 111 -16.57 5.67 23.32
C GLU F 111 -15.17 5.13 23.66
N LEU F 112 -15.07 4.15 24.58
CA LEU F 112 -13.78 3.48 24.90
C LEU F 112 -13.15 2.96 23.60
N ASP F 113 -13.99 2.60 22.62
CA ASP F 113 -13.57 2.21 21.24
C ASP F 113 -12.57 3.24 20.70
N ALA F 114 -12.78 4.54 20.96
CA ALA F 114 -11.93 5.66 20.46
C ALA F 114 -10.47 5.46 20.90
N VAL F 115 -10.23 5.02 22.15
CA VAL F 115 -8.87 4.81 22.72
C VAL F 115 -8.51 3.31 22.73
N GLY F 116 -9.45 2.43 22.34
CA GLY F 116 -9.31 0.96 22.43
C GLY F 116 -9.34 0.27 21.08
N ARG F 117 -8.16 -0.09 20.54
CA ARG F 117 -7.98 -0.87 19.28
C ARG F 117 -6.82 -1.86 19.47
N HIS F 127 -2.55 3.26 17.57
CA HIS F 127 -1.53 3.22 16.50
C HIS F 127 -0.32 4.06 16.92
N ASP F 128 -0.56 5.08 17.75
CA ASP F 128 0.56 5.94 18.25
C ASP F 128 0.16 6.54 19.59
N GLU F 129 -0.44 7.74 19.57
CA GLU F 129 -0.83 8.42 20.83
C GLU F 129 -1.72 7.48 21.64
N ARG F 130 -2.72 6.88 20.98
CA ARG F 130 -3.64 5.94 21.67
C ARG F 130 -2.83 4.78 22.24
N GLU F 131 -1.82 4.31 21.51
CA GLU F 131 -0.96 3.25 22.06
C GLU F 131 -0.48 3.70 23.43
N GLN F 132 0.22 4.84 23.49
CA GLN F 132 0.72 5.37 24.78
C GLN F 132 -0.49 5.81 25.61
N THR F 133 -1.43 6.50 24.98
CA THR F 133 -2.64 6.94 25.69
C THR F 133 -3.20 5.75 26.45
N LEU F 134 -3.49 4.66 25.75
CA LEU F 134 -4.09 3.47 26.40
C LEU F 134 -3.08 2.94 27.41
N ASN F 135 -1.86 2.68 26.95
CA ASN F 135 -0.82 2.24 27.89
C ASN F 135 -1.08 3.01 29.17
N GLN F 136 -1.23 4.32 29.01
CA GLN F 136 -1.45 5.19 30.20
C GLN F 136 -2.76 4.77 30.88
N LEU F 137 -3.85 4.65 30.12
CA LEU F 137 -5.17 4.21 30.64
C LEU F 137 -4.95 2.91 31.42
N LEU F 138 -4.34 1.91 30.78
CA LEU F 138 -4.01 0.59 31.38
C LEU F 138 -3.14 0.83 32.62
N VAL F 139 -2.03 1.55 32.43
CA VAL F 139 -1.04 1.93 33.48
C VAL F 139 -1.80 2.41 34.71
N GLU F 140 -2.63 3.46 34.56
CA GLU F 140 -3.36 4.13 35.68
C GLU F 140 -4.28 3.12 36.38
N MET F 141 -5.05 2.35 35.61
CA MET F 141 -6.02 1.36 36.14
C MET F 141 -5.30 0.35 37.03
N ASP F 142 -4.12 -0.13 36.58
CA ASP F 142 -3.27 -1.13 37.29
C ASP F 142 -2.86 -0.58 38.67
N GLY F 143 -2.74 0.75 38.80
CA GLY F 143 -2.39 1.46 40.05
C GLY F 143 -2.99 0.81 41.29
N VAL F 150 -11.24 4.12 43.52
CA VAL F 150 -11.60 4.70 42.18
C VAL F 150 -11.95 3.55 41.22
N ILE F 151 -13.19 3.52 40.74
CA ILE F 151 -13.70 2.51 39.76
C ILE F 151 -13.93 3.22 38.43
N VAL F 152 -13.28 2.75 37.37
CA VAL F 152 -13.46 3.26 35.98
C VAL F 152 -14.67 2.55 35.37
N MET F 153 -15.62 3.31 34.83
CA MET F 153 -16.76 2.80 34.04
C MET F 153 -16.57 3.26 32.60
N ALA F 154 -16.84 2.36 31.63
CA ALA F 154 -16.65 2.60 30.19
C ALA F 154 -17.88 2.13 29.41
N ALA F 155 -18.15 2.77 28.26
CA ALA F 155 -19.30 2.50 27.36
C ALA F 155 -18.79 2.40 25.93
N THR F 156 -19.05 1.26 25.28
CA THR F 156 -18.66 1.00 23.87
C THR F 156 -19.88 0.48 23.10
N ASN F 157 -20.20 1.11 21.96
CA ASN F 157 -21.22 0.63 21.00
C ASN F 157 -20.64 -0.55 20.21
N ARG F 158 -19.33 -0.52 19.94
CA ARG F 158 -18.62 -1.58 19.17
C ARG F 158 -17.51 -2.22 20.02
N PRO F 159 -17.83 -3.24 20.86
CA PRO F 159 -16.87 -3.83 21.78
C PRO F 159 -15.81 -4.76 21.18
N ASP F 160 -16.12 -5.44 20.08
CA ASP F 160 -15.18 -6.37 19.38
C ASP F 160 -13.99 -5.59 18.81
N VAL F 161 -14.10 -4.27 18.63
CA VAL F 161 -12.98 -3.39 18.15
C VAL F 161 -11.93 -3.27 19.26
N LEU F 162 -12.29 -3.53 20.53
CA LEU F 162 -11.44 -3.31 21.73
C LEU F 162 -10.33 -4.37 21.78
N ASP F 163 -9.11 -3.95 22.10
CA ASP F 163 -7.94 -4.80 22.38
C ASP F 163 -8.27 -5.72 23.56
N SER F 164 -7.89 -7.00 23.50
CA SER F 164 -8.17 -8.03 24.54
C SER F 164 -7.60 -7.56 25.90
N ALA F 165 -6.46 -6.86 25.88
CA ALA F 165 -5.77 -6.28 27.07
C ALA F 165 -6.77 -5.53 27.98
N LEU F 166 -7.71 -4.80 27.38
CA LEU F 166 -8.73 -3.99 28.10
C LEU F 166 -9.56 -4.86 29.05
N LEU F 167 -9.78 -6.14 28.70
CA LEU F 167 -10.72 -7.06 29.40
C LEU F 167 -9.97 -7.93 30.41
N ARG F 168 -8.64 -7.83 30.50
CA ARG F 168 -7.77 -8.67 31.39
C ARG F 168 -8.19 -8.47 32.84
N PRO F 169 -7.76 -9.34 33.79
CA PRO F 169 -8.19 -9.25 35.19
C PRO F 169 -7.88 -7.88 35.81
N GLY F 170 -8.80 -7.36 36.63
CA GLY F 170 -8.72 -6.00 37.20
C GLY F 170 -9.24 -4.96 36.23
N ARG F 171 -8.60 -4.79 35.07
CA ARG F 171 -8.98 -3.78 34.04
C ARG F 171 -10.21 -4.28 33.27
N PHE F 172 -11.31 -3.53 33.31
CA PHE F 172 -12.62 -3.85 32.66
C PHE F 172 -12.86 -5.36 32.63
N ASP F 173 -12.60 -6.04 33.75
CA ASP F 173 -12.81 -7.50 33.94
C ASP F 173 -14.31 -7.78 34.03
N ARG F 174 -15.07 -6.84 34.59
CA ARG F 174 -16.57 -6.88 34.63
C ARG F 174 -17.11 -6.29 33.32
N GLN F 175 -18.18 -6.88 32.79
CA GLN F 175 -18.87 -6.44 31.55
C GLN F 175 -20.38 -6.55 31.79
N VAL F 176 -21.15 -5.48 31.54
CA VAL F 176 -22.64 -5.46 31.68
C VAL F 176 -23.25 -5.01 30.35
N THR F 177 -24.20 -5.78 29.83
CA THR F 177 -24.80 -5.54 28.49
C THR F 177 -26.15 -4.83 28.68
N VAL F 178 -26.35 -3.72 27.97
CA VAL F 178 -27.59 -2.88 27.97
C VAL F 178 -28.34 -3.11 26.65
N SER F 179 -29.59 -3.57 26.73
CA SER F 179 -30.46 -3.92 25.57
C SER F 179 -31.39 -2.75 25.25
N LEU F 180 -31.71 -2.56 23.97
CA LEU F 180 -32.78 -1.63 23.54
C LEU F 180 -34.02 -1.92 24.37
N PRO F 181 -34.78 -0.89 24.79
CA PRO F 181 -35.90 -1.09 25.71
C PRO F 181 -36.99 -1.94 25.04
N ASP F 182 -37.60 -2.85 25.81
CA ASP F 182 -38.79 -3.62 25.41
C ASP F 182 -40.01 -2.70 25.49
N ILE F 183 -41.18 -3.19 25.07
CA ILE F 183 -42.50 -2.47 25.14
C ILE F 183 -42.71 -1.88 26.54
N LYS F 184 -42.46 -2.65 27.60
CA LYS F 184 -42.69 -2.25 29.02
C LYS F 184 -41.73 -1.10 29.38
N GLU F 185 -40.43 -1.30 29.16
CA GLU F 185 -39.34 -0.31 29.40
C GLU F 185 -39.62 0.95 28.57
N ARG F 186 -40.05 0.81 27.31
CA ARG F 186 -40.40 1.94 26.40
C ARG F 186 -41.47 2.84 27.05
N GLU F 187 -42.66 2.30 27.35
CA GLU F 187 -43.78 3.02 28.02
C GLU F 187 -43.24 3.71 29.29
N ALA F 188 -42.57 2.95 30.16
CA ALA F 188 -41.93 3.40 31.41
C ALA F 188 -41.04 4.62 31.13
N ILE F 189 -40.17 4.52 30.12
CA ILE F 189 -39.21 5.60 29.70
C ILE F 189 -40.00 6.85 29.28
N LEU F 190 -41.00 6.70 28.40
CA LEU F 190 -41.85 7.82 27.93
C LEU F 190 -42.39 8.59 29.15
N ASN F 191 -42.84 7.87 30.20
CA ASN F 191 -43.46 8.43 31.42
C ASN F 191 -42.47 9.39 32.12
N ILE F 192 -41.17 9.08 32.13
CA ILE F 192 -40.12 9.81 32.91
C ILE F 192 -39.91 11.20 32.29
N HIS F 193 -39.70 11.27 30.97
CA HIS F 193 -39.46 12.54 30.22
C HIS F 193 -40.79 13.30 30.05
N SER F 194 -41.93 12.59 30.11
CA SER F 194 -43.30 13.17 30.07
C SER F 194 -43.47 14.19 31.20
N LEU F 195 -43.00 13.82 32.40
CA LEU F 195 -43.11 14.64 33.64
C LEU F 195 -42.41 15.99 33.40
N LYS F 196 -41.34 15.98 32.59
CA LYS F 196 -40.53 17.19 32.24
C LYS F 196 -41.33 18.12 31.32
N THR F 197 -42.51 17.69 30.81
CA THR F 197 -43.38 18.50 29.91
C THR F 197 -44.84 18.43 30.36
N LYS F 198 -45.74 19.10 29.62
CA LYS F 198 -47.20 19.15 29.87
C LYS F 198 -47.89 18.25 28.83
N LEU F 199 -47.98 16.95 29.11
CA LEU F 199 -48.63 15.91 28.26
C LEU F 199 -50.00 15.57 28.87
N SER F 200 -51.09 16.00 28.23
CA SER F 200 -52.49 15.68 28.64
C SER F 200 -52.68 14.16 28.79
N LYS F 201 -53.47 13.72 29.78
CA LYS F 201 -53.71 12.28 30.08
C LYS F 201 -54.41 11.59 28.91
N ASP F 202 -54.84 12.36 27.90
CA ASP F 202 -55.51 11.86 26.67
C ASP F 202 -54.54 11.01 25.83
N ILE F 203 -53.25 11.36 25.76
CA ILE F 203 -52.22 10.60 25.00
C ILE F 203 -51.78 9.40 25.83
N ASN F 204 -51.90 8.19 25.26
CA ASN F 204 -51.54 6.90 25.92
C ASN F 204 -50.13 6.50 25.46
N LEU F 205 -49.23 6.27 26.41
CA LEU F 205 -47.79 5.99 26.14
C LEU F 205 -47.62 4.52 25.74
N GLN F 206 -48.48 3.62 26.25
CA GLN F 206 -48.53 2.19 25.86
C GLN F 206 -48.78 2.10 24.34
N VAL F 207 -49.65 2.94 23.78
CA VAL F 207 -49.98 3.01 22.33
C VAL F 207 -48.70 3.30 21.55
N ILE F 208 -47.95 4.33 21.97
CA ILE F 208 -46.68 4.75 21.32
C ILE F 208 -45.60 3.68 21.59
N ALA F 209 -45.55 3.14 22.81
CA ALA F 209 -44.56 2.11 23.23
C ALA F 209 -44.43 1.03 22.14
N ARG F 210 -45.54 0.36 21.82
CA ARG F 210 -45.61 -0.72 20.79
C ARG F 210 -45.40 -0.10 19.40
N ALA F 211 -45.93 1.10 19.15
CA ALA F 211 -45.78 1.84 17.87
C ALA F 211 -44.30 2.00 17.52
N THR F 212 -43.45 2.09 18.55
CA THR F 212 -41.98 2.25 18.46
C THR F 212 -41.30 1.05 19.11
N PRO F 213 -41.23 -0.10 18.41
CA PRO F 213 -40.47 -1.25 18.88
C PRO F 213 -38.98 -1.07 18.54
N GLY F 214 -38.09 -1.46 19.47
CA GLY F 214 -36.63 -1.37 19.32
C GLY F 214 -36.14 0.06 19.11
N ALA F 215 -36.93 1.05 19.54
CA ALA F 215 -36.49 2.47 19.64
C ALA F 215 -35.57 2.59 20.86
N SER F 216 -34.70 3.61 20.88
CA SER F 216 -33.70 3.86 21.97
C SER F 216 -34.26 4.84 23.01
N GLY F 217 -33.78 4.75 24.26
CA GLY F 217 -34.13 5.67 25.36
C GLY F 217 -34.17 7.12 24.91
N ALA F 218 -33.14 7.56 24.17
CA ALA F 218 -33.01 8.93 23.63
C ALA F 218 -34.00 9.17 22.48
N ASP F 219 -34.19 8.19 21.60
CA ASP F 219 -35.13 8.25 20.45
C ASP F 219 -36.50 8.67 20.98
N LEU F 220 -36.97 7.97 22.02
CA LEU F 220 -38.29 8.20 22.69
C LEU F 220 -38.29 9.59 23.30
N ALA F 221 -37.29 9.86 24.14
CA ALA F 221 -37.08 11.16 24.83
C ALA F 221 -37.13 12.29 23.79
N ASN F 222 -36.54 12.09 22.60
CA ASN F 222 -36.52 13.12 21.53
C ASN F 222 -37.94 13.29 20.97
N LEU F 223 -38.71 12.21 20.87
CA LEU F 223 -40.11 12.26 20.39
C LEU F 223 -40.90 13.24 21.24
N ILE F 224 -40.82 13.11 22.57
CA ILE F 224 -41.46 14.03 23.55
C ILE F 224 -41.07 15.45 23.18
N ASN F 225 -39.76 15.75 23.19
CA ASN F 225 -39.17 17.08 22.86
C ASN F 225 -39.83 17.60 21.57
N GLU F 226 -39.74 16.81 20.49
CA GLU F 226 -40.27 17.18 19.16
C GLU F 226 -41.75 17.57 19.28
N GLY F 227 -42.50 16.82 20.09
CA GLY F 227 -43.92 17.11 20.41
C GLY F 227 -44.05 18.42 21.15
N ALA F 228 -43.31 18.59 22.25
CA ALA F 228 -43.27 19.83 23.05
C ALA F 228 -42.92 21.01 22.14
N LEU F 229 -41.97 20.83 21.22
CA LEU F 229 -41.59 21.84 20.19
C LEU F 229 -42.78 22.11 19.27
N ILE F 230 -43.51 21.06 18.88
CA ILE F 230 -44.75 21.16 18.01
C ILE F 230 -45.82 21.96 18.76
N ALA F 231 -45.95 21.77 20.07
CA ALA F 231 -46.94 22.46 20.93
C ALA F 231 -46.80 23.97 20.82
N ALA F 232 -45.66 24.51 20.39
CA ALA F 232 -45.41 25.94 20.06
C ALA F 232 -46.47 26.46 19.08
N ARG F 233 -47.09 25.59 18.28
CA ARG F 233 -48.31 25.94 17.47
C ARG F 233 -49.42 26.48 18.40
N ASN F 234 -49.39 26.10 19.68
CA ASN F 234 -50.30 26.60 20.75
C ASN F 234 -49.46 27.34 21.81
N LYS F 242 -51.92 13.71 20.56
CA LYS F 242 -52.19 13.55 19.11
C LYS F 242 -51.26 14.46 18.31
N ASP F 243 -50.54 15.37 18.98
CA ASP F 243 -49.39 16.12 18.42
C ASP F 243 -48.16 15.22 18.39
N MET F 244 -48.03 14.27 19.34
CA MET F 244 -46.86 13.34 19.41
C MET F 244 -46.84 12.44 18.16
N GLU F 245 -48.00 12.22 17.53
CA GLU F 245 -48.14 11.42 16.28
C GLU F 245 -47.50 12.20 15.12
N GLU F 246 -47.74 13.52 15.03
CA GLU F 246 -47.17 14.39 13.96
C GLU F 246 -45.64 14.35 14.06
N ALA F 247 -45.11 14.30 15.29
CA ALA F 247 -43.67 14.26 15.64
C ALA F 247 -43.05 12.95 15.16
N ARG F 248 -43.76 11.82 15.34
CA ARG F 248 -43.31 10.48 14.84
C ARG F 248 -42.91 10.62 13.37
N ASP F 249 -43.74 11.30 12.57
CA ASP F 249 -43.59 11.48 11.10
C ASP F 249 -42.41 12.40 10.80
N LYS F 250 -42.19 13.39 11.68
CA LYS F 250 -41.11 14.40 11.53
C LYS F 250 -39.76 13.80 11.91
N ILE F 251 -39.75 12.53 12.36
CA ILE F 251 -38.50 11.78 12.67
C ILE F 251 -37.87 11.40 11.33
N LEU F 252 -38.54 11.70 10.19
CA LEU F 252 -38.02 11.55 8.81
C LEU F 252 -37.42 12.87 8.31
N THR F 263 -44.44 -1.01 11.17
CA THR F 263 -45.60 -1.77 10.61
C THR F 263 -45.93 -2.92 11.57
N ASP F 264 -47.21 -3.07 11.93
CA ASP F 264 -47.69 -4.15 12.84
C ASP F 264 -47.52 -5.52 12.17
N ARG F 265 -47.48 -5.56 10.82
CA ARG F 265 -47.28 -6.79 10.01
C ARG F 265 -45.82 -7.25 10.09
N GLN F 266 -44.87 -6.31 9.97
CA GLN F 266 -43.40 -6.59 9.95
C GLN F 266 -42.98 -7.22 11.29
N LYS F 267 -43.72 -6.95 12.38
CA LYS F 267 -43.50 -7.52 13.72
C LYS F 267 -43.66 -9.04 13.67
N LEU F 268 -44.63 -9.54 12.88
CA LEU F 268 -44.87 -11.00 12.66
C LEU F 268 -43.71 -11.55 11.81
N GLU F 269 -43.32 -10.84 10.75
CA GLU F 269 -42.19 -11.21 9.85
C GLU F 269 -40.96 -11.50 10.71
N THR F 270 -40.56 -10.53 11.54
CA THR F 270 -39.44 -10.66 12.52
C THR F 270 -39.74 -11.83 13.45
N ALA F 271 -40.98 -11.92 13.96
CA ALA F 271 -41.44 -12.99 14.89
C ALA F 271 -41.13 -14.36 14.29
N TYR F 272 -41.33 -14.51 12.97
CA TYR F 272 -41.07 -15.76 12.21
C TYR F 272 -39.55 -16.02 12.14
N HIS F 273 -38.70 -15.06 11.71
CA HIS F 273 -37.20 -15.21 11.67
C HIS F 273 -36.74 -15.75 13.03
N GLU F 274 -37.18 -15.11 14.12
CA GLU F 274 -36.71 -15.43 15.51
C GLU F 274 -37.36 -16.71 16.02
N ALA F 275 -38.64 -16.95 15.66
CA ALA F 275 -39.39 -18.18 16.02
C ALA F 275 -38.64 -19.39 15.48
N GLY F 276 -38.36 -19.37 14.17
CA GLY F 276 -37.63 -20.43 13.43
C GLY F 276 -36.26 -20.70 14.03
N HIS F 277 -35.47 -19.64 14.26
CA HIS F 277 -34.15 -19.70 14.94
C HIS F 277 -34.31 -20.50 16.24
N ALA F 278 -35.14 -20.00 17.19
CA ALA F 278 -35.19 -20.45 18.61
C ALA F 278 -35.78 -21.85 18.73
N LEU F 279 -36.84 -22.13 17.98
CA LEU F 279 -37.63 -23.39 18.09
C LEU F 279 -36.70 -24.59 17.85
N LEU F 280 -35.74 -24.45 16.93
CA LEU F 280 -34.82 -25.54 16.48
C LEU F 280 -33.91 -26.00 17.62
N HIS F 281 -33.65 -25.16 18.63
CA HIS F 281 -32.67 -25.42 19.72
C HIS F 281 -33.10 -26.63 20.56
N TYR F 282 -34.41 -26.80 20.76
CA TYR F 282 -35.02 -27.88 21.59
C TYR F 282 -34.92 -29.22 20.86
N TYR F 283 -35.27 -29.22 19.56
CA TYR F 283 -35.40 -30.41 18.68
C TYR F 283 -34.03 -30.93 18.24
N LEU F 284 -33.05 -30.04 18.05
CA LEU F 284 -31.67 -30.42 17.64
C LEU F 284 -30.88 -30.88 18.87
N GLU F 285 -30.26 -32.06 18.79
CA GLU F 285 -29.57 -32.73 19.93
C GLU F 285 -28.38 -31.89 20.38
N HIS F 286 -27.53 -31.44 19.44
CA HIS F 286 -26.20 -30.82 19.72
C HIS F 286 -26.29 -29.29 19.89
N ALA F 287 -27.50 -28.73 19.99
CA ALA F 287 -27.75 -27.30 20.26
C ALA F 287 -28.04 -27.11 21.76
N ASP F 288 -28.03 -25.85 22.22
CA ASP F 288 -28.42 -25.48 23.60
C ASP F 288 -29.55 -24.46 23.52
N PRO F 289 -30.70 -24.67 24.20
CA PRO F 289 -31.83 -23.74 24.10
C PRO F 289 -31.42 -22.26 24.32
N LEU F 290 -31.99 -21.33 23.56
CA LEU F 290 -31.72 -19.86 23.65
C LEU F 290 -32.09 -19.35 25.05
N HIS F 291 -31.18 -18.63 25.72
CA HIS F 291 -31.40 -17.90 27.00
C HIS F 291 -32.63 -16.99 26.92
N LYS F 292 -32.86 -16.39 25.74
CA LYS F 292 -34.02 -15.48 25.48
C LYS F 292 -34.29 -15.45 23.97
N VAL F 293 -35.53 -15.16 23.56
CA VAL F 293 -35.93 -14.91 22.13
C VAL F 293 -36.66 -13.57 22.09
N THR F 294 -36.18 -12.62 21.28
CA THR F 294 -36.71 -11.24 21.19
C THR F 294 -36.92 -10.84 19.72
N ILE F 295 -37.72 -9.81 19.46
CA ILE F 295 -37.88 -9.17 18.12
C ILE F 295 -37.22 -7.79 18.09
N ILE F 296 -36.28 -7.52 19.01
CA ILE F 296 -35.46 -6.25 19.03
C ILE F 296 -34.17 -6.42 18.21
N SER F 315 -13.00 -26.33 19.64
CA SER F 315 -13.21 -27.79 19.85
C SER F 315 -14.70 -28.16 19.72
N ILE F 316 -15.19 -28.36 18.50
CA ILE F 316 -16.63 -28.61 18.16
C ILE F 316 -16.67 -29.83 17.23
N ASN F 317 -17.61 -30.75 17.44
CA ASN F 317 -17.87 -31.91 16.56
C ASN F 317 -18.60 -31.43 15.31
N LYS F 318 -18.40 -32.12 14.19
CA LYS F 318 -19.17 -31.95 12.93
C LYS F 318 -20.66 -31.83 13.28
N HIS F 319 -21.16 -32.70 14.18
CA HIS F 319 -22.60 -32.81 14.53
C HIS F 319 -23.08 -31.54 15.21
N GLN F 320 -22.20 -30.93 16.01
CA GLN F 320 -22.45 -29.63 16.70
C GLN F 320 -22.47 -28.53 15.64
N ILE F 321 -21.42 -28.45 14.80
CA ILE F 321 -21.25 -27.45 13.69
C ILE F 321 -22.52 -27.43 12.84
N LEU F 322 -23.00 -28.61 12.46
CA LEU F 322 -24.09 -28.79 11.47
C LEU F 322 -25.41 -28.26 12.06
N ASP F 323 -25.68 -28.57 13.33
CA ASP F 323 -26.93 -28.15 14.02
C ASP F 323 -27.01 -26.61 13.99
N LYS F 324 -25.87 -25.95 14.26
CA LYS F 324 -25.76 -24.47 14.19
C LYS F 324 -26.25 -24.00 12.83
N ILE F 325 -25.64 -24.53 11.76
CA ILE F 325 -25.96 -24.18 10.35
C ILE F 325 -27.47 -24.30 10.16
N LYS F 326 -28.08 -25.37 10.69
CA LYS F 326 -29.55 -25.61 10.60
C LYS F 326 -30.26 -24.43 11.24
N ILE F 327 -29.85 -24.07 12.48
CA ILE F 327 -30.47 -22.95 13.25
C ILE F 327 -30.32 -21.66 12.44
N CYS F 328 -29.13 -21.41 11.90
CA CYS F 328 -28.87 -20.21 11.04
C CYS F 328 -29.94 -20.17 9.93
N TYR F 329 -30.37 -21.33 9.44
CA TYR F 329 -31.34 -21.44 8.33
C TYR F 329 -32.78 -21.37 8.86
N GLY F 330 -32.94 -21.42 10.18
CA GLY F 330 -34.25 -21.37 10.87
C GLY F 330 -35.14 -20.29 10.29
N GLY F 331 -34.75 -19.02 10.45
CA GLY F 331 -35.59 -17.87 10.06
C GLY F 331 -35.83 -17.83 8.58
N TYR F 332 -34.81 -18.20 7.78
CA TYR F 332 -34.91 -18.31 6.31
C TYR F 332 -36.08 -19.23 5.95
N ALA F 333 -36.13 -20.38 6.61
CA ALA F 333 -37.22 -21.39 6.48
C ALA F 333 -38.56 -20.74 6.86
N SER F 334 -38.74 -20.43 8.14
CA SER F 334 -40.02 -19.92 8.71
C SER F 334 -40.64 -18.84 7.82
N GLU F 335 -39.81 -17.93 7.31
CA GLU F 335 -40.28 -16.85 6.40
C GLU F 335 -41.06 -17.47 5.25
N GLN F 336 -40.51 -18.52 4.61
CA GLN F 336 -41.16 -19.25 3.50
C GLN F 336 -42.37 -20.02 4.05
N ILE F 337 -42.18 -20.82 5.10
CA ILE F 337 -43.25 -21.68 5.69
C ILE F 337 -44.48 -20.81 5.98
N ASN F 338 -44.27 -19.56 6.45
CA ASN F 338 -45.35 -18.69 6.96
C ASN F 338 -45.74 -17.63 5.91
N LEU F 339 -44.78 -16.87 5.38
CA LEU F 339 -45.04 -15.73 4.45
C LEU F 339 -44.81 -16.18 2.99
N GLY F 340 -44.23 -17.36 2.78
CA GLY F 340 -43.98 -17.93 1.44
C GLY F 340 -42.85 -17.21 0.72
N VAL F 341 -42.43 -16.07 1.23
CA VAL F 341 -41.34 -15.23 0.65
C VAL F 341 -40.21 -15.17 1.68
N THR F 342 -38.98 -14.95 1.24
CA THR F 342 -37.79 -14.76 2.11
C THR F 342 -37.50 -13.26 2.19
N THR F 343 -36.99 -12.82 3.34
CA THR F 343 -36.57 -11.42 3.59
C THR F 343 -35.06 -11.33 3.32
N ALA F 344 -34.50 -10.13 3.40
CA ALA F 344 -33.05 -9.85 3.24
C ALA F 344 -32.33 -10.03 4.58
N GLY F 345 -33.08 -10.07 5.69
CA GLY F 345 -32.58 -10.19 7.08
C GLY F 345 -31.92 -11.51 7.37
N VAL F 346 -31.89 -12.39 6.37
CA VAL F 346 -31.22 -13.73 6.43
C VAL F 346 -29.71 -13.54 6.23
N GLN F 347 -29.30 -12.44 5.59
CA GLN F 347 -27.92 -12.18 5.15
C GLN F 347 -26.91 -12.74 6.15
N ASN F 348 -26.87 -12.18 7.36
CA ASN F 348 -25.88 -12.57 8.40
C ASN F 348 -26.10 -14.04 8.76
N ASP F 349 -27.38 -14.44 8.86
CA ASP F 349 -27.79 -15.85 9.15
C ASP F 349 -27.13 -16.74 8.06
N LEU F 350 -27.24 -16.37 6.76
CA LEU F 350 -26.68 -17.14 5.59
C LEU F 350 -25.16 -17.11 5.67
N MET F 351 -24.60 -15.92 5.83
CA MET F 351 -23.15 -15.64 5.91
C MET F 351 -22.52 -16.55 6.95
N GLN F 352 -23.13 -16.67 8.13
CA GLN F 352 -22.50 -17.42 9.26
C GLN F 352 -22.53 -18.92 8.92
N ALA F 353 -23.71 -19.41 8.50
CA ALA F 353 -23.91 -20.78 7.97
C ALA F 353 -22.79 -21.11 6.97
N THR F 354 -22.68 -20.31 5.90
CA THR F 354 -21.72 -20.49 4.79
C THR F 354 -20.28 -20.51 5.31
N SER F 355 -19.94 -19.64 6.26
CA SER F 355 -18.59 -19.60 6.87
C SER F 355 -18.28 -20.95 7.52
N LEU F 356 -19.17 -21.43 8.40
CA LEU F 356 -19.05 -22.73 9.11
C LEU F 356 -18.86 -23.84 8.09
N ALA F 357 -19.74 -23.85 7.09
CA ALA F 357 -19.70 -24.78 5.93
C ALA F 357 -18.31 -24.76 5.31
N LYS F 358 -17.82 -23.58 4.90
CA LYS F 358 -16.49 -23.39 4.28
C LYS F 358 -15.40 -23.95 5.21
N LYS F 359 -15.55 -23.70 6.52
CA LYS F 359 -14.55 -24.08 7.54
C LYS F 359 -14.48 -25.61 7.63
N MET F 360 -15.65 -26.25 7.66
CA MET F 360 -15.81 -27.74 7.63
C MET F 360 -14.97 -28.33 6.51
N VAL F 361 -15.16 -27.81 5.28
CA VAL F 361 -14.52 -28.30 4.03
C VAL F 361 -13.02 -27.98 4.04
N THR F 362 -12.67 -26.68 4.14
CA THR F 362 -11.31 -26.11 3.89
C THR F 362 -10.34 -26.38 5.05
N GLU F 363 -10.72 -25.98 6.27
CA GLU F 363 -9.81 -25.91 7.45
C GLU F 363 -9.92 -27.16 8.33
N TRP F 364 -11.13 -27.61 8.64
CA TRP F 364 -11.39 -28.67 9.65
C TRP F 364 -11.32 -30.08 9.05
N GLY F 365 -11.22 -30.19 7.72
CA GLY F 365 -11.16 -31.47 6.96
C GLY F 365 -12.39 -32.36 7.20
N MET F 366 -13.58 -31.76 7.36
CA MET F 366 -14.87 -32.45 7.64
C MET F 366 -15.66 -32.68 6.34
N GLY F 367 -15.02 -32.43 5.19
CA GLY F 367 -15.61 -32.62 3.85
C GLY F 367 -15.36 -34.02 3.32
N GLU F 368 -16.43 -34.68 2.86
CA GLU F 368 -16.41 -36.08 2.34
C GLU F 368 -15.54 -36.10 1.07
N GLU F 369 -15.93 -35.30 0.06
CA GLU F 369 -15.32 -35.27 -1.29
C GLU F 369 -13.95 -34.58 -1.22
N VAL F 370 -13.88 -33.39 -0.61
CA VAL F 370 -12.68 -32.50 -0.64
C VAL F 370 -11.51 -33.18 0.08
N GLY F 371 -11.78 -33.80 1.23
CA GLY F 371 -10.80 -34.60 1.99
C GLY F 371 -10.21 -33.85 3.18
N PRO F 372 -9.23 -34.46 3.88
CA PRO F 372 -8.58 -33.87 5.06
C PRO F 372 -7.38 -33.01 4.64
N ILE F 373 -7.68 -31.98 3.87
CA ILE F 373 -6.68 -31.04 3.27
C ILE F 373 -7.05 -29.62 3.73
N PHE F 374 -6.01 -28.81 3.98
CA PHE F 374 -6.10 -27.40 4.46
C PHE F 374 -5.95 -26.50 3.24
N LEU F 375 -7.01 -25.81 2.84
CA LEU F 375 -7.01 -25.13 1.50
C LEU F 375 -6.78 -23.61 1.63
N VAL F 376 -7.38 -22.98 2.63
CA VAL F 376 -7.11 -21.56 3.05
C VAL F 376 -5.67 -21.13 2.68
N ALA F 393 -4.69 -20.15 -2.93
CA ALA F 393 -4.50 -20.54 -4.35
C ALA F 393 -4.48 -22.06 -4.47
N TYR F 394 -5.44 -22.57 -5.24
CA TYR F 394 -5.53 -23.98 -5.66
C TYR F 394 -6.20 -24.04 -7.03
N SER F 395 -6.17 -25.22 -7.66
CA SER F 395 -6.76 -25.49 -9.00
C SER F 395 -8.24 -25.13 -8.99
N GLU F 396 -8.79 -24.79 -10.16
CA GLU F 396 -10.24 -24.50 -10.37
C GLU F 396 -11.02 -25.78 -10.06
N ASN F 397 -10.47 -26.94 -10.45
CA ASN F 397 -11.09 -28.26 -10.20
C ASN F 397 -11.28 -28.39 -8.69
N THR F 398 -10.20 -28.13 -7.93
CA THR F 398 -10.21 -28.14 -6.44
C THR F 398 -11.26 -27.15 -5.90
N ALA F 399 -11.41 -26.00 -6.55
CA ALA F 399 -12.36 -24.93 -6.16
C ALA F 399 -13.80 -25.43 -6.25
N ASP F 400 -14.15 -25.95 -7.43
CA ASP F 400 -15.51 -26.46 -7.76
C ASP F 400 -15.93 -27.49 -6.72
N LYS F 401 -14.99 -28.37 -6.30
CA LYS F 401 -15.16 -29.38 -5.22
C LYS F 401 -15.67 -28.68 -3.95
N VAL F 402 -14.96 -27.63 -3.51
CA VAL F 402 -15.27 -26.87 -2.26
C VAL F 402 -16.67 -26.25 -2.39
N ASP F 403 -16.88 -25.42 -3.42
CA ASP F 403 -18.17 -24.70 -3.66
C ASP F 403 -19.34 -25.68 -3.62
N ARG F 404 -19.13 -26.89 -4.16
CA ARG F 404 -20.19 -27.90 -4.32
C ARG F 404 -20.46 -28.60 -2.98
N GLU F 405 -19.41 -29.04 -2.26
CA GLU F 405 -19.53 -29.66 -0.91
C GLU F 405 -20.19 -28.67 0.06
N VAL F 406 -19.77 -27.41 0.01
CA VAL F 406 -20.37 -26.30 0.81
C VAL F 406 -21.86 -26.23 0.49
N LYS F 407 -22.24 -26.22 -0.80
CA LYS F 407 -23.67 -26.12 -1.22
C LYS F 407 -24.46 -27.28 -0.61
N ARG F 408 -23.96 -28.51 -0.78
CA ARG F 408 -24.58 -29.72 -0.19
C ARG F 408 -24.79 -29.50 1.31
N ILE F 409 -23.70 -29.39 2.09
CA ILE F 409 -23.75 -29.28 3.58
C ILE F 409 -24.86 -28.30 3.95
N LEU F 410 -24.90 -27.14 3.28
CA LEU F 410 -25.91 -26.10 3.57
C LEU F 410 -27.30 -26.60 3.17
N GLU F 411 -27.48 -27.03 1.92
CA GLU F 411 -28.79 -27.47 1.38
C GLU F 411 -29.37 -28.57 2.28
N GLU F 412 -28.52 -29.46 2.80
CA GLU F 412 -28.93 -30.51 3.77
C GLU F 412 -29.46 -29.85 5.03
N CYS F 413 -28.62 -29.05 5.69
CA CYS F 413 -28.93 -28.42 6.99
C CYS F 413 -30.20 -27.58 6.85
N LEU F 414 -30.44 -26.94 5.70
CA LEU F 414 -31.67 -26.15 5.44
C LEU F 414 -32.88 -27.09 5.44
N LYS F 415 -32.78 -28.21 4.71
CA LYS F 415 -33.83 -29.26 4.65
C LYS F 415 -34.18 -29.65 6.09
N GLU F 416 -33.25 -30.31 6.82
CA GLU F 416 -33.45 -30.77 8.24
C GLU F 416 -34.22 -29.68 8.99
N ALA F 417 -33.84 -28.40 8.79
CA ALA F 417 -34.48 -27.22 9.41
C ALA F 417 -35.90 -27.03 8.87
N SER F 418 -36.06 -26.86 7.56
CA SER F 418 -37.38 -26.65 6.89
C SER F 418 -38.36 -27.73 7.34
N ASP F 419 -37.92 -28.99 7.35
CA ASP F 419 -38.71 -30.19 7.73
C ASP F 419 -39.20 -30.03 9.17
N ILE F 420 -38.27 -29.88 10.13
CA ILE F 420 -38.57 -29.72 11.59
C ILE F 420 -39.65 -28.65 11.78
N LEU F 421 -39.46 -27.47 11.20
CA LEU F 421 -40.37 -26.31 11.37
C LEU F 421 -41.74 -26.62 10.75
N LEU F 422 -41.79 -27.39 9.65
CA LEU F 422 -43.05 -27.78 8.95
C LEU F 422 -43.94 -28.57 9.90
N LYS F 423 -43.37 -29.57 10.58
CA LYS F 423 -44.09 -30.43 11.57
C LYS F 423 -44.65 -29.53 12.67
N HIS F 424 -43.76 -28.83 13.38
CA HIS F 424 -44.12 -28.02 14.58
C HIS F 424 -44.56 -26.62 14.15
N LYS F 425 -44.98 -26.43 12.88
CA LYS F 425 -45.41 -25.12 12.35
C LYS F 425 -46.39 -24.46 13.34
N ASP F 426 -47.37 -25.21 13.85
CA ASP F 426 -48.37 -24.72 14.85
C ASP F 426 -47.66 -24.18 16.10
N GLN F 427 -46.61 -24.86 16.58
CA GLN F 427 -45.79 -24.45 17.76
C GLN F 427 -45.03 -23.14 17.43
N LEU F 428 -44.48 -23.06 16.22
CA LEU F 428 -43.77 -21.87 15.68
C LEU F 428 -44.74 -20.69 15.56
N VAL F 429 -45.90 -20.91 14.93
CA VAL F 429 -46.96 -19.87 14.74
C VAL F 429 -47.40 -19.39 16.12
N LYS F 430 -47.33 -20.24 17.16
CA LYS F 430 -47.65 -19.87 18.56
C LYS F 430 -46.70 -18.75 19.00
N LEU F 431 -45.39 -18.98 18.94
CA LEU F 431 -44.37 -17.99 19.37
C LEU F 431 -44.60 -16.70 18.60
N ALA F 432 -44.81 -16.75 17.29
CA ALA F 432 -44.98 -15.57 16.42
C ALA F 432 -45.79 -14.47 17.16
N LYS F 433 -47.09 -14.70 17.34
CA LYS F 433 -48.01 -13.69 17.94
C LYS F 433 -47.60 -13.43 19.39
N GLU F 434 -47.28 -14.47 20.16
CA GLU F 434 -46.79 -14.34 21.56
C GLU F 434 -45.61 -13.35 21.57
N LEU F 435 -44.70 -13.41 20.58
CA LEU F 435 -43.57 -12.45 20.49
C LEU F 435 -44.13 -11.07 20.08
N VAL F 436 -45.00 -11.05 19.07
CA VAL F 436 -45.63 -9.78 18.64
C VAL F 436 -46.34 -9.22 19.87
N LEU F 437 -46.47 -10.05 20.90
CA LEU F 437 -47.11 -9.59 22.16
C LEU F 437 -46.01 -9.34 23.19
N LYS F 438 -45.48 -10.39 23.80
CA LYS F 438 -44.49 -10.21 24.90
C LYS F 438 -43.17 -9.66 24.34
N GLU F 439 -42.97 -9.68 23.03
CA GLU F 439 -41.75 -9.08 22.41
C GLU F 439 -40.50 -9.86 22.82
N THR F 440 -40.44 -10.36 24.06
CA THR F 440 -39.28 -11.17 24.49
C THR F 440 -39.79 -12.36 25.33
N LEU F 441 -39.06 -13.49 25.28
CA LEU F 441 -39.48 -14.70 26.03
C LEU F 441 -38.29 -15.62 26.25
N THR F 442 -38.44 -16.60 27.14
CA THR F 442 -37.37 -17.60 27.43
C THR F 442 -38.01 -19.00 27.43
PB ADP G . 31.20 8.85 -12.05
O1B ADP G . 31.62 8.16 -10.80
O2B ADP G . 30.84 7.87 -13.12
O3B ADP G . 30.16 9.93 -11.81
PA ADP G . 33.71 10.13 -11.71
O1A ADP G . 34.45 11.30 -12.25
O2A ADP G . 33.28 10.30 -10.30
O3A ADP G . 32.46 9.68 -12.61
O5' ADP G . 34.65 8.86 -11.84
C5' ADP G . 35.80 8.94 -10.99
C4' ADP G . 36.80 7.90 -11.38
O4' ADP G . 37.00 7.93 -12.81
C3' ADP G . 38.19 8.06 -10.74
O3' ADP G . 38.67 6.86 -10.16
C2' ADP G . 39.07 8.55 -11.90
O2' ADP G . 40.39 8.05 -11.79
C1' ADP G . 38.37 7.92 -13.09
N9 ADP G . 38.54 8.66 -14.34
C8 ADP G . 37.88 9.79 -14.72
N7 ADP G . 38.18 10.21 -15.92
C5 ADP G . 39.19 9.34 -16.33
C6 ADP G . 39.97 9.30 -17.50
N6 ADP G . 39.88 10.16 -18.50
N1 ADP G . 40.89 8.31 -17.55
C2 ADP G . 40.99 7.45 -16.53
N3 ADP G . 40.30 7.39 -15.40
C4 ADP G . 39.41 8.38 -15.35
ZN ZN H . 21.49 -7.43 -29.00
PB ADP I . 30.15 -11.74 13.96
O1B ADP I . 30.13 -10.38 13.30
O2B ADP I . 29.86 -12.87 13.04
O3B ADP I . 29.28 -11.80 15.19
PA ADP I . 32.22 -11.67 15.89
O1A ADP I . 33.68 -11.40 15.90
O2A ADP I . 31.40 -10.62 16.54
O3A ADP I . 31.67 -11.97 14.41
O5' ADP I . 31.97 -13.06 16.62
C5' ADP I . 32.20 -12.97 18.03
C4' ADP I . 32.30 -14.35 18.61
O4' ADP I . 33.19 -15.15 17.78
C3' ADP I . 32.85 -14.43 20.05
O3' ADP I . 32.03 -15.20 20.91
C2' ADP I . 34.25 -15.03 19.88
O2' ADP I . 34.59 -15.88 20.94
C1' ADP I . 34.11 -15.83 18.60
N9 ADP I . 35.34 -15.97 17.84
C8 ADP I . 35.93 -15.04 17.04
N7 ADP I . 37.00 -15.47 16.42
C5 ADP I . 37.17 -16.74 16.91
C6 ADP I . 38.16 -17.72 16.68
N6 ADP I . 39.20 -17.56 15.85
N1 ADP I . 38.03 -18.88 17.34
C2 ADP I . 37.00 -19.04 18.17
N3 ADP I . 36.00 -18.21 18.46
C4 ADP I . 36.16 -17.07 17.79
ZN ZN J . 23.73 -28.07 -3.25
PB ADP K . 2.28 -12.93 32.04
O1B ADP K . 3.50 -12.24 31.44
O2B ADP K . 1.87 -14.19 31.33
O3B ADP K . 1.12 -12.00 32.22
PA ADP K . 2.49 -12.57 34.86
O1A ADP K . 3.48 -12.85 35.93
O2A ADP K . 2.32 -11.12 34.55
O3A ADP K . 2.77 -13.38 33.50
O5' ADP K . 1.10 -13.19 35.30
C5' ADP K . 0.54 -12.49 36.42
C4' ADP K . -0.59 -13.29 36.99
O4' ADP K . -0.15 -14.66 37.16
C3' ADP K . -1.10 -12.83 38.36
O3' ADP K . -2.52 -12.75 38.39
C2' ADP K . -0.56 -13.87 39.33
O2' ADP K . -1.44 -14.11 40.41
C1' ADP K . -0.48 -15.11 38.45
N9 ADP K . 0.54 -16.06 38.84
C8 ADP K . 1.89 -16.00 38.60
N7 ADP K . 2.55 -17.05 39.02
C5 ADP K . 1.59 -17.82 39.65
C6 ADP K . 1.67 -19.05 40.34
N6 ADP K . 2.79 -19.73 40.53
N1 ADP K . 0.51 -19.52 40.84
C2 ADP K . -0.61 -18.82 40.65
N3 ADP K . -0.81 -17.68 40.01
C4 ADP K . 0.34 -17.23 39.54
ZN ZN L . -2.58 -32.12 17.92
PB ADP M . 4.76 28.00 -20.60
O1B ADP M . 6.19 27.64 -20.34
O2B ADP M . 4.15 27.07 -21.60
O3B ADP M . 3.95 28.16 -19.33
PA ADP M . 5.89 30.54 -21.12
O1A ADP M . 6.62 30.33 -19.85
O2A ADP M . 5.42 31.93 -21.30
O3A ADP M . 4.73 29.45 -21.28
O5' ADP M . 6.82 30.17 -22.36
C5' ADP M . 8.06 30.90 -22.34
C4' ADP M . 8.76 30.76 -23.65
O4' ADP M . 7.81 31.01 -24.72
C3' ADP M . 9.93 31.72 -23.89
O3' ADP M . 11.10 31.06 -24.35
C2' ADP M . 9.40 32.72 -24.91
O2' ADP M . 10.40 33.15 -25.81
C1' ADP M . 8.36 31.91 -25.65
N9 ADP M . 7.28 32.69 -26.21
C8 ADP M . 6.20 33.23 -25.54
N7 ADP M . 5.32 33.82 -26.29
C5 ADP M . 5.93 33.76 -27.59
C6 ADP M . 5.49 34.27 -28.79
N6 ADP M . 4.38 34.95 -29.02
N1 ADP M . 6.34 34.02 -29.84
C2 ADP M . 7.46 33.34 -29.61
N3 ADP M . 7.94 32.81 -28.52
C4 ADP M . 7.09 33.07 -27.48
ZN ZN N . -6.23 11.93 -33.81
PB ADP O . -23.67 26.39 -1.89
O1B ADP O . -23.24 25.91 -0.52
O2B ADP O . -24.38 25.37 -2.70
O3B ADP O . -22.55 27.02 -2.66
PA ADP O . -24.41 29.10 -1.54
O1A ADP O . -22.99 29.31 -1.17
O2A ADP O . -25.35 29.87 -0.68
O3A ADP O . -24.75 27.54 -1.58
O5' ADP O . -24.68 29.53 -3.05
C5' ADP O . -24.24 30.87 -3.33
C4' ADP O . -24.78 31.31 -4.66
O4' ADP O . -26.19 30.98 -4.75
C3' ADP O . -24.68 32.81 -4.94
O3' ADP O . -24.08 33.12 -6.20
C2' ADP O . -26.11 33.33 -4.84
O2' ADP O . -26.38 34.35 -5.77
C1' ADP O . -26.91 32.09 -5.21
N9 ADP O . -28.24 32.03 -4.60
C8 ADP O . -28.54 31.68 -3.33
N7 ADP O . -29.83 31.63 -3.09
C5 ADP O . -30.40 32.06 -4.25
C6 ADP O . -31.75 32.30 -4.63
N6 ADP O . -32.79 32.08 -3.82
N1 ADP O . -31.95 32.74 -5.87
C2 ADP O . -30.90 32.93 -6.67
N3 ADP O . -29.61 32.76 -6.45
C4 ADP O . -29.43 32.32 -5.21
ZN ZN P . -32.77 7.74 -13.57
PB ADP Q . -24.80 5.88 24.43
O1B ADP Q . -23.35 5.68 24.86
O2B ADP Q . -25.42 4.71 23.73
O3B ADP Q . -24.98 7.14 23.64
PA ADP Q . -25.97 7.43 26.46
O1A ADP Q . -25.00 8.47 26.04
O2A ADP Q . -26.14 7.37 27.94
O3A ADP Q . -25.60 6.01 25.82
O5' ADP Q . -27.40 7.69 25.80
C5' ADP Q . -27.89 9.02 26.05
C4' ADP Q . -29.35 9.09 25.68
O4' ADP Q . -30.05 7.95 26.24
C3' ADP Q . -30.08 10.34 26.19
O3' ADP Q . -30.81 11.02 25.17
C2' ADP Q . -30.98 9.82 27.31
O2' ADP Q . -32.21 10.50 27.38
C1' ADP Q . -31.22 8.38 26.88
N9 ADP Q . -31.48 7.47 27.98
C8 ADP Q . -30.56 6.94 28.84
N7 ADP Q . -31.07 6.07 29.68
C5 ADP Q . -32.41 6.11 29.43
C6 ADP Q . -33.51 5.45 30.04
N6 ADP Q . -33.40 4.59 31.05
N1 ADP Q . -34.72 5.74 29.54
C2 ADP Q . -34.82 6.60 28.52
N3 ADP Q . -33.88 7.26 27.86
C4 ADP Q . -32.70 6.96 28.38
ZN ZN R . -31.24 -13.27 12.51
#